data_7L8F
#
_entry.id   7L8F
#
loop_
_entity.id
_entity.type
_entity.pdbx_description
1 polymer 'Envelope glycoprotein gp160'
2 polymer 'Rh.33172 pAbC-2 Heavy Chain'
3 polymer 'Rh.33172 pAbC-2 Light Chain'
4 branched alpha-D-mannopyranose-(1-3)-[alpha-D-mannopyranose-(1-6)]beta-D-mannopyranose-(1-4)-2-acetamido-2-deoxy-beta-D-glucopyranose-(1-4)-2-acetamido-2-deoxy-beta-D-glucopyranose
5 branched 2-acetamido-2-deoxy-beta-D-glucopyranose-(1-4)-2-acetamido-2-deoxy-beta-D-glucopyranose
6 non-polymer 2-acetamido-2-deoxy-beta-D-glucopyranose
#
loop_
_entity_poly.entity_id
_entity_poly.type
_entity_poly.pdbx_seq_one_letter_code
_entity_poly.pdbx_strand_id
1 'polypeptide(L)'
;MKRGLCCVLLLCGAVFVSPSQEIHARFRRGARAENLWVTVYYGVPVWKDAETTLFCASDAKAYETKKHNVWATHCCVPTD
PNPQEIHLENVTEEFNMWKNNMVEQMHTDIISLWDQSLKPCVKLTPLCVTLQCTNVTNNITDDMRGELKNCSFNMTTELR
DKKQKVYSLFYRLDVVQINENQGNRSNNSNKEYRLINCNTSAITQACPKVSFEPIPIHYCAPAGFAILKCKDKKFNGTGP
CTNVSTVQCTHGIKPVVSTQLLLNGSLAEEEVIIRSENITNNAKNILVQLNESVQINCTRPNNNTVKSIRIGPGQWFYYT
GDIIGDIRQAHCNVSKATWNETLGKVVKQLRKHFGNNTIIRFANSSGGDLEVTTHSFNCGGEFFYCNTSGLFNSTWISNT
SVQGSNSTGSNDSITLPCRIKQIINMWQRIGQAMYAPPIQGVIRCVSNITGLILTRDGGSTNSTTETFRPGGGDMRDNWR
SELYKYKVVKIEPLGVAPTRCKRRVVGRRRRAVGIGAVSLGFLGAAGSTMGAASMTLTVQARNLLSGIVQQQSNLLRAPE
CQQHLLKDTHWGIKQLQARVLAVEHYLRDQQLLGIWGCSGKLICCTNVPWNSSWSNRNLSEIWDNMTWLQWDKEISNYTQ
IIYGLLEESQNQQEKNEQDLLELD
;
C,D,E,F,A,B
2 'polypeptide(L)'
;(UNK)(UNK)(UNK)(UNK)(UNK)(UNK)(UNK)(UNK)(UNK)(UNK)(UNK)(UNK)(UNK)(UNK)(UNK)(UNK)
(UNK)(UNK)(UNK)(UNK)(UNK)(UNK)(UNK)(UNK)(UNK)(UNK)(UNK)(UNK)(UNK)(UNK)(UNK)(UNK)
(UNK)(UNK)(UNK)(UNK)(UNK)(UNK)(UNK)(UNK)(UNK)(UNK)(UNK)(UNK)(UNK)(UNK)(UNK)(UNK)
(UNK)(UNK)(UNK)(UNK)(UNK)(UNK)(UNK)(UNK)(UNK)(UNK)(UNK)(UNK)(UNK)(UNK)(UNK)(UNK)
(UNK)(UNK)(UNK)(UNK)(UNK)(UNK)(UNK)(UNK)(UNK)(UNK)(UNK)(UNK)(UNK)(UNK)(UNK)(UNK)
(UNK)(UNK)(UNK)(UNK)(UNK)(UNK)(UNK)(UNK)(UNK)(UNK)(UNK)(UNK)(UNK)(UNK)(UNK)(UNK)
(UNK)(UNK)(UNK)(UNK)(UNK)(UNK)(UNK)(UNK)(UNK)(UNK)(UNK)(UNK)(UNK)(UNK)(UNK)(UNK)
(UNK)(UNK)(UNK)(UNK)(UNK)(UNK)(UNK)(UNK)(UNK)(UNK)(UNK)(UNK)(UNK)(UNK)(UNK)
;
H
3 'polypeptide(L)'
;(UNK)(UNK)(UNK)(UNK)(UNK)(UNK)(UNK)(UNK)(UNK)(UNK)(UNK)(UNK)(UNK)(UNK)(UNK)(UNK)
(UNK)(UNK)(UNK)(UNK)(UNK)(UNK)(UNK)(UNK)(UNK)(UNK)(UNK)(UNK)(UNK)(UNK)(UNK)(UNK)
(UNK)(UNK)(UNK)(UNK)(UNK)(UNK)(UNK)(UNK)(UNK)(UNK)(UNK)(UNK)(UNK)(UNK)(UNK)(UNK)
(UNK)(UNK)(UNK)(UNK)(UNK)(UNK)(UNK)(UNK)(UNK)(UNK)(UNK)(UNK)(UNK)(UNK)(UNK)(UNK)
(UNK)(UNK)(UNK)(UNK)(UNK)(UNK)(UNK)(UNK)(UNK)(UNK)(UNK)(UNK)(UNK)(UNK)(UNK)(UNK)
(UNK)(UNK)(UNK)(UNK)(UNK)(UNK)(UNK)(UNK)(UNK)(UNK)(UNK)(UNK)(UNK)(UNK)(UNK)(UNK)
(UNK)(UNK)(UNK)(UNK)(UNK)(UNK)(UNK)(UNK)(UNK)(UNK)(UNK)
;
L
#
loop_
_chem_comp.id
_chem_comp.type
_chem_comp.name
_chem_comp.formula
BMA D-saccharide, beta linking beta-D-mannopyranose 'C6 H12 O6'
MAN D-saccharide, alpha linking alpha-D-mannopyranose 'C6 H12 O6'
NAG D-saccharide, beta linking 2-acetamido-2-deoxy-beta-D-glucopyranose 'C8 H15 N O6'
#
# COMPACT_ATOMS: atom_id res chain seq x y z
N ASN A 35 63.40 0.01 -1.79
CA ASN A 35 62.26 0.49 -1.04
C ASN A 35 61.17 -0.59 -1.07
N LEU A 36 60.05 -0.32 -0.38
CA LEU A 36 58.86 -1.18 -0.31
C LEU A 36 57.76 -0.58 -1.14
N TRP A 37 56.90 -1.45 -1.60
CA TRP A 37 55.77 -1.15 -2.47
C TRP A 37 54.43 -1.40 -1.82
N VAL A 38 53.42 -0.67 -2.27
CA VAL A 38 52.08 -0.86 -1.77
C VAL A 38 51.48 -2.14 -2.32
N THR A 39 50.94 -2.94 -1.41
CA THR A 39 50.24 -4.15 -1.75
C THR A 39 48.84 -4.13 -1.15
N VAL A 40 47.89 -4.57 -1.96
CA VAL A 40 46.49 -4.59 -1.61
C VAL A 40 45.97 -6.00 -1.42
N TYR A 41 45.28 -6.22 -0.31
CA TYR A 41 44.72 -7.53 -0.03
C TYR A 41 43.22 -7.49 0.23
N TYR A 42 42.51 -8.44 -0.35
CA TYR A 42 41.07 -8.51 -0.14
C TYR A 42 40.71 -9.77 0.61
N GLY A 43 39.98 -9.60 1.70
CA GLY A 43 39.61 -10.71 2.56
C GLY A 43 40.37 -10.60 3.88
N VAL A 44 40.83 -9.40 4.19
CA VAL A 44 41.55 -9.14 5.41
C VAL A 44 40.61 -9.21 6.63
N PRO A 45 40.91 -10.03 7.67
CA PRO A 45 40.06 -10.26 8.83
C PRO A 45 40.06 -9.15 9.87
N VAL A 46 39.55 -8.00 9.50
CA VAL A 46 39.46 -6.85 10.41
C VAL A 46 38.06 -6.28 10.47
N TRP A 47 37.80 -5.48 11.50
CA TRP A 47 36.48 -4.88 11.67
C TRP A 47 36.44 -3.57 12.42
N LYS A 48 35.30 -2.91 12.28
CA LYS A 48 34.99 -1.66 12.97
C LYS A 48 33.62 -1.73 13.61
N ASP A 49 33.44 -1.01 14.69
CA ASP A 49 32.15 -1.00 15.38
C ASP A 49 31.07 -0.48 14.46
N ALA A 50 29.88 -1.07 14.51
CA ALA A 50 28.84 -0.60 13.63
C ALA A 50 27.45 -0.84 14.15
N GLU A 51 26.50 -0.07 13.63
CA GLU A 51 25.11 -0.26 13.99
C GLU A 51 24.32 -0.70 12.78
N THR A 52 23.64 -1.82 12.91
CA THR A 52 22.84 -2.34 11.83
C THR A 52 21.67 -3.07 12.41
N THR A 53 20.61 -3.17 11.65
CA THR A 53 19.42 -3.88 12.08
C THR A 53 19.69 -5.37 12.18
N LEU A 54 19.32 -5.95 13.29
CA LEU A 54 19.48 -7.38 13.49
C LEU A 54 18.18 -8.06 13.21
N PHE A 55 18.21 -9.35 12.92
CA PHE A 55 16.94 -10.02 12.71
C PHE A 55 16.69 -10.98 13.86
N CYS A 56 15.40 -11.30 14.10
CA CYS A 56 14.95 -12.17 15.17
C CYS A 56 14.72 -13.60 14.68
N ALA A 57 15.34 -14.53 15.38
CA ALA A 57 15.25 -15.96 15.10
C ALA A 57 14.76 -16.72 16.33
N SER A 58 14.22 -17.90 16.11
CA SER A 58 13.72 -18.76 17.18
C SER A 58 14.10 -20.22 16.95
N ASP A 59 13.81 -21.09 17.91
CA ASP A 59 14.20 -22.49 17.74
C ASP A 59 13.29 -23.31 16.84
N ALA A 60 12.22 -22.69 16.39
CA ALA A 60 11.26 -23.28 15.47
C ALA A 60 10.75 -24.68 15.84
N LYS A 61 10.41 -24.96 17.14
CA LYS A 61 9.87 -26.27 17.55
C LYS A 61 8.60 -26.64 16.74
N LYS A 66 3.65 -23.00 22.59
CA LYS A 66 2.42 -23.34 21.91
C LYS A 66 2.48 -22.73 20.50
N LYS A 67 1.38 -22.83 19.72
CA LYS A 67 1.31 -22.39 18.31
C LYS A 67 0.60 -21.05 18.10
N HIS A 68 0.26 -20.39 19.21
CA HIS A 68 -0.44 -19.12 19.16
C HIS A 68 0.23 -18.13 20.09
N ASN A 69 1.49 -17.87 19.80
CA ASN A 69 2.37 -17.07 20.63
C ASN A 69 2.99 -16.01 19.78
N VAL A 70 2.87 -14.79 20.21
CA VAL A 70 3.32 -13.64 19.45
C VAL A 70 4.78 -13.70 19.11
N TRP A 71 5.60 -14.11 20.05
CA TRP A 71 7.00 -14.12 19.83
C TRP A 71 7.40 -15.12 18.78
N ALA A 72 6.80 -16.30 18.87
CA ALA A 72 7.08 -17.37 17.93
C ALA A 72 6.54 -17.05 16.54
N THR A 73 5.40 -16.38 16.49
CA THR A 73 4.79 -16.04 15.23
C THR A 73 5.64 -15.03 14.49
N HIS A 74 6.11 -14.02 15.20
CA HIS A 74 6.94 -13.01 14.59
C HIS A 74 8.33 -13.48 14.18
N CYS A 75 9.06 -14.17 15.08
CA CYS A 75 10.44 -14.59 14.89
C CYS A 75 10.43 -15.93 14.16
N CYS A 76 10.05 -15.80 12.89
CA CYS A 76 9.81 -16.89 11.97
C CYS A 76 11.04 -17.59 11.46
N VAL A 77 12.20 -16.99 11.62
CA VAL A 77 13.41 -17.61 11.10
C VAL A 77 13.95 -18.62 12.09
N PRO A 78 14.10 -19.91 11.74
CA PRO A 78 14.66 -20.94 12.61
C PRO A 78 16.11 -20.67 12.87
N THR A 79 16.59 -21.01 14.04
CA THR A 79 18.02 -20.94 14.25
C THR A 79 18.65 -22.22 13.80
N ASP A 80 19.94 -22.15 13.54
CA ASP A 80 20.75 -23.31 13.23
C ASP A 80 21.14 -23.96 14.56
N PRO A 81 20.83 -25.24 14.82
CA PRO A 81 21.13 -25.94 16.05
C PRO A 81 22.62 -25.90 16.45
N ASN A 82 23.51 -25.68 15.47
CA ASN A 82 24.95 -25.60 15.70
C ASN A 82 25.34 -24.13 15.96
N PRO A 83 25.80 -23.74 17.17
CA PRO A 83 26.17 -22.38 17.51
C PRO A 83 27.25 -21.79 16.60
N GLN A 84 28.08 -22.64 15.99
CA GLN A 84 29.15 -22.21 15.09
C GLN A 84 30.01 -21.12 15.68
N GLU A 85 30.44 -21.32 16.92
CA GLU A 85 31.27 -20.33 17.59
C GLU A 85 32.74 -20.51 17.28
N ILE A 86 33.37 -19.42 16.88
CA ILE A 86 34.80 -19.45 16.58
C ILE A 86 35.60 -18.65 17.58
N HIS A 87 36.42 -19.32 18.36
CA HIS A 87 37.17 -18.58 19.38
C HIS A 87 38.21 -17.73 18.71
N LEU A 88 38.38 -16.48 19.16
CA LEU A 88 39.41 -15.68 18.56
C LEU A 88 40.65 -15.62 19.44
N GLU A 89 41.60 -16.48 19.12
CA GLU A 89 42.80 -16.57 19.92
C GLU A 89 43.59 -15.27 19.74
N ASN A 90 44.13 -14.71 20.84
CA ASN A 90 44.92 -13.48 20.95
C ASN A 90 44.20 -12.21 20.47
N VAL A 91 42.84 -12.13 20.61
CA VAL A 91 42.06 -10.94 20.25
C VAL A 91 41.44 -10.28 21.46
N THR A 92 41.75 -9.00 21.65
CA THR A 92 41.21 -8.21 22.76
C THR A 92 40.23 -7.22 22.19
N GLU A 93 39.06 -7.11 22.81
CA GLU A 93 38.02 -6.22 22.32
C GLU A 93 37.36 -5.48 23.48
N GLU A 94 37.10 -4.18 23.31
CA GLU A 94 36.41 -3.39 24.33
C GLU A 94 34.88 -3.38 24.15
N PHE A 95 34.17 -3.72 25.21
CA PHE A 95 32.72 -3.77 25.20
C PHE A 95 32.11 -2.68 26.09
N ASN A 96 30.95 -2.13 25.70
CA ASN A 96 30.26 -1.12 26.52
C ASN A 96 28.75 -1.30 26.47
N MET A 97 28.22 -1.89 27.53
CA MET A 97 26.83 -2.27 27.65
C MET A 97 25.86 -1.11 27.77
N TRP A 98 26.37 0.06 28.10
CA TRP A 98 25.50 1.19 28.33
C TRP A 98 25.26 1.96 27.05
N LYS A 99 25.99 1.61 25.99
CA LYS A 99 25.94 2.29 24.71
C LYS A 99 25.69 1.28 23.60
N ASN A 100 25.15 0.14 23.98
CA ASN A 100 24.94 -0.98 23.08
C ASN A 100 23.65 -0.86 22.27
N ASN A 101 23.79 -0.71 20.96
CA ASN A 101 22.65 -0.51 20.07
C ASN A 101 21.73 -1.72 20.03
N MET A 102 22.22 -2.88 20.45
CA MET A 102 21.39 -4.08 20.44
C MET A 102 20.27 -3.91 21.44
N VAL A 103 20.54 -3.16 22.52
CA VAL A 103 19.58 -2.91 23.58
C VAL A 103 18.54 -1.99 23.02
N GLU A 104 19.00 -0.99 22.29
CA GLU A 104 18.05 -0.06 21.76
C GLU A 104 17.13 -0.76 20.77
N GLN A 105 17.66 -1.66 19.93
CA GLN A 105 16.76 -2.35 18.99
C GLN A 105 15.81 -3.27 19.69
N MET A 106 16.26 -3.96 20.74
CA MET A 106 15.35 -4.87 21.40
C MET A 106 14.15 -4.09 21.93
N HIS A 107 14.36 -2.82 22.27
CA HIS A 107 13.28 -2.03 22.82
C HIS A 107 12.49 -1.24 21.76
N THR A 108 12.71 -1.50 20.49
CA THR A 108 11.87 -0.89 19.46
C THR A 108 11.13 -2.01 18.81
N ASP A 109 11.67 -3.21 18.96
CA ASP A 109 11.01 -4.37 18.41
C ASP A 109 9.89 -4.76 19.35
N ILE A 110 10.15 -4.82 20.64
CA ILE A 110 9.08 -5.26 21.51
C ILE A 110 7.91 -4.29 21.52
N ILE A 111 8.17 -3.01 21.31
CA ILE A 111 7.10 -2.03 21.37
C ILE A 111 6.48 -1.78 20.01
N SER A 112 6.81 -2.58 19.02
CA SER A 112 6.16 -2.47 17.74
C SER A 112 5.48 -3.79 17.51
N LEU A 113 6.02 -4.82 18.14
CA LEU A 113 5.47 -6.16 18.08
C LEU A 113 4.20 -6.20 18.88
N TRP A 114 4.26 -5.57 20.05
CA TRP A 114 3.11 -5.54 20.98
C TRP A 114 1.91 -4.87 20.30
N ASP A 115 2.16 -3.82 19.51
CA ASP A 115 1.08 -3.16 18.83
C ASP A 115 0.55 -3.90 17.63
N GLN A 116 1.41 -4.53 16.84
CA GLN A 116 0.81 -5.22 15.71
C GLN A 116 -0.02 -6.40 16.17
N SER A 117 0.27 -6.94 17.37
CA SER A 117 -0.49 -8.04 17.89
C SER A 117 -1.85 -7.58 18.40
N LEU A 118 -1.95 -6.34 18.85
CA LEU A 118 -3.22 -5.81 19.33
C LEU A 118 -4.07 -5.18 18.26
N LYS A 119 -3.49 -4.79 17.13
CA LYS A 119 -4.37 -4.17 16.12
C LYS A 119 -5.61 -4.98 15.76
N PRO A 120 -5.54 -6.27 15.35
CA PRO A 120 -6.69 -7.05 14.95
C PRO A 120 -7.48 -7.64 16.11
N CYS A 121 -8.02 -6.78 17.00
CA CYS A 121 -8.75 -7.16 18.21
C CYS A 121 -9.92 -6.21 18.46
N VAL A 122 -10.75 -6.55 19.44
CA VAL A 122 -11.95 -5.80 19.74
C VAL A 122 -11.73 -4.48 20.42
N LYS A 123 -12.34 -3.45 19.89
CA LYS A 123 -12.24 -2.14 20.51
C LYS A 123 -13.29 -2.07 21.59
N LEU A 124 -12.97 -1.47 22.70
CA LEU A 124 -13.92 -1.35 23.77
C LEU A 124 -14.46 0.05 23.91
N THR A 125 -14.42 0.84 22.86
CA THR A 125 -14.97 2.16 23.02
C THR A 125 -16.47 2.13 23.41
N PRO A 126 -17.30 1.16 22.97
CA PRO A 126 -18.69 1.03 23.37
C PRO A 126 -18.85 0.82 24.87
N LEU A 127 -17.78 0.41 25.55
CA LEU A 127 -17.76 0.17 26.98
C LEU A 127 -17.60 1.43 27.84
N CYS A 128 -17.20 2.58 27.24
CA CYS A 128 -16.95 3.81 27.96
C CYS A 128 -18.29 4.54 28.19
N VAL A 129 -19.01 4.01 29.17
CA VAL A 129 -20.34 4.43 29.55
C VAL A 129 -20.35 4.69 31.03
N THR A 130 -21.41 5.31 31.52
CA THR A 130 -21.52 5.53 32.94
C THR A 130 -21.83 4.20 33.63
N LEU A 131 -21.11 3.90 34.70
CA LEU A 131 -21.33 2.67 35.42
C LEU A 131 -22.04 2.95 36.73
N GLN A 132 -22.97 2.09 37.11
CA GLN A 132 -23.60 2.20 38.42
C GLN A 132 -22.89 1.16 39.27
N CYS A 133 -22.16 1.55 40.38
CA CYS A 133 -21.38 0.56 41.14
C CYS A 133 -21.63 0.64 42.64
N THR A 134 -21.58 -0.55 43.25
CA THR A 134 -21.64 -0.77 44.69
C THR A 134 -20.43 -1.63 45.04
N ASN A 135 -20.10 -1.75 46.34
CA ASN A 135 -18.98 -2.58 46.82
C ASN A 135 -19.38 -4.06 46.87
N VAL A 136 -18.40 -4.98 46.66
CA VAL A 136 -18.63 -6.42 46.84
C VAL A 136 -18.27 -6.72 48.28
N THR A 137 -19.27 -7.00 49.10
CA THR A 137 -19.08 -7.14 50.54
C THR A 137 -19.36 -8.53 51.08
N ASN A 138 -19.68 -9.47 50.23
CA ASN A 138 -20.05 -10.79 50.70
C ASN A 138 -18.88 -11.74 50.84
N ASN A 139 -18.59 -12.14 52.08
CA ASN A 139 -17.49 -13.04 52.38
C ASN A 139 -16.13 -12.54 51.90
N ILE A 140 -15.78 -11.33 52.31
CA ILE A 140 -14.56 -10.68 51.88
C ILE A 140 -13.60 -10.59 53.04
N THR A 141 -12.34 -10.95 52.81
CA THR A 141 -11.36 -10.82 53.88
C THR A 141 -11.08 -9.35 54.15
N ASP A 142 -10.48 -9.01 55.27
CA ASP A 142 -10.29 -7.59 55.59
C ASP A 142 -9.51 -6.84 54.53
N ASP A 143 -8.51 -7.49 53.99
CA ASP A 143 -7.60 -6.94 53.00
C ASP A 143 -8.26 -6.55 51.68
N MET A 144 -9.39 -7.16 51.37
CA MET A 144 -10.08 -6.92 50.12
C MET A 144 -11.34 -6.09 50.26
N ARG A 145 -11.60 -5.53 51.43
CA ARG A 145 -12.88 -4.84 51.63
C ARG A 145 -13.21 -3.75 50.65
N GLY A 146 -12.24 -2.96 50.25
CA GLY A 146 -12.53 -1.88 49.32
C GLY A 146 -11.98 -2.11 47.93
N GLU A 147 -11.45 -3.29 47.65
CA GLU A 147 -10.76 -3.52 46.38
C GLU A 147 -11.62 -3.94 45.22
N LEU A 148 -12.73 -4.59 45.46
CA LEU A 148 -13.49 -5.12 44.35
C LEU A 148 -14.89 -4.53 44.30
N LYS A 149 -15.29 -4.04 43.11
CA LYS A 149 -16.61 -3.43 42.93
C LYS A 149 -17.52 -4.21 41.98
N ASN A 150 -18.83 -4.14 42.24
CA ASN A 150 -19.93 -4.72 41.47
C ASN A 150 -20.62 -3.63 40.64
N CYS A 151 -20.39 -3.61 39.31
CA CYS A 151 -20.85 -2.58 38.39
C CYS A 151 -21.89 -3.08 37.42
N SER A 152 -22.79 -2.18 37.05
CA SER A 152 -23.85 -2.43 36.10
C SER A 152 -23.98 -1.34 35.07
N PHE A 153 -24.09 -1.74 33.82
CA PHE A 153 -24.17 -0.78 32.72
C PHE A 153 -24.94 -1.28 31.50
N ASN A 154 -25.36 -0.34 30.62
CA ASN A 154 -26.08 -0.60 29.37
C ASN A 154 -25.11 -0.66 28.17
N MET A 155 -24.83 -1.88 27.69
CA MET A 155 -23.92 -2.24 26.60
C MET A 155 -24.70 -2.47 25.32
N THR A 156 -24.07 -2.30 24.17
CA THR A 156 -24.73 -2.56 22.90
C THR A 156 -24.85 -4.04 22.60
N THR A 157 -25.66 -4.33 21.60
CA THR A 157 -25.91 -5.67 21.13
C THR A 157 -25.57 -5.79 19.66
N GLU A 158 -25.73 -6.99 19.09
CA GLU A 158 -25.40 -7.20 17.69
C GLU A 158 -26.12 -6.21 16.80
N LEU A 159 -27.38 -5.95 17.14
CA LEU A 159 -28.19 -5.03 16.39
C LEU A 159 -28.08 -3.70 17.06
N ARG A 160 -27.94 -2.66 16.26
CA ARG A 160 -27.74 -1.31 16.74
C ARG A 160 -28.87 -0.67 17.51
N ASP A 161 -30.10 -1.10 17.31
CA ASP A 161 -31.17 -0.48 18.05
C ASP A 161 -31.38 -1.04 19.47
N LYS A 162 -30.71 -2.13 19.82
CA LYS A 162 -30.93 -2.75 21.12
C LYS A 162 -29.80 -2.52 22.11
N LYS A 163 -30.13 -2.70 23.39
CA LYS A 163 -29.19 -2.58 24.50
C LYS A 163 -29.36 -3.76 25.43
N GLN A 164 -28.33 -4.07 26.19
CA GLN A 164 -28.42 -5.11 27.20
C GLN A 164 -27.81 -4.67 28.51
N LYS A 165 -28.36 -5.16 29.61
CA LYS A 165 -27.79 -4.82 30.90
C LYS A 165 -26.79 -5.87 31.28
N VAL A 166 -25.61 -5.40 31.65
CA VAL A 166 -24.51 -6.25 31.98
C VAL A 166 -24.02 -6.01 33.38
N TYR A 167 -23.80 -7.10 34.11
CA TYR A 167 -23.26 -6.99 35.45
C TYR A 167 -21.86 -7.56 35.41
N SER A 168 -20.92 -6.90 36.04
CA SER A 168 -19.55 -7.39 36.05
C SER A 168 -18.77 -6.91 37.25
N LEU A 169 -17.66 -7.57 37.54
CA LEU A 169 -16.84 -7.12 38.64
C LEU A 169 -15.57 -6.48 38.14
N PHE A 170 -15.19 -5.37 38.78
CA PHE A 170 -13.97 -4.66 38.46
C PHE A 170 -13.11 -4.39 39.67
N TYR A 171 -11.81 -4.33 39.47
CA TYR A 171 -10.94 -3.95 40.56
C TYR A 171 -11.01 -2.46 40.66
N ARG A 172 -10.87 -1.89 41.85
CA ARG A 172 -11.00 -0.45 41.96
C ARG A 172 -9.93 0.31 41.23
N LEU A 173 -8.80 -0.30 40.94
CA LEU A 173 -7.74 0.43 40.27
C LEU A 173 -8.09 0.80 38.84
N ASP A 174 -9.09 0.14 38.27
CA ASP A 174 -9.52 0.36 36.91
C ASP A 174 -10.69 1.33 36.80
N VAL A 175 -11.25 1.73 37.93
CA VAL A 175 -12.47 2.50 37.94
C VAL A 175 -12.37 3.78 38.77
N VAL A 176 -12.85 4.89 38.24
CA VAL A 176 -12.79 6.13 39.02
C VAL A 176 -14.17 6.70 39.19
N GLN A 177 -14.35 7.51 40.23
CA GLN A 177 -15.65 8.09 40.51
C GLN A 177 -15.92 9.31 39.67
N ILE A 178 -17.17 9.46 39.21
CA ILE A 178 -17.52 10.60 38.39
C ILE A 178 -18.00 11.84 39.14
N ASN A 179 -18.98 11.69 40.08
CA ASN A 179 -19.64 12.80 40.82
C ASN A 179 -20.16 13.88 39.85
N ASN A 190 -24.51 3.09 46.07
CA ASN A 190 -24.66 3.07 44.62
C ASN A 190 -24.29 4.47 44.08
N LYS A 191 -23.06 4.60 43.53
CA LYS A 191 -22.50 5.86 42.99
C LYS A 191 -22.09 5.67 41.55
N GLU A 192 -22.00 6.78 40.82
CA GLU A 192 -21.57 6.70 39.42
C GLU A 192 -20.07 6.76 39.25
N TYR A 193 -19.59 5.84 38.42
CA TYR A 193 -18.20 5.62 38.08
C TYR A 193 -17.97 5.48 36.58
N ARG A 194 -16.74 5.66 36.16
CA ARG A 194 -16.36 5.45 34.77
C ARG A 194 -15.06 4.69 34.69
N LEU A 195 -14.77 4.08 33.57
CA LEU A 195 -13.48 3.43 33.49
C LEU A 195 -12.42 4.50 33.46
N ILE A 196 -11.30 4.18 34.06
CA ILE A 196 -10.21 5.11 34.21
C ILE A 196 -9.66 5.74 32.96
N ASN A 197 -9.71 5.08 31.80
CA ASN A 197 -9.16 5.72 30.59
C ASN A 197 -10.12 6.47 29.67
N CYS A 198 -11.39 6.69 30.05
CA CYS A 198 -12.38 7.39 29.21
C CYS A 198 -12.01 8.82 28.87
N ASN A 199 -11.14 9.42 29.64
CA ASN A 199 -10.77 10.80 29.35
C ASN A 199 -9.43 10.93 28.59
N THR A 200 -8.70 9.81 28.27
CA THR A 200 -7.39 9.88 27.57
C THR A 200 -7.23 8.98 26.36
N SER A 201 -7.84 7.81 26.35
CA SER A 201 -7.55 6.88 25.26
C SER A 201 -8.58 5.81 25.00
N ALA A 202 -8.51 5.21 23.82
CA ALA A 202 -9.35 4.06 23.53
C ALA A 202 -8.71 2.84 24.16
N ILE A 203 -9.52 1.91 24.61
CA ILE A 203 -8.98 0.70 25.18
C ILE A 203 -9.19 -0.46 24.24
N THR A 204 -8.14 -1.18 23.91
CA THR A 204 -8.27 -2.34 23.02
C THR A 204 -8.21 -3.60 23.84
N GLN A 205 -9.14 -4.52 23.64
CA GLN A 205 -9.10 -5.77 24.37
C GLN A 205 -8.08 -6.65 23.76
N ALA A 206 -7.18 -7.18 24.55
CA ALA A 206 -6.21 -8.08 23.96
C ALA A 206 -6.96 -9.32 23.56
N CYS A 207 -6.60 -9.96 22.43
CA CYS A 207 -7.21 -11.19 21.97
C CYS A 207 -6.89 -12.37 22.93
N PRO A 208 -7.89 -13.08 23.48
CA PRO A 208 -7.77 -14.20 24.38
C PRO A 208 -7.00 -15.38 23.84
N LYS A 209 -6.89 -15.47 22.53
CA LYS A 209 -6.20 -16.57 21.91
C LYS A 209 -4.75 -16.27 21.60
N VAL A 210 -4.29 -15.08 21.95
CA VAL A 210 -2.92 -14.72 21.66
C VAL A 210 -2.08 -14.64 22.91
N SER A 211 -1.08 -15.50 23.00
CA SER A 211 -0.22 -15.50 24.16
C SER A 211 0.98 -14.60 23.97
N PHE A 212 1.36 -13.94 25.05
CA PHE A 212 2.55 -13.10 25.04
C PHE A 212 3.66 -13.70 25.90
N GLU A 213 3.51 -14.96 26.28
CA GLU A 213 4.50 -15.60 27.12
C GLU A 213 5.86 -15.56 26.43
N PRO A 214 6.91 -15.06 27.07
CA PRO A 214 8.21 -14.93 26.47
C PRO A 214 8.79 -16.28 26.19
N ILE A 215 9.51 -16.38 25.09
CA ILE A 215 10.20 -17.58 24.71
C ILE A 215 11.60 -17.07 24.48
N PRO A 216 12.65 -17.89 24.48
CA PRO A 216 13.98 -17.42 24.19
C PRO A 216 14.01 -16.84 22.79
N ILE A 217 14.62 -15.69 22.65
CA ILE A 217 14.80 -14.99 21.39
C ILE A 217 16.24 -14.87 20.99
N HIS A 218 16.55 -15.22 19.75
CA HIS A 218 17.92 -15.13 19.31
C HIS A 218 18.11 -13.96 18.35
N TYR A 219 19.02 -13.05 18.64
CA TYR A 219 19.27 -11.96 17.70
C TYR A 219 20.45 -12.32 16.82
N CYS A 220 20.28 -12.21 15.48
CA CYS A 220 21.26 -12.66 14.49
C CYS A 220 21.74 -11.51 13.58
N ALA A 221 23.03 -11.55 13.28
CA ALA A 221 23.62 -10.53 12.41
C ALA A 221 23.26 -10.75 10.94
N PRO A 222 23.09 -9.68 10.16
CA PRO A 222 22.94 -9.70 8.73
C PRO A 222 24.29 -9.97 8.10
N ALA A 223 24.31 -10.43 6.87
CA ALA A 223 25.58 -10.66 6.21
C ALA A 223 26.41 -9.39 6.16
N GLY A 224 27.71 -9.54 6.40
CA GLY A 224 28.66 -8.45 6.42
C GLY A 224 28.99 -8.02 7.84
N PHE A 225 28.22 -8.52 8.78
CA PHE A 225 28.37 -8.23 10.19
C PHE A 225 28.58 -9.48 11.00
N ALA A 226 29.14 -9.29 12.18
CA ALA A 226 29.35 -10.41 13.08
C ALA A 226 29.12 -9.99 14.50
N ILE A 227 28.74 -10.92 15.36
CA ILE A 227 28.54 -10.57 16.75
C ILE A 227 29.68 -11.11 17.58
N LEU A 228 30.33 -10.24 18.32
CA LEU A 228 31.40 -10.70 19.15
C LEU A 228 30.85 -10.90 20.53
N LYS A 229 31.23 -11.98 21.16
CA LYS A 229 30.77 -12.30 22.49
C LYS A 229 31.91 -12.22 23.50
N CYS A 230 31.65 -11.58 24.67
CA CYS A 230 32.57 -11.48 25.78
C CYS A 230 32.34 -12.65 26.75
N LYS A 231 33.37 -13.47 26.93
CA LYS A 231 33.26 -14.64 27.78
C LYS A 231 34.02 -14.55 29.09
N ASP A 232 34.62 -13.41 29.40
CA ASP A 232 35.39 -13.34 30.63
C ASP A 232 34.43 -13.65 31.77
N LYS A 233 34.86 -14.50 32.70
CA LYS A 233 33.97 -14.92 33.78
C LYS A 233 33.43 -13.80 34.64
N LYS A 234 34.23 -12.77 34.88
CA LYS A 234 33.76 -11.68 35.71
C LYS A 234 33.91 -10.35 35.01
N PHE A 235 33.06 -10.12 34.02
CA PHE A 235 33.09 -8.89 33.26
C PHE A 235 32.03 -7.95 33.82
N ASN A 236 32.46 -6.75 34.21
CA ASN A 236 31.60 -5.73 34.85
C ASN A 236 30.97 -4.84 33.76
N GLY A 237 30.77 -5.40 32.57
CA GLY A 237 29.94 -4.76 31.53
C GLY A 237 30.58 -3.61 30.76
N THR A 238 31.75 -3.14 31.18
CA THR A 238 32.44 -2.10 30.38
C THR A 238 33.95 -2.38 30.34
N GLY A 239 34.62 -2.00 29.26
CA GLY A 239 36.08 -2.15 29.19
C GLY A 239 36.52 -3.39 28.41
N PRO A 240 37.86 -3.62 28.28
CA PRO A 240 38.48 -4.70 27.55
C PRO A 240 38.03 -6.02 28.10
N CYS A 241 37.86 -7.00 27.23
CA CYS A 241 37.48 -8.37 27.48
C CYS A 241 38.48 -9.18 26.68
N THR A 242 39.14 -10.12 27.33
CA THR A 242 40.17 -10.88 26.62
C THR A 242 39.81 -12.28 26.11
N ASN A 243 38.73 -12.93 26.62
CA ASN A 243 38.20 -14.19 26.10
C ASN A 243 37.02 -13.82 25.19
N VAL A 244 37.27 -13.69 23.87
CA VAL A 244 36.31 -13.19 22.89
C VAL A 244 36.13 -14.15 21.75
N SER A 245 34.90 -14.34 21.34
CA SER A 245 34.62 -15.24 20.24
C SER A 245 33.60 -14.69 19.28
N THR A 246 33.56 -15.23 18.08
CA THR A 246 32.61 -14.77 17.10
C THR A 246 31.45 -15.73 16.93
N VAL A 247 30.24 -15.17 16.99
CA VAL A 247 29.04 -15.95 16.83
C VAL A 247 28.14 -15.33 15.77
N GLN A 248 27.22 -16.13 15.27
CA GLN A 248 26.24 -15.64 14.31
C GLN A 248 24.98 -15.03 14.93
N CYS A 249 24.56 -15.58 16.10
CA CYS A 249 23.36 -15.23 16.84
C CYS A 249 23.68 -15.21 18.31
N THR A 250 22.90 -14.47 19.06
CA THR A 250 23.02 -14.47 20.50
C THR A 250 22.36 -15.72 21.00
N HIS A 251 22.56 -16.02 22.27
CA HIS A 251 21.89 -17.15 22.86
C HIS A 251 20.45 -16.73 22.98
N GLY A 252 19.59 -17.63 23.41
CA GLY A 252 18.19 -17.25 23.49
C GLY A 252 17.91 -16.46 24.75
N ILE A 253 17.49 -15.23 24.57
CA ILE A 253 17.18 -14.32 25.64
C ILE A 253 15.69 -14.17 25.78
N LYS A 254 15.14 -14.47 26.93
CA LYS A 254 13.71 -14.36 27.09
C LYS A 254 13.34 -12.91 27.40
N PRO A 255 12.46 -12.27 26.63
CA PRO A 255 12.03 -10.89 26.80
C PRO A 255 11.02 -10.78 27.91
N VAL A 256 11.47 -10.99 29.13
CA VAL A 256 10.62 -10.94 30.29
C VAL A 256 10.47 -9.51 30.75
N VAL A 257 9.23 -9.10 31.01
CA VAL A 257 8.97 -7.74 31.45
C VAL A 257 8.68 -7.65 32.94
N SER A 258 9.45 -6.83 33.64
CA SER A 258 9.31 -6.63 35.07
C SER A 258 9.89 -5.27 35.47
N THR A 259 9.81 -4.92 36.76
CA THR A 259 10.30 -3.62 37.22
C THR A 259 11.44 -3.71 38.25
N GLN A 260 11.10 -3.71 39.52
CA GLN A 260 12.09 -3.65 40.58
C GLN A 260 12.99 -4.88 40.67
N LEU A 261 12.43 -6.05 40.41
CA LEU A 261 13.17 -7.28 40.47
C LEU A 261 13.12 -7.90 39.10
N LEU A 262 14.22 -8.46 38.67
CA LEU A 262 14.30 -9.10 37.39
C LEU A 262 13.79 -10.49 37.56
N LEU A 263 13.34 -11.08 36.48
CA LEU A 263 12.88 -12.45 36.55
C LEU A 263 13.41 -13.26 35.37
N ASN A 264 13.71 -14.55 35.62
CA ASN A 264 14.06 -15.62 34.69
C ASN A 264 15.22 -15.29 33.71
N GLY A 265 16.27 -14.61 34.19
CA GLY A 265 17.46 -14.26 33.40
C GLY A 265 18.58 -15.23 33.71
N SER A 266 19.77 -14.92 33.26
CA SER A 266 20.90 -15.78 33.53
C SER A 266 21.50 -15.45 34.88
N LEU A 267 22.30 -16.35 35.41
CA LEU A 267 22.99 -16.09 36.67
C LEU A 267 24.41 -15.67 36.47
N ALA A 268 24.91 -14.91 37.43
CA ALA A 268 26.29 -14.47 37.44
C ALA A 268 27.17 -15.66 37.65
N GLU A 269 28.34 -15.63 37.04
CA GLU A 269 29.33 -16.65 37.22
C GLU A 269 30.16 -16.30 38.44
N GLU A 270 30.28 -17.24 39.37
CA GLU A 270 30.97 -17.06 40.65
C GLU A 270 30.32 -16.01 41.53
N GLU A 271 30.97 -14.90 41.80
CA GLU A 271 30.41 -13.88 42.68
C GLU A 271 29.29 -13.07 42.06
N VAL A 272 28.48 -12.45 42.91
CA VAL A 272 27.43 -11.55 42.47
C VAL A 272 28.09 -10.35 41.80
N ILE A 273 27.61 -9.95 40.64
CA ILE A 273 28.26 -8.85 39.95
C ILE A 273 27.42 -7.59 39.90
N ILE A 274 28.00 -6.50 40.33
CA ILE A 274 27.28 -5.24 40.29
C ILE A 274 27.82 -4.35 39.20
N ARG A 275 26.94 -3.95 38.28
CA ARG A 275 27.35 -3.14 37.15
C ARG A 275 26.62 -1.81 37.15
N SER A 276 27.32 -0.73 36.86
CA SER A 276 26.69 0.58 36.77
C SER A 276 27.44 1.45 35.82
N GLU A 277 26.77 2.24 35.02
CA GLU A 277 27.52 3.09 34.12
C GLU A 277 28.48 4.04 34.88
N ASN A 278 28.03 4.59 36.04
CA ASN A 278 28.78 5.49 36.92
C ASN A 278 28.26 5.33 38.36
N ILE A 279 29.02 4.65 39.27
CA ILE A 279 28.60 4.36 40.68
C ILE A 279 28.33 5.64 41.47
N THR A 280 29.17 6.62 41.22
CA THR A 280 29.13 7.92 41.82
C THR A 280 27.88 8.71 41.47
N ASN A 281 27.32 8.54 40.27
CA ASN A 281 26.19 9.36 39.91
C ASN A 281 24.90 8.69 40.40
N ASN A 282 24.27 9.28 41.41
CA ASN A 282 23.13 8.67 42.08
C ASN A 282 21.86 8.74 41.25
N ALA A 283 21.93 9.40 40.11
CA ALA A 283 20.79 9.49 39.22
C ALA A 283 20.73 8.25 38.33
N LYS A 284 21.75 7.41 38.38
CA LYS A 284 21.76 6.22 37.54
C LYS A 284 21.37 5.00 38.34
N ASN A 285 20.89 3.97 37.65
CA ASN A 285 20.49 2.75 38.35
C ASN A 285 21.63 1.76 38.41
N ILE A 286 21.61 0.92 39.41
CA ILE A 286 22.58 -0.13 39.60
C ILE A 286 21.99 -1.49 39.30
N LEU A 287 22.61 -2.22 38.39
CA LEU A 287 22.09 -3.52 38.03
C LEU A 287 22.87 -4.59 38.75
N VAL A 288 22.20 -5.33 39.60
CA VAL A 288 22.87 -6.35 40.38
C VAL A 288 22.53 -7.71 39.86
N GLN A 289 23.51 -8.49 39.42
CA GLN A 289 23.21 -9.80 38.91
C GLN A 289 23.55 -10.88 39.93
N LEU A 290 22.53 -11.55 40.41
CA LEU A 290 22.71 -12.54 41.44
C LEU A 290 23.38 -13.76 40.83
N ASN A 291 24.17 -14.51 41.63
CA ASN A 291 24.87 -15.75 41.23
C ASN A 291 24.08 -17.04 41.53
N GLU A 292 22.88 -16.94 42.14
CA GLU A 292 22.02 -18.05 42.54
C GLU A 292 20.59 -17.63 42.36
N SER A 293 19.71 -18.58 42.14
CA SER A 293 18.32 -18.26 41.97
C SER A 293 17.53 -18.27 43.24
N VAL A 294 16.82 -17.17 43.46
CA VAL A 294 15.94 -17.01 44.59
C VAL A 294 14.53 -17.17 44.09
N GLN A 295 13.82 -18.15 44.61
CA GLN A 295 12.51 -18.46 44.09
C GLN A 295 11.36 -17.68 44.69
N ILE A 296 10.48 -17.21 43.82
CA ILE A 296 9.24 -16.54 44.19
C ILE A 296 8.01 -17.34 43.69
N ASN A 297 7.04 -17.62 44.60
CA ASN A 297 5.78 -18.31 44.31
C ASN A 297 4.61 -17.31 44.40
N CYS A 298 3.96 -16.98 43.25
CA CYS A 298 2.88 -15.99 43.18
C CYS A 298 1.55 -16.64 42.84
N THR A 299 0.54 -16.25 43.61
CA THR A 299 -0.81 -16.77 43.48
C THR A 299 -1.90 -15.70 43.46
N ARG A 300 -2.94 -15.99 42.67
CA ARG A 300 -4.17 -15.24 42.59
C ARG A 300 -5.22 -16.27 43.04
N PRO A 301 -5.51 -16.34 44.35
CA PRO A 301 -6.21 -17.40 45.04
C PRO A 301 -7.67 -17.61 44.71
N ASN A 302 -8.32 -16.62 44.14
CA ASN A 302 -9.72 -16.79 43.85
C ASN A 302 -10.03 -17.54 42.57
N ASN A 303 -11.05 -18.42 42.65
CA ASN A 303 -11.61 -19.19 41.57
C ASN A 303 -12.80 -18.40 41.00
N ASN A 304 -12.59 -17.72 39.87
CA ASN A 304 -13.58 -16.85 39.23
C ASN A 304 -14.32 -17.53 38.10
N THR A 305 -15.28 -16.84 37.55
CA THR A 305 -16.01 -17.26 36.39
C THR A 305 -15.97 -16.18 35.35
N VAL A 306 -15.55 -16.53 34.14
CA VAL A 306 -15.47 -15.58 33.05
C VAL A 306 -16.62 -15.76 32.08
N LYS A 307 -17.31 -14.66 31.84
CA LYS A 307 -18.48 -14.63 30.99
C LYS A 307 -18.24 -13.73 29.81
N SER A 308 -19.00 -13.91 28.74
CA SER A 308 -18.82 -13.02 27.62
C SER A 308 -20.10 -12.69 26.91
N ILE A 309 -20.08 -11.52 26.30
CA ILE A 309 -21.19 -11.00 25.50
C ILE A 309 -20.72 -10.46 24.19
N ARG A 310 -21.62 -10.31 23.24
CA ARG A 310 -21.25 -9.63 22.02
C ARG A 310 -21.48 -8.15 22.15
N ILE A 311 -20.58 -7.38 21.59
CA ILE A 311 -20.72 -5.94 21.52
C ILE A 311 -21.28 -5.58 20.17
N GLY A 312 -20.82 -6.30 19.14
CA GLY A 312 -21.22 -6.03 17.77
C GLY A 312 -20.89 -7.25 16.95
N PRO A 313 -21.13 -7.25 15.64
CA PRO A 313 -20.93 -8.39 14.77
C PRO A 313 -19.54 -8.91 14.87
N GLY A 314 -19.39 -10.18 15.21
CA GLY A 314 -18.07 -10.78 15.26
C GLY A 314 -17.22 -10.36 16.46
N GLN A 315 -17.76 -9.54 17.36
CA GLN A 315 -16.94 -9.02 18.45
C GLN A 315 -17.40 -9.31 19.84
N TRP A 316 -16.59 -10.08 20.55
CA TRP A 316 -16.86 -10.51 21.92
C TRP A 316 -16.06 -9.78 22.98
N PHE A 317 -16.72 -9.54 24.10
CA PHE A 317 -16.15 -8.93 25.29
C PHE A 317 -16.14 -9.87 26.46
N TYR A 318 -15.01 -9.95 27.12
CA TYR A 318 -14.89 -10.87 28.25
C TYR A 318 -14.78 -10.14 29.56
N TYR A 319 -15.43 -10.67 30.58
CA TYR A 319 -15.37 -10.05 31.89
C TYR A 319 -15.55 -11.02 33.03
N THR A 320 -15.16 -10.63 34.23
CA THR A 320 -15.40 -11.51 35.35
C THR A 320 -16.79 -11.30 35.84
N GLY A 321 -17.53 -12.38 35.88
CA GLY A 321 -18.91 -12.35 36.31
C GLY A 321 -19.04 -12.64 37.77
N ASP A 322 -18.38 -13.71 38.20
CA ASP A 322 -18.52 -14.19 39.56
C ASP A 322 -17.24 -14.68 40.20
N ILE A 323 -17.22 -14.66 41.52
CA ILE A 323 -16.14 -15.25 42.30
C ILE A 323 -16.70 -16.26 43.28
N ILE A 324 -16.10 -17.44 43.28
CA ILE A 324 -16.49 -18.54 44.11
C ILE A 324 -15.68 -18.60 45.40
N GLY A 325 -16.39 -18.65 46.51
CA GLY A 325 -15.72 -18.73 47.81
C GLY A 325 -15.28 -17.38 48.32
N ASP A 326 -14.51 -17.40 49.40
CA ASP A 326 -14.07 -16.18 50.05
C ASP A 326 -13.15 -15.41 49.12
N ILE A 327 -13.27 -14.10 49.15
CA ILE A 327 -12.41 -13.24 48.37
C ILE A 327 -11.19 -12.85 49.16
N ARG A 328 -10.03 -13.13 48.55
CA ARG A 328 -8.73 -12.96 49.15
C ARG A 328 -7.78 -12.18 48.26
N GLN A 329 -6.78 -11.54 48.87
CA GLN A 329 -5.82 -10.77 48.09
C GLN A 329 -4.79 -11.67 47.47
N ALA A 330 -4.18 -11.22 46.39
CA ALA A 330 -3.09 -11.93 45.74
C ALA A 330 -1.85 -11.85 46.60
N HIS A 331 -1.00 -12.89 46.54
CA HIS A 331 0.23 -12.93 47.37
C HIS A 331 1.41 -13.50 46.59
N CYS A 332 2.62 -13.03 46.90
CA CYS A 332 3.88 -13.63 46.45
C CYS A 332 4.75 -13.97 47.65
N ASN A 333 5.29 -15.19 47.64
CA ASN A 333 6.16 -15.67 48.74
C ASN A 333 7.59 -15.84 48.21
N VAL A 334 8.58 -15.42 49.02
CA VAL A 334 10.02 -15.67 48.79
C VAL A 334 10.58 -16.21 50.10
N SER A 335 11.49 -17.18 50.06
CA SER A 335 12.05 -17.70 51.31
C SER A 335 12.75 -16.62 52.10
N LYS A 336 12.48 -16.53 53.40
CA LYS A 336 13.09 -15.45 54.17
C LYS A 336 14.57 -15.64 54.36
N ALA A 337 15.01 -16.85 54.68
CA ALA A 337 16.42 -17.03 54.89
C ALA A 337 17.18 -16.83 53.60
N THR A 338 16.60 -17.31 52.49
CA THR A 338 17.31 -17.19 51.23
C THR A 338 17.44 -15.74 50.87
N TRP A 339 16.37 -14.99 51.05
CA TRP A 339 16.42 -13.59 50.73
C TRP A 339 17.45 -12.82 51.56
N ASN A 340 17.55 -13.08 52.90
CA ASN A 340 18.52 -12.40 53.76
C ASN A 340 19.97 -12.72 53.36
N GLU A 341 20.27 -13.99 52.95
CA GLU A 341 21.59 -14.41 52.47
C GLU A 341 21.92 -13.72 51.16
N THR A 342 20.89 -13.57 50.32
CA THR A 342 21.05 -12.91 49.05
C THR A 342 21.41 -11.46 49.26
N LEU A 343 20.74 -10.78 50.17
CA LEU A 343 21.12 -9.41 50.39
C LEU A 343 22.51 -9.33 50.96
N GLY A 344 22.90 -10.23 51.85
CA GLY A 344 24.24 -10.12 52.41
C GLY A 344 25.32 -10.20 51.32
N LYS A 345 25.12 -11.06 50.33
CA LYS A 345 26.07 -11.18 49.23
C LYS A 345 26.13 -9.89 48.43
N VAL A 346 24.98 -9.25 48.23
CA VAL A 346 24.91 -7.99 47.51
C VAL A 346 25.62 -6.93 48.28
N VAL A 347 25.44 -6.91 49.59
CA VAL A 347 26.08 -5.92 50.41
C VAL A 347 27.58 -6.03 50.32
N LYS A 348 28.14 -7.23 50.37
CA LYS A 348 29.59 -7.31 50.24
C LYS A 348 30.08 -6.73 48.93
N GLN A 349 29.37 -7.01 47.85
CA GLN A 349 29.79 -6.49 46.57
C GLN A 349 29.63 -4.98 46.52
N LEU A 350 28.59 -4.44 47.15
CA LEU A 350 28.42 -3.01 47.18
C LEU A 350 29.55 -2.37 47.94
N ARG A 351 29.97 -3.00 49.05
CA ARG A 351 31.05 -2.47 49.88
C ARG A 351 32.33 -2.24 49.11
N LYS A 352 32.58 -3.03 48.08
CA LYS A 352 33.80 -2.84 47.31
C LYS A 352 33.93 -1.41 46.78
N HIS A 353 32.82 -0.69 46.60
CA HIS A 353 32.84 0.66 46.05
C HIS A 353 32.57 1.74 47.09
N PHE A 354 32.29 1.34 48.33
CA PHE A 354 31.90 2.32 49.37
C PHE A 354 32.76 2.25 50.63
N GLY A 355 33.30 1.08 50.94
CA GLY A 355 34.06 0.82 52.16
C GLY A 355 33.41 -0.26 53.02
N ASN A 356 34.21 -0.85 53.93
CA ASN A 356 33.76 -1.96 54.81
C ASN A 356 33.59 -1.49 56.26
N ASN A 357 33.67 -0.17 56.46
CA ASN A 357 33.49 0.59 57.70
C ASN A 357 32.27 1.49 57.61
N THR A 358 31.32 1.08 56.79
CA THR A 358 30.09 1.83 56.53
C THR A 358 28.87 0.95 56.74
N ILE A 359 27.73 1.60 56.73
CA ILE A 359 26.48 0.89 56.88
C ILE A 359 25.70 0.89 55.60
N ILE A 360 25.25 -0.29 55.19
CA ILE A 360 24.42 -0.38 54.01
C ILE A 360 23.02 -0.69 54.42
N ARG A 361 22.14 0.23 54.12
CA ARG A 361 20.78 0.11 54.54
C ARG A 361 19.86 0.03 53.37
N PHE A 362 18.91 -0.87 53.47
CA PHE A 362 17.92 -0.98 52.45
C PHE A 362 16.65 -0.34 52.93
N ALA A 363 15.93 0.22 52.01
CA ALA A 363 14.67 0.86 52.29
C ALA A 363 13.75 0.64 51.10
N ASN A 364 12.43 0.86 51.27
CA ASN A 364 11.45 0.72 50.20
C ASN A 364 11.45 1.98 49.30
N SER A 365 10.86 1.88 48.09
CA SER A 365 10.78 2.97 47.11
C SER A 365 9.73 4.01 47.44
N SER A 366 9.81 5.13 46.76
CA SER A 366 8.84 6.20 46.92
C SER A 366 8.75 7.02 45.65
N GLY A 367 7.53 7.40 45.27
CA GLY A 367 7.28 8.19 44.07
C GLY A 367 7.13 7.21 42.94
N GLY A 368 6.69 7.62 41.75
CA GLY A 368 6.53 6.62 40.68
C GLY A 368 5.14 5.98 40.59
N ASP A 369 4.13 6.62 41.18
CA ASP A 369 2.75 6.14 41.13
C ASP A 369 2.61 4.67 41.55
N LEU A 370 2.14 3.81 40.62
CA LEU A 370 1.95 2.40 40.95
C LEU A 370 3.00 1.59 40.24
N GLU A 371 3.41 2.08 39.10
CA GLU A 371 4.29 1.41 38.18
C GLU A 371 5.72 1.22 38.66
N VAL A 372 6.30 2.20 39.35
CA VAL A 372 7.69 2.03 39.78
C VAL A 372 7.79 1.77 41.27
N THR A 373 6.64 1.80 41.93
CA THR A 373 6.54 1.62 43.35
C THR A 373 6.27 0.19 43.73
N THR A 374 6.01 -0.63 42.73
CA THR A 374 5.69 -2.02 42.92
C THR A 374 6.48 -2.91 42.00
N HIS A 375 6.39 -4.19 42.26
CA HIS A 375 6.98 -5.16 41.40
C HIS A 375 5.95 -5.64 40.42
N SER A 376 6.10 -5.27 39.16
CA SER A 376 5.13 -5.61 38.16
C SER A 376 5.51 -6.82 37.33
N PHE A 377 4.55 -7.70 37.13
CA PHE A 377 4.80 -8.84 36.26
C PHE A 377 3.52 -9.44 35.71
N ASN A 378 3.67 -10.22 34.65
CA ASN A 378 2.55 -10.90 34.01
C ASN A 378 2.55 -12.43 34.17
N CYS A 379 1.62 -13.00 34.96
CA CYS A 379 1.48 -14.45 35.22
C CYS A 379 0.09 -14.93 34.83
N GLY A 380 0.04 -15.72 33.77
CA GLY A 380 -1.21 -16.30 33.30
C GLY A 380 -2.06 -15.28 32.57
N GLY A 381 -1.51 -14.12 32.32
CA GLY A 381 -2.24 -13.05 31.69
C GLY A 381 -2.73 -12.04 32.72
N GLU A 382 -2.48 -12.28 34.01
CA GLU A 382 -2.88 -11.32 35.00
C GLU A 382 -1.71 -10.40 35.31
N PHE A 383 -2.01 -9.12 35.48
CA PHE A 383 -0.98 -8.14 35.77
C PHE A 383 -0.94 -7.76 37.22
N PHE A 384 0.12 -8.18 37.86
CA PHE A 384 0.33 -8.01 39.28
C PHE A 384 1.20 -6.82 39.55
N TYR A 385 0.86 -6.10 40.61
CA TYR A 385 1.60 -4.96 41.13
C TYR A 385 1.83 -5.16 42.64
N CYS A 386 2.93 -5.86 43.00
CA CYS A 386 3.23 -6.33 44.36
C CYS A 386 3.99 -5.32 45.20
N ASN A 387 3.66 -5.27 46.47
CA ASN A 387 4.30 -4.40 47.44
C ASN A 387 5.54 -5.10 48.03
N THR A 388 6.73 -4.59 47.65
CA THR A 388 8.06 -5.10 47.94
C THR A 388 8.70 -4.46 49.15
N SER A 389 7.95 -3.67 49.90
CA SER A 389 8.60 -3.04 51.03
C SER A 389 9.08 -4.05 52.05
N GLY A 390 8.47 -5.22 52.10
CA GLY A 390 8.86 -6.24 53.04
C GLY A 390 10.21 -6.86 52.69
N LEU A 391 10.72 -6.61 51.49
CA LEU A 391 11.99 -7.15 51.07
C LEU A 391 13.16 -6.22 51.35
N PHE A 392 12.88 -4.94 51.58
CA PHE A 392 13.97 -3.99 51.70
C PHE A 392 13.86 -3.14 52.96
N ASN A 393 14.02 -3.79 54.13
CA ASN A 393 13.91 -3.21 55.47
C ASN A 393 15.22 -3.31 56.29
N SER A 394 16.13 -4.27 55.95
CA SER A 394 17.34 -4.62 56.71
C SER A 394 18.44 -3.56 56.66
N THR A 395 19.17 -3.46 57.78
CA THR A 395 20.33 -2.61 57.87
C THR A 395 21.52 -3.50 58.16
N TRP A 396 22.55 -3.37 57.35
CA TRP A 396 23.76 -4.17 57.43
C TRP A 396 24.93 -3.39 58.02
N ILE A 397 25.35 -3.77 59.22
CA ILE A 397 26.40 -3.03 59.89
C ILE A 397 27.64 -3.91 60.10
N SER A 398 28.83 -3.43 59.63
CA SER A 398 30.12 -4.12 59.73
C SER A 398 31.24 -3.13 59.46
N SER A 410 11.14 -24.61 54.53
CA SER A 410 10.31 -24.50 55.70
C SER A 410 10.56 -23.10 56.34
N ASN A 411 10.31 -22.98 57.66
CA ASN A 411 10.42 -21.78 58.51
C ASN A 411 9.59 -20.60 57.99
N ASP A 412 10.23 -19.45 57.81
CA ASP A 412 9.50 -18.28 57.38
C ASP A 412 9.65 -17.94 55.92
N SER A 413 8.62 -17.27 55.42
CA SER A 413 8.61 -16.72 54.08
C SER A 413 8.26 -15.27 54.23
N ILE A 414 8.69 -14.47 53.28
CA ILE A 414 8.31 -13.09 53.28
C ILE A 414 7.12 -13.03 52.38
N THR A 415 6.01 -12.53 52.90
CA THR A 415 4.80 -12.49 52.10
C THR A 415 4.55 -11.08 51.64
N LEU A 416 4.40 -10.94 50.34
CA LEU A 416 4.15 -9.66 49.73
C LEU A 416 2.71 -9.61 49.23
N PRO A 417 1.86 -8.70 49.69
CA PRO A 417 0.49 -8.56 49.23
C PRO A 417 0.63 -7.96 47.87
N CYS A 418 -0.28 -8.27 46.93
CA CYS A 418 -0.29 -7.73 45.57
C CYS A 418 -1.66 -7.25 45.14
N ARG A 419 -1.68 -6.27 44.27
CA ARG A 419 -2.92 -5.84 43.66
C ARG A 419 -2.92 -6.20 42.20
N ILE A 420 -4.10 -6.38 41.64
CA ILE A 420 -4.24 -6.73 40.25
C ILE A 420 -5.11 -5.74 39.53
N LYS A 421 -4.72 -5.38 38.32
CA LYS A 421 -5.54 -4.47 37.55
C LYS A 421 -5.66 -4.95 36.12
N GLN A 422 -6.80 -4.67 35.46
CA GLN A 422 -7.02 -5.07 34.09
C GLN A 422 -6.76 -4.02 33.03
N ILE A 423 -6.80 -2.73 33.36
CA ILE A 423 -6.58 -1.76 32.30
C ILE A 423 -5.16 -1.26 32.42
N ILE A 424 -4.38 -1.64 31.44
CA ILE A 424 -2.96 -1.45 31.48
C ILE A 424 -2.40 -0.44 30.50
N ASN A 425 -1.64 0.50 31.01
CA ASN A 425 -0.93 1.43 30.14
C ASN A 425 0.41 0.78 30.08
N MET A 426 1.07 0.75 28.94
CA MET A 426 2.33 0.06 28.92
C MET A 426 3.35 0.81 28.09
N TRP A 427 4.62 0.62 28.44
CA TRP A 427 5.77 1.24 27.78
C TRP A 427 5.71 2.74 27.98
N GLN A 428 5.02 3.13 29.04
CA GLN A 428 4.81 4.49 29.49
C GLN A 428 4.12 5.38 28.48
N ARG A 429 3.37 4.78 27.59
CA ARG A 429 2.62 5.56 26.64
C ARG A 429 1.35 5.96 27.32
N ILE A 430 0.77 7.09 26.93
CA ILE A 430 -0.48 7.48 27.54
C ILE A 430 -1.68 7.59 26.59
N GLY A 431 -1.44 7.50 25.28
CA GLY A 431 -2.54 7.66 24.32
C GLY A 431 -3.20 6.34 23.91
N GLN A 432 -2.77 5.25 24.49
CA GLN A 432 -3.31 3.94 24.15
C GLN A 432 -3.42 3.14 25.42
N ALA A 433 -4.29 2.16 25.43
CA ALA A 433 -4.39 1.28 26.58
C ALA A 433 -4.88 -0.07 26.16
N MET A 434 -4.55 -1.05 26.97
CA MET A 434 -4.98 -2.40 26.75
C MET A 434 -5.87 -2.91 27.85
N TYR A 435 -6.87 -3.68 27.48
CA TYR A 435 -7.67 -4.35 28.48
C TYR A 435 -7.26 -5.79 28.49
N ALA A 436 -6.87 -6.27 29.65
CA ALA A 436 -6.46 -7.63 29.79
C ALA A 436 -7.69 -8.46 30.12
N PRO A 437 -8.12 -9.41 29.29
CA PRO A 437 -9.26 -10.21 29.55
C PRO A 437 -8.89 -10.94 30.79
N PRO A 438 -9.81 -11.29 31.65
CA PRO A 438 -9.56 -12.06 32.81
C PRO A 438 -9.25 -13.46 32.41
N ILE A 439 -8.47 -14.15 33.21
CA ILE A 439 -8.23 -15.55 32.98
C ILE A 439 -9.01 -16.31 34.01
N GLN A 440 -9.72 -17.33 33.56
CA GLN A 440 -10.54 -18.12 34.45
C GLN A 440 -9.77 -19.16 35.22
N GLY A 441 -10.05 -19.24 36.52
CA GLY A 441 -9.46 -20.24 37.41
C GLY A 441 -8.40 -19.65 38.32
N VAL A 442 -7.95 -20.44 39.27
CA VAL A 442 -6.94 -19.98 40.23
C VAL A 442 -5.61 -19.96 39.52
N ILE A 443 -4.87 -18.87 39.68
CA ILE A 443 -3.61 -18.73 38.97
C ILE A 443 -2.42 -18.81 39.86
N ARG A 444 -1.48 -19.64 39.45
CA ARG A 444 -0.21 -19.77 40.13
C ARG A 444 0.93 -19.82 39.13
N CYS A 445 2.08 -19.21 39.50
CA CYS A 445 3.32 -19.23 38.73
C CYS A 445 4.48 -19.19 39.71
N VAL A 446 5.65 -19.56 39.21
CA VAL A 446 6.86 -19.47 39.99
C VAL A 446 7.90 -18.81 39.15
N SER A 447 8.86 -18.17 39.77
CA SER A 447 9.92 -17.55 39.00
C SER A 447 11.24 -17.42 39.77
N ASN A 448 12.36 -17.25 39.04
CA ASN A 448 13.71 -17.05 39.57
C ASN A 448 14.08 -15.57 39.48
N ILE A 449 14.49 -14.90 40.61
CA ILE A 449 14.81 -13.45 40.57
C ILE A 449 16.01 -13.08 39.66
N THR A 450 17.09 -13.83 39.72
CA THR A 450 18.26 -13.60 38.88
C THR A 450 18.58 -12.11 38.63
N GLY A 451 18.63 -11.32 39.69
CA GLY A 451 19.01 -9.90 39.59
C GLY A 451 18.00 -8.89 40.10
N LEU A 452 18.54 -7.78 40.58
CA LEU A 452 17.78 -6.69 41.20
C LEU A 452 18.13 -5.32 40.62
N ILE A 453 17.19 -4.38 40.61
CA ILE A 453 17.59 -3.01 40.24
C ILE A 453 17.51 -2.08 41.43
N LEU A 454 18.65 -1.50 41.79
CA LEU A 454 18.75 -0.62 42.96
C LEU A 454 19.18 0.79 42.64
N THR A 455 18.76 1.75 43.46
CA THR A 455 19.25 3.11 43.32
C THR A 455 19.71 3.64 44.67
N ARG A 456 20.60 4.65 44.69
CA ARG A 456 20.94 5.27 45.97
C ARG A 456 20.10 6.49 46.23
N ASP A 457 19.83 6.71 47.52
CA ASP A 457 19.05 7.84 48.01
C ASP A 457 19.79 9.18 47.84
N GLY A 458 21.11 9.12 47.98
CA GLY A 458 21.95 10.31 47.89
C GLY A 458 22.87 10.39 49.09
N GLY A 459 23.94 11.19 48.99
CA GLY A 459 24.85 11.31 50.12
C GLY A 459 24.48 12.52 50.96
N SER A 460 25.22 12.74 52.04
CA SER A 460 24.96 13.88 52.91
C SER A 460 26.18 14.20 53.75
N THR A 461 26.16 15.36 54.39
CA THR A 461 27.25 15.74 55.26
C THR A 461 27.35 14.79 56.44
N ASN A 462 28.57 14.32 56.68
CA ASN A 462 28.91 13.42 57.78
C ASN A 462 28.06 12.15 57.86
N SER A 463 27.76 11.55 56.72
CA SER A 463 26.99 10.32 56.73
C SER A 463 27.80 9.16 56.25
N THR A 464 27.78 8.11 57.06
CA THR A 464 28.50 6.88 56.79
C THR A 464 27.51 5.80 56.42
N THR A 465 26.26 6.17 56.22
CA THR A 465 25.24 5.20 55.87
C THR A 465 24.77 5.42 54.44
N GLU A 466 24.88 4.37 53.65
CA GLU A 466 24.47 4.35 52.26
C GLU A 466 23.06 3.79 52.21
N THR A 467 22.13 4.49 51.59
CA THR A 467 20.77 3.96 51.53
C THR A 467 20.41 3.60 50.13
N PHE A 468 19.95 2.36 49.98
CA PHE A 468 19.55 1.82 48.70
C PHE A 468 18.09 1.50 48.70
N ARG A 469 17.44 1.78 47.59
CA ARG A 469 16.04 1.50 47.45
C ARG A 469 15.87 0.72 46.17
N PRO A 470 14.86 -0.12 46.02
CA PRO A 470 14.53 -0.77 44.81
C PRO A 470 13.98 0.30 43.92
N GLY A 471 14.11 0.12 42.63
CA GLY A 471 13.52 1.09 41.73
C GLY A 471 13.69 0.62 40.32
N GLY A 472 13.61 1.52 39.38
CA GLY A 472 13.76 1.13 38.01
C GLY A 472 13.47 2.29 37.09
N GLY A 473 13.93 2.14 35.86
CA GLY A 473 13.77 3.12 34.81
C GLY A 473 12.97 2.47 33.72
N ASP A 474 13.36 2.70 32.48
CA ASP A 474 12.61 2.10 31.42
C ASP A 474 13.12 0.69 31.26
N MET A 475 12.53 -0.01 30.34
CA MET A 475 12.79 -1.40 30.01
C MET A 475 14.17 -1.69 29.51
N ARG A 476 14.84 -0.66 29.08
CA ARG A 476 16.16 -0.82 28.58
C ARG A 476 17.02 -1.47 29.63
N ASP A 477 16.79 -1.19 30.93
CA ASP A 477 17.61 -1.80 31.96
C ASP A 477 17.48 -3.32 31.95
N ASN A 478 16.30 -3.82 31.61
CA ASN A 478 16.07 -5.23 31.65
C ASN A 478 16.74 -5.91 30.50
N TRP A 479 16.85 -5.19 29.39
CA TRP A 479 17.45 -5.80 28.22
C TRP A 479 18.98 -5.79 28.36
N ARG A 480 19.53 -4.73 29.00
CA ARG A 480 20.99 -4.61 29.18
C ARG A 480 21.51 -5.76 29.99
N SER A 481 20.71 -6.20 30.92
CA SER A 481 21.08 -7.27 31.79
C SER A 481 21.48 -8.54 31.02
N GLU A 482 20.86 -8.81 29.88
CA GLU A 482 21.21 -10.01 29.12
C GLU A 482 22.14 -9.72 27.93
N LEU A 483 22.03 -8.54 27.34
CA LEU A 483 22.80 -8.19 26.16
C LEU A 483 24.16 -7.55 26.40
N TYR A 484 24.53 -7.31 27.65
CA TYR A 484 25.81 -6.69 27.99
C TYR A 484 27.05 -7.39 27.42
N LYS A 485 26.97 -8.67 27.13
CA LYS A 485 28.13 -9.40 26.65
C LYS A 485 28.23 -9.44 25.13
N TYR A 486 27.29 -8.85 24.41
CA TYR A 486 27.37 -8.93 22.95
C TYR A 486 27.66 -7.59 22.27
N LYS A 487 28.46 -7.65 21.20
CA LYS A 487 28.76 -6.46 20.40
C LYS A 487 28.64 -6.69 18.90
N VAL A 488 28.16 -5.71 18.16
CA VAL A 488 28.06 -5.84 16.70
C VAL A 488 29.12 -5.07 15.94
N VAL A 489 29.84 -5.77 15.07
CA VAL A 489 30.86 -5.11 14.27
C VAL A 489 30.68 -5.40 12.79
N LYS A 490 31.18 -4.50 11.95
CA LYS A 490 31.18 -4.63 10.51
C LYS A 490 32.50 -5.13 10.03
N ILE A 491 32.49 -6.05 9.09
CA ILE A 491 33.73 -6.59 8.58
C ILE A 491 34.19 -5.77 7.39
N GLU A 492 35.46 -5.40 7.39
CA GLU A 492 36.06 -4.58 6.33
C GLU A 492 37.25 -5.24 5.62
N PRO A 493 37.01 -6.04 4.57
CA PRO A 493 37.96 -6.83 3.82
C PRO A 493 39.13 -6.14 3.10
N LEU A 494 39.08 -4.83 2.82
CA LEU A 494 40.24 -4.29 2.11
C LEU A 494 41.31 -3.74 3.01
N GLY A 495 42.52 -4.28 2.84
CA GLY A 495 43.65 -3.82 3.60
C GLY A 495 44.81 -3.47 2.69
N VAL A 496 45.70 -2.63 3.21
CA VAL A 496 46.89 -2.19 2.52
C VAL A 496 48.10 -2.37 3.42
N ALA A 497 49.22 -2.80 2.87
CA ALA A 497 50.47 -2.99 3.61
C ALA A 497 51.67 -2.81 2.67
N PRO A 498 52.90 -2.50 3.15
CA PRO A 498 54.13 -2.46 2.37
C PRO A 498 54.66 -3.87 2.08
N THR A 499 55.30 -4.05 0.94
CA THR A 499 55.99 -5.32 0.64
C THR A 499 57.13 -5.15 -0.35
N ARG A 500 57.72 -6.25 -0.79
CA ARG A 500 58.83 -6.18 -1.76
C ARG A 500 58.48 -6.49 -3.24
N CYS A 501 57.18 -6.72 -3.53
CA CYS A 501 56.61 -7.05 -4.83
C CYS A 501 56.10 -5.80 -5.53
N LYS A 502 56.71 -5.50 -6.66
CA LYS A 502 56.38 -4.34 -7.48
C LYS A 502 55.53 -4.82 -8.64
N ARG A 503 54.45 -4.12 -8.98
CA ARG A 503 53.70 -4.61 -10.13
C ARG A 503 54.59 -4.57 -11.35
N ARG A 504 54.64 -5.66 -12.08
CA ARG A 504 55.44 -5.68 -13.28
C ARG A 504 54.67 -4.97 -14.40
N VAL A 505 55.35 -4.08 -15.16
CA VAL A 505 54.81 -3.31 -16.28
C VAL A 505 55.79 -3.47 -17.43
N GLY B 521 38.08 -21.29 9.98
CA GLY B 521 36.78 -20.68 10.11
C GLY B 521 36.89 -19.17 9.95
N PHE B 522 35.74 -18.49 9.72
CA PHE B 522 35.65 -17.05 9.47
C PHE B 522 36.16 -16.22 10.63
N LEU B 523 37.10 -15.33 10.31
CA LEU B 523 37.81 -14.47 11.24
C LEU B 523 38.67 -15.23 12.23
N GLY B 524 38.93 -16.51 12.00
CA GLY B 524 39.75 -17.26 12.95
C GLY B 524 41.18 -16.75 12.94
N ALA B 525 41.53 -16.06 11.87
CA ALA B 525 42.83 -15.49 11.65
C ALA B 525 42.94 -14.09 12.23
N ALA B 526 41.90 -13.59 12.86
CA ALA B 526 41.93 -12.21 13.35
C ALA B 526 43.09 -11.97 14.32
N GLY B 527 43.46 -12.94 15.13
CA GLY B 527 44.56 -12.75 16.07
C GLY B 527 45.92 -13.19 15.52
N SER B 528 45.97 -13.63 14.27
CA SER B 528 47.18 -14.11 13.64
C SER B 528 47.96 -12.95 13.10
N THR B 529 49.23 -13.18 12.78
CA THR B 529 50.01 -12.09 12.23
C THR B 529 49.56 -11.83 10.82
N MET B 530 49.95 -10.69 10.30
CA MET B 530 49.55 -10.29 8.97
C MET B 530 49.97 -11.28 7.93
N GLY B 531 51.18 -11.81 8.08
CA GLY B 531 51.68 -12.79 7.16
C GLY B 531 50.86 -14.06 7.23
N ALA B 532 50.67 -14.59 8.42
CA ALA B 532 49.95 -15.85 8.56
C ALA B 532 48.52 -15.76 8.04
N ALA B 533 47.90 -14.62 8.24
CA ALA B 533 46.52 -14.39 7.89
C ALA B 533 46.31 -14.28 6.39
N SER B 534 47.38 -14.15 5.63
CA SER B 534 47.22 -13.96 4.20
C SER B 534 46.67 -15.19 3.53
N MET B 535 46.72 -16.35 4.19
CA MET B 535 46.21 -17.53 3.51
C MET B 535 44.73 -17.84 3.78
N THR B 536 44.01 -16.96 4.49
CA THR B 536 42.58 -17.21 4.76
C THR B 536 41.71 -16.21 4.05
N LEU B 537 42.27 -15.53 3.07
CA LEU B 537 41.54 -14.48 2.38
C LEU B 537 40.28 -15.01 1.68
N THR B 538 40.28 -16.27 1.25
CA THR B 538 39.13 -16.82 0.56
C THR B 538 37.99 -17.12 1.53
N VAL B 539 38.30 -17.23 2.82
CA VAL B 539 37.27 -17.53 3.81
C VAL B 539 36.45 -16.29 4.02
N GLN B 540 37.12 -15.17 4.18
CA GLN B 540 36.38 -13.95 4.40
C GLN B 540 35.72 -13.45 3.12
N ALA B 541 36.39 -13.62 1.98
CA ALA B 541 35.78 -13.16 0.75
C ALA B 541 34.48 -13.90 0.48
N ARG B 542 34.47 -15.22 0.70
CA ARG B 542 33.26 -15.99 0.43
C ARG B 542 32.19 -15.71 1.45
N ASN B 543 32.57 -15.54 2.71
CA ASN B 543 31.57 -15.38 3.75
C ASN B 543 30.58 -14.27 3.48
N LEU B 544 31.03 -13.10 3.02
CA LEU B 544 29.99 -12.08 2.86
C LEU B 544 28.89 -12.43 1.91
N LEU B 545 29.23 -12.82 0.71
CA LEU B 545 28.20 -13.00 -0.29
C LEU B 545 27.45 -14.32 -0.15
N SER B 546 28.13 -15.39 0.29
CA SER B 546 27.41 -16.63 0.47
C SER B 546 26.49 -16.46 1.68
N GLY B 547 26.88 -15.58 2.62
CA GLY B 547 26.11 -15.20 3.79
C GLY B 547 24.87 -14.44 3.35
N ILE B 548 25.03 -13.57 2.36
CA ILE B 548 23.86 -12.83 1.82
C ILE B 548 22.86 -13.84 1.21
N VAL B 549 23.36 -14.82 0.39
CA VAL B 549 22.57 -15.87 -0.23
C VAL B 549 22.57 -17.04 0.76
N ASP B 568 3.74 -8.25 7.92
CA ASP B 568 4.43 -7.13 8.55
C ASP B 568 5.25 -6.38 7.49
N THR B 569 4.72 -5.20 7.04
CA THR B 569 5.31 -4.34 6.02
C THR B 569 6.61 -3.72 6.47
N HIS B 570 6.67 -3.28 7.72
CA HIS B 570 7.85 -2.60 8.18
C HIS B 570 8.99 -3.59 8.31
N TRP B 571 8.68 -4.80 8.74
CA TRP B 571 9.73 -5.79 8.85
C TRP B 571 10.28 -6.07 7.46
N GLY B 572 9.40 -6.25 6.47
CA GLY B 572 9.85 -6.53 5.13
C GLY B 572 10.74 -5.42 4.57
N ILE B 573 10.40 -4.16 4.84
CA ILE B 573 11.24 -3.10 4.34
C ILE B 573 12.60 -3.11 5.00
N LYS B 574 12.64 -3.29 6.31
CA LYS B 574 13.93 -3.30 6.99
C LYS B 574 14.83 -4.40 6.47
N GLN B 575 14.27 -5.58 6.20
CA GLN B 575 15.12 -6.65 5.72
C GLN B 575 15.60 -6.36 4.32
N LEU B 576 14.77 -5.77 3.47
CA LEU B 576 15.26 -5.46 2.16
C LEU B 576 16.35 -4.43 2.22
N GLN B 577 16.24 -3.45 3.10
CA GLN B 577 17.29 -2.45 3.17
C GLN B 577 18.59 -3.08 3.59
N ALA B 578 18.54 -4.00 4.54
CA ALA B 578 19.77 -4.63 4.97
C ALA B 578 20.43 -5.42 3.85
N ARG B 579 19.61 -6.09 3.04
CA ARG B 579 20.14 -6.88 1.94
C ARG B 579 20.72 -5.98 0.88
N VAL B 580 20.07 -4.86 0.62
CA VAL B 580 20.59 -3.96 -0.37
C VAL B 580 21.91 -3.39 0.08
N LEU B 581 22.05 -3.01 1.35
CA LEU B 581 23.34 -2.49 1.76
C LEU B 581 24.42 -3.51 1.66
N ALA B 582 24.15 -4.76 2.02
CA ALA B 582 25.24 -5.72 1.94
C ALA B 582 25.74 -5.79 0.50
N VAL B 583 24.82 -5.71 -0.46
CA VAL B 583 25.19 -5.70 -1.86
C VAL B 583 25.94 -4.45 -2.24
N GLU B 584 25.48 -3.28 -1.81
CA GLU B 584 26.16 -2.06 -2.19
C GLU B 584 27.58 -2.03 -1.65
N HIS B 585 27.81 -2.54 -0.44
CA HIS B 585 29.15 -2.51 0.08
C HIS B 585 30.03 -3.44 -0.69
N TYR B 586 29.50 -4.61 -1.04
CA TYR B 586 30.27 -5.56 -1.81
C TYR B 586 30.70 -4.93 -3.12
N LEU B 587 29.76 -4.31 -3.81
CA LEU B 587 30.08 -3.76 -5.09
C LEU B 587 31.05 -2.62 -5.00
N ARG B 588 30.96 -1.78 -3.98
CA ARG B 588 31.93 -0.69 -3.89
C ARG B 588 33.33 -1.21 -3.73
N ASP B 589 33.53 -2.26 -2.94
CA ASP B 589 34.89 -2.75 -2.80
C ASP B 589 35.36 -3.38 -4.10
N GLN B 590 34.48 -4.07 -4.81
CA GLN B 590 34.93 -4.67 -6.04
C GLN B 590 35.24 -3.61 -7.08
N GLN B 591 34.45 -2.55 -7.12
CA GLN B 591 34.70 -1.52 -8.10
C GLN B 591 36.01 -0.86 -7.82
N LEU B 592 36.30 -0.63 -6.56
CA LEU B 592 37.50 0.04 -6.20
C LEU B 592 38.71 -0.78 -6.60
N LEU B 593 38.65 -2.10 -6.38
CA LEU B 593 39.76 -2.93 -6.81
C LEU B 593 39.91 -2.87 -8.31
N GLY B 594 38.80 -2.81 -9.04
CA GLY B 594 38.90 -2.70 -10.48
C GLY B 594 39.60 -1.42 -10.91
N ILE B 595 39.27 -0.32 -10.25
CA ILE B 595 39.86 0.97 -10.56
C ILE B 595 41.36 0.96 -10.35
N TRP B 596 41.81 0.29 -9.32
CA TRP B 596 43.24 0.21 -9.03
C TRP B 596 43.99 -0.81 -9.88
N GLY B 597 43.28 -1.58 -10.70
CA GLY B 597 43.88 -2.64 -11.50
C GLY B 597 44.12 -3.98 -10.76
N CYS B 598 43.34 -4.26 -9.67
CA CYS B 598 43.43 -5.43 -8.81
C CYS B 598 42.21 -6.34 -9.00
N SER B 599 41.47 -6.14 -10.06
CA SER B 599 40.29 -6.94 -10.27
C SER B 599 40.59 -8.40 -10.42
N GLY B 600 39.79 -9.22 -9.76
CA GLY B 600 39.92 -10.65 -9.88
C GLY B 600 40.99 -11.26 -9.01
N LYS B 601 41.66 -10.44 -8.20
CA LYS B 601 42.73 -10.98 -7.37
C LYS B 601 42.51 -10.74 -5.91
N LEU B 602 42.94 -11.69 -5.08
CA LEU B 602 42.86 -11.46 -3.64
C LEU B 602 44.15 -10.81 -3.20
N ILE B 603 45.23 -11.09 -3.92
CA ILE B 603 46.53 -10.51 -3.65
C ILE B 603 46.95 -9.68 -4.86
N CYS B 604 47.24 -8.37 -4.67
CA CYS B 604 47.60 -7.44 -5.74
C CYS B 604 48.82 -6.58 -5.40
N CYS B 605 49.77 -6.56 -6.34
CA CYS B 605 50.97 -5.74 -6.22
C CYS B 605 50.66 -4.52 -7.07
N THR B 606 51.05 -3.32 -6.61
CA THR B 606 50.77 -2.11 -7.36
C THR B 606 52.05 -1.35 -7.69
N ASN B 607 51.92 -0.20 -8.37
CA ASN B 607 53.08 0.62 -8.69
C ASN B 607 53.19 1.87 -7.86
N VAL B 608 52.53 1.90 -6.73
CA VAL B 608 52.68 3.00 -5.82
C VAL B 608 53.70 2.56 -4.78
N PRO B 609 54.80 3.28 -4.57
CA PRO B 609 55.84 2.98 -3.61
C PRO B 609 55.30 3.29 -2.26
N TRP B 610 55.83 2.68 -1.23
CA TRP B 610 55.39 3.04 0.09
C TRP B 610 56.09 4.34 0.44
N ASN B 611 55.32 5.37 0.88
CA ASN B 611 55.82 6.68 1.29
C ASN B 611 56.27 6.63 2.76
N SER B 612 57.41 7.27 3.08
CA SER B 612 58.01 7.37 4.43
C SER B 612 57.15 8.21 5.39
N SER B 613 56.25 8.97 4.79
CA SER B 613 55.26 9.79 5.46
C SER B 613 54.26 8.92 6.22
N TRP B 614 53.92 7.78 5.63
CA TRP B 614 52.95 6.84 6.15
C TRP B 614 53.70 6.14 7.25
N SER B 615 53.03 5.44 8.15
CA SER B 615 53.83 4.83 9.19
C SER B 615 54.92 3.95 8.57
N ASN B 616 56.12 4.08 9.13
CA ASN B 616 57.28 3.39 8.65
C ASN B 616 57.84 2.40 9.66
N ARG B 617 57.71 1.13 9.35
CA ARG B 617 58.13 0.04 10.22
C ARG B 617 58.74 -1.07 9.34
N ASN B 618 59.52 -1.95 9.97
CA ASN B 618 60.23 -3.09 9.33
C ASN B 618 59.25 -4.22 8.96
N LEU B 619 59.59 -4.98 7.90
CA LEU B 619 58.81 -6.16 7.48
C LEU B 619 58.83 -7.24 8.56
N SER B 620 59.93 -7.28 9.30
CA SER B 620 60.15 -8.22 10.38
C SER B 620 59.15 -8.02 11.51
N GLU B 621 58.51 -6.85 11.58
CA GLU B 621 57.50 -6.62 12.58
C GLU B 621 56.14 -6.52 11.89
N ILE B 622 56.08 -5.89 10.72
CA ILE B 622 54.79 -5.74 10.07
C ILE B 622 54.20 -7.05 9.68
N TRP B 623 54.97 -7.92 9.04
CA TRP B 623 54.39 -9.16 8.59
C TRP B 623 54.49 -10.28 9.60
N ASP B 624 55.60 -10.30 10.33
CA ASP B 624 55.82 -11.40 11.27
C ASP B 624 55.33 -11.20 12.70
N ASN B 625 55.11 -9.97 13.17
CA ASN B 625 54.69 -9.77 14.55
C ASN B 625 53.27 -9.22 14.67
N MET B 626 52.97 -8.17 13.93
CA MET B 626 51.68 -7.49 14.00
C MET B 626 50.58 -8.25 13.33
N THR B 627 49.36 -8.03 13.82
CA THR B 627 48.14 -8.58 13.25
C THR B 627 47.50 -7.51 12.37
N TRP B 628 46.51 -7.90 11.55
CA TRP B 628 45.87 -6.91 10.67
C TRP B 628 45.04 -5.88 11.42
N LEU B 629 44.50 -6.25 12.59
CA LEU B 629 43.69 -5.30 13.35
C LEU B 629 44.57 -4.14 13.83
N GLN B 630 45.78 -4.48 14.26
CA GLN B 630 46.71 -3.51 14.77
C GLN B 630 47.22 -2.63 13.68
N TRP B 631 47.50 -3.27 12.56
CA TRP B 631 48.02 -2.59 11.40
C TRP B 631 47.03 -1.60 10.85
N ASP B 632 45.77 -2.01 10.74
CA ASP B 632 44.80 -1.10 10.19
C ASP B 632 44.74 0.15 11.04
N LYS B 633 44.83 0.00 12.37
CA LYS B 633 44.81 1.21 13.15
C LYS B 633 46.07 2.04 12.88
N GLU B 634 47.23 1.39 12.80
CA GLU B 634 48.48 2.12 12.63
C GLU B 634 48.51 3.01 11.40
N ILE B 635 47.93 2.57 10.30
CA ILE B 635 47.95 3.41 9.10
C ILE B 635 46.58 3.92 8.68
N SER B 636 45.65 4.01 9.62
CA SER B 636 44.30 4.47 9.30
C SER B 636 44.25 5.87 8.64
N ASN B 637 45.10 6.78 9.11
CA ASN B 637 45.13 8.17 8.54
C ASN B 637 45.23 8.12 7.02
N TYR B 638 46.18 7.32 6.50
CA TYR B 638 46.69 7.42 5.13
C TYR B 638 45.80 6.71 4.13
N THR B 639 44.62 6.27 4.56
CA THR B 639 43.76 5.48 3.66
C THR B 639 43.37 6.21 2.39
N GLN B 640 42.96 7.46 2.49
CA GLN B 640 42.49 8.16 1.31
C GLN B 640 43.63 8.59 0.43
N ILE B 641 44.78 8.83 1.03
CA ILE B 641 45.93 9.25 0.28
C ILE B 641 46.37 8.10 -0.61
N ILE B 642 46.44 6.91 -0.03
CA ILE B 642 46.87 5.76 -0.77
C ILE B 642 45.89 5.45 -1.87
N TYR B 643 44.60 5.50 -1.58
CA TYR B 643 43.64 5.17 -2.61
C TYR B 643 43.74 6.12 -3.79
N GLY B 644 43.94 7.41 -3.54
CA GLY B 644 44.07 8.36 -4.64
C GLY B 644 45.27 8.05 -5.52
N LEU B 645 46.40 7.69 -4.90
CA LEU B 645 47.58 7.39 -5.69
C LEU B 645 47.37 6.15 -6.54
N LEU B 646 46.69 5.15 -6.00
CA LEU B 646 46.49 3.95 -6.76
C LEU B 646 45.62 4.19 -7.99
N GLU B 647 44.59 5.01 -7.84
CA GLU B 647 43.71 5.33 -8.94
C GLU B 647 44.45 6.01 -10.09
N GLU B 648 45.31 6.96 -9.76
CA GLU B 648 46.01 7.67 -10.81
C GLU B 648 47.01 6.78 -11.54
N SER B 649 47.69 5.90 -10.82
CA SER B 649 48.65 5.05 -11.47
C SER B 649 47.98 4.15 -12.49
N GLN B 650 46.79 3.63 -12.16
CA GLN B 650 46.14 2.77 -13.12
C GLN B 650 45.70 3.52 -14.37
N ASN B 651 45.24 4.76 -14.23
CA ASN B 651 44.82 5.47 -15.44
C ASN B 651 45.96 5.67 -16.39
N GLN B 652 47.13 5.97 -15.86
CA GLN B 652 48.25 6.22 -16.75
C GLN B 652 48.67 4.96 -17.45
N GLN B 653 48.65 3.83 -16.74
CA GLN B 653 49.07 2.60 -17.37
C GLN B 653 48.14 2.15 -18.47
N GLU B 654 46.82 2.33 -18.29
CA GLU B 654 45.93 1.91 -19.37
C GLU B 654 46.10 2.80 -20.57
N LYS B 655 46.33 4.10 -20.36
CA LYS B 655 46.54 4.97 -21.48
C LYS B 655 47.80 4.56 -22.22
N ASN B 656 48.85 4.23 -21.47
CA ASN B 656 50.09 3.88 -22.12
C ASN B 656 49.93 2.65 -22.97
N GLU B 657 49.16 1.65 -22.50
CA GLU B 657 49.00 0.47 -23.34
C GLU B 657 48.33 0.80 -24.65
N GLN B 658 47.26 1.60 -24.60
CA GLN B 658 46.57 1.92 -25.84
C GLN B 658 47.46 2.69 -26.79
N ASP B 659 48.27 3.60 -26.27
CA ASP B 659 49.14 4.37 -27.13
C ASP B 659 50.21 3.49 -27.76
N LEU B 660 50.71 2.51 -27.00
CA LEU B 660 51.71 1.59 -27.54
C LEU B 660 51.18 0.67 -28.66
N LEU B 661 49.91 0.18 -28.53
CA LEU B 661 49.25 -0.68 -29.51
C LEU B 661 49.13 0.01 -30.87
N ASN C 35 41.81 0.02 -41.41
CA ASN C 35 42.90 0.45 -40.51
C ASN C 35 42.43 0.87 -39.09
N LEU C 36 41.11 1.08 -38.90
CA LEU C 36 40.51 1.46 -37.61
C LEU C 36 39.65 0.34 -37.11
N TRP C 37 39.64 0.20 -35.80
CA TRP C 37 38.85 -0.76 -35.07
C TRP C 37 38.03 -0.06 -34.03
N VAL C 38 36.96 -0.69 -33.61
CA VAL C 38 36.12 -0.07 -32.61
C VAL C 38 36.83 -0.25 -31.25
N THR C 39 36.79 0.79 -30.42
CA THR C 39 37.34 0.78 -29.06
C THR C 39 36.26 1.06 -28.06
N VAL C 40 36.24 0.28 -27.01
CA VAL C 40 35.24 0.44 -26.00
C VAL C 40 35.78 1.27 -24.85
N TYR C 41 35.05 2.32 -24.50
CA TYR C 41 35.43 3.21 -23.41
C TYR C 41 34.38 3.23 -22.32
N TYR C 42 34.82 3.15 -21.07
CA TYR C 42 33.90 3.23 -19.94
C TYR C 42 34.27 4.36 -19.01
N GLY C 43 33.27 5.18 -18.66
CA GLY C 43 33.47 6.34 -17.80
C GLY C 43 33.37 7.63 -18.62
N VAL C 44 32.73 7.53 -19.77
CA VAL C 44 32.51 8.58 -20.74
C VAL C 44 31.53 9.66 -20.25
N PRO C 45 31.86 10.97 -20.32
CA PRO C 45 31.05 12.08 -19.85
C PRO C 45 29.87 12.44 -20.74
N VAL C 46 28.89 11.56 -20.86
CA VAL C 46 27.69 11.82 -21.66
C VAL C 46 26.42 11.48 -20.90
N TRP C 47 25.29 12.01 -21.38
CA TRP C 47 23.99 11.75 -20.74
C TRP C 47 22.78 11.83 -21.65
N LYS C 48 21.67 11.34 -21.12
CA LYS C 48 20.35 11.37 -21.77
C LYS C 48 19.28 11.87 -20.81
N ASP C 49 18.25 12.49 -21.36
CA ASP C 49 17.17 12.98 -20.52
C ASP C 49 16.50 11.83 -19.80
N ALA C 50 16.12 12.04 -18.54
CA ALA C 50 15.48 10.93 -17.84
C ALA C 50 14.52 11.34 -16.75
N GLU C 51 13.60 10.44 -16.44
CA GLU C 51 12.65 10.63 -15.35
C GLU C 51 12.95 9.71 -14.18
N THR C 52 13.27 10.27 -13.04
CA THR C 52 13.55 9.46 -11.88
C THR C 52 12.92 10.05 -10.65
N THR C 53 13.13 9.39 -9.53
CA THR C 53 12.59 9.88 -8.28
C THR C 53 13.66 10.63 -7.53
N LEU C 54 13.39 11.89 -7.23
CA LEU C 54 14.36 12.70 -6.50
C LEU C 54 14.08 12.59 -5.03
N PHE C 55 15.10 12.74 -4.22
CA PHE C 55 14.82 12.69 -2.79
C PHE C 55 14.88 14.10 -2.29
N CYS C 56 14.19 14.39 -1.17
CA CYS C 56 14.15 15.71 -0.55
C CYS C 56 15.14 15.79 0.60
N ALA C 57 15.79 16.93 0.71
CA ALA C 57 16.71 17.21 1.79
C ALA C 57 16.51 18.65 2.27
N SER C 58 16.83 18.90 3.53
CA SER C 58 16.65 20.24 4.10
C SER C 58 17.70 20.61 5.14
N ASP C 59 18.17 21.85 5.06
CA ASP C 59 19.17 22.36 5.99
C ASP C 59 18.68 22.36 7.45
N ALA C 60 19.52 21.83 8.37
CA ALA C 60 19.26 21.74 9.80
C ALA C 60 19.29 23.13 10.45
N LYS C 66 10.84 25.20 15.06
CA LYS C 66 10.48 24.02 15.82
C LYS C 66 10.64 22.78 14.93
N LYS C 67 10.47 21.58 15.54
CA LYS C 67 10.63 20.25 14.92
C LYS C 67 9.27 19.60 14.65
N HIS C 68 8.20 20.39 14.76
CA HIS C 68 6.85 19.90 14.54
C HIS C 68 6.36 20.29 13.16
N ASN C 69 7.26 20.84 12.39
CA ASN C 69 7.01 21.27 11.03
C ASN C 69 6.99 20.07 10.09
N VAL C 70 5.98 19.98 9.25
CA VAL C 70 5.85 18.82 8.38
C VAL C 70 6.94 18.72 7.34
N TRP C 71 7.44 19.86 6.86
CA TRP C 71 8.44 19.85 5.83
C TRP C 71 9.73 19.42 6.44
N ALA C 72 9.98 19.92 7.64
CA ALA C 72 11.22 19.58 8.33
C ALA C 72 11.27 18.11 8.69
N THR C 73 10.14 17.56 9.08
CA THR C 73 10.04 16.17 9.47
C THR C 73 10.22 15.26 8.29
N HIS C 74 9.56 15.59 7.19
CA HIS C 74 9.65 14.75 6.01
C HIS C 74 11.03 14.78 5.33
N CYS C 75 11.59 16.00 5.09
CA CYS C 75 12.86 16.19 4.41
C CYS C 75 13.94 16.14 5.49
N CYS C 76 14.04 14.96 6.09
CA CYS C 76 14.91 14.68 7.22
C CYS C 76 16.36 14.56 6.85
N VAL C 77 16.62 14.38 5.58
CA VAL C 77 17.97 14.24 5.08
C VAL C 77 18.60 15.62 5.09
N PRO C 78 19.77 15.82 5.70
CA PRO C 78 20.47 17.08 5.79
C PRO C 78 21.09 17.41 4.47
N THR C 79 21.41 18.68 4.26
CA THR C 79 22.13 19.04 3.07
C THR C 79 23.57 19.25 3.44
N ASP C 80 24.45 19.18 2.46
CA ASP C 80 25.84 19.47 2.68
C ASP C 80 25.97 20.98 2.79
N PRO C 81 26.84 21.53 3.65
CA PRO C 81 27.17 22.95 3.72
C PRO C 81 27.72 23.54 2.39
N ASN C 82 28.26 22.69 1.51
CA ASN C 82 28.80 23.17 0.25
C ASN C 82 28.13 22.44 -0.94
N PRO C 83 27.28 23.11 -1.75
CA PRO C 83 26.58 22.56 -2.90
C PRO C 83 27.54 21.97 -3.97
N GLN C 84 28.79 22.43 -3.99
CA GLN C 84 29.81 21.95 -4.92
C GLN C 84 29.41 21.96 -6.39
N GLU C 85 28.86 23.06 -6.85
CA GLU C 85 28.48 23.24 -8.24
C GLU C 85 29.68 23.23 -9.17
N ILE C 86 29.59 22.51 -10.29
CA ILE C 86 30.67 22.53 -11.26
C ILE C 86 30.22 23.22 -12.54
N HIS C 87 30.98 24.19 -13.00
CA HIS C 87 30.60 24.88 -14.22
C HIS C 87 30.92 23.98 -15.36
N LEU C 88 30.15 23.99 -16.44
CA LEU C 88 30.60 23.22 -17.57
C LEU C 88 31.02 24.23 -18.61
N GLU C 89 32.00 23.91 -19.41
CA GLU C 89 32.37 24.83 -20.47
C GLU C 89 32.13 24.15 -21.79
N ASN C 90 31.75 24.95 -22.83
CA ASN C 90 31.48 24.50 -24.20
C ASN C 90 30.39 23.41 -24.29
N VAL C 91 29.33 23.53 -23.45
CA VAL C 91 28.19 22.61 -23.37
C VAL C 91 26.91 23.38 -23.57
N THR C 92 26.08 22.94 -24.51
CA THR C 92 24.79 23.58 -24.73
C THR C 92 23.71 22.56 -24.49
N GLU C 93 22.76 22.93 -23.66
CA GLU C 93 21.67 22.03 -23.32
C GLU C 93 20.33 22.61 -23.69
N GLU C 94 19.39 21.78 -24.07
CA GLU C 94 18.05 22.28 -24.36
C GLU C 94 17.12 22.00 -23.21
N PHE C 95 16.50 23.06 -22.70
CA PHE C 95 15.58 22.97 -21.57
C PHE C 95 14.14 23.19 -21.99
N ASN C 96 13.20 22.54 -21.33
CA ASN C 96 11.78 22.77 -21.57
C ASN C 96 11.02 22.63 -20.28
N MET C 97 10.69 23.75 -19.66
CA MET C 97 10.09 23.72 -18.35
C MET C 97 8.70 23.16 -18.34
N TRP C 98 8.03 23.18 -19.47
CA TRP C 98 6.65 22.80 -19.50
C TRP C 98 6.46 21.30 -19.40
N LYS C 99 7.50 20.56 -19.75
CA LYS C 99 7.44 19.11 -19.74
C LYS C 99 8.36 18.55 -18.66
N ASN C 100 8.77 19.43 -17.75
CA ASN C 100 9.68 19.10 -16.69
C ASN C 100 9.02 18.19 -15.66
N ASN C 101 9.63 17.06 -15.37
CA ASN C 101 9.01 16.12 -14.44
C ASN C 101 9.40 16.36 -13.00
N MET C 102 10.22 17.38 -12.77
CA MET C 102 10.59 17.73 -11.42
C MET C 102 9.39 18.41 -10.80
N VAL C 103 8.61 19.06 -11.67
CA VAL C 103 7.42 19.78 -11.30
C VAL C 103 6.33 18.81 -10.90
N GLU C 104 6.16 17.76 -11.68
CA GLU C 104 5.13 16.82 -11.35
C GLU C 104 5.48 16.09 -10.08
N GLN C 105 6.75 15.73 -9.89
CA GLN C 105 7.05 15.08 -8.65
C GLN C 105 6.81 15.98 -7.49
N MET C 106 7.22 17.25 -7.58
CA MET C 106 7.02 18.11 -6.44
C MET C 106 5.56 18.18 -6.08
N HIS C 107 4.69 18.28 -7.07
CA HIS C 107 3.28 18.37 -6.77
C HIS C 107 2.80 17.13 -6.06
N THR C 108 3.15 15.96 -6.58
CA THR C 108 2.70 14.70 -6.00
C THR C 108 3.22 14.53 -4.58
N ASP C 109 4.47 14.86 -4.33
CA ASP C 109 5.02 14.68 -3.00
C ASP C 109 4.33 15.57 -2.00
N ILE C 110 3.94 16.77 -2.42
CA ILE C 110 3.25 17.67 -1.53
C ILE C 110 1.90 17.12 -1.16
N ILE C 111 1.19 16.54 -2.11
CA ILE C 111 -0.11 15.99 -1.79
C ILE C 111 0.09 14.89 -0.77
N SER C 112 1.10 14.04 -0.98
CA SER C 112 1.33 12.94 -0.06
C SER C 112 1.65 13.42 1.32
N LEU C 113 2.47 14.45 1.45
CA LEU C 113 2.81 14.93 2.77
C LEU C 113 1.60 15.45 3.50
N TRP C 114 0.73 16.18 2.82
CA TRP C 114 -0.45 16.67 3.50
C TRP C 114 -1.33 15.54 4.00
N ASP C 115 -1.50 14.51 3.19
CA ASP C 115 -2.34 13.42 3.62
C ASP C 115 -1.73 12.63 4.76
N GLN C 116 -0.41 12.47 4.77
CA GLN C 116 0.15 11.74 5.89
C GLN C 116 0.08 12.57 7.15
N SER C 117 0.22 13.87 7.04
CA SER C 117 0.23 14.74 8.20
C SER C 117 -1.08 14.71 8.95
N LEU C 118 -2.18 14.58 8.24
CA LEU C 118 -3.48 14.55 8.87
C LEU C 118 -3.92 13.16 9.30
N LYS C 119 -3.14 12.14 8.97
CA LYS C 119 -3.57 10.79 9.25
C LYS C 119 -4.01 10.54 10.69
N PRO C 120 -3.24 10.92 11.74
CA PRO C 120 -3.56 10.67 13.13
C PRO C 120 -4.47 11.69 13.84
N CYS C 121 -5.02 12.70 13.13
CA CYS C 121 -5.75 13.81 13.74
C CYS C 121 -7.22 13.46 13.95
N VAL C 122 -7.91 14.26 14.74
CA VAL C 122 -9.32 14.01 15.07
C VAL C 122 -10.30 14.09 13.91
N LYS C 123 -11.16 13.07 13.80
CA LYS C 123 -12.17 13.01 12.76
C LYS C 123 -13.46 13.59 13.31
N LEU C 124 -13.89 14.71 12.78
CA LEU C 124 -15.02 15.43 13.33
C LEU C 124 -16.34 15.00 12.77
N THR C 125 -16.59 13.71 12.77
CA THR C 125 -17.85 13.21 12.30
C THR C 125 -18.98 13.52 13.28
N PRO C 126 -18.75 13.60 14.60
CA PRO C 126 -19.74 13.99 15.57
C PRO C 126 -20.21 15.41 15.37
N LEU C 127 -19.53 16.22 14.55
CA LEU C 127 -20.03 17.59 14.39
C LEU C 127 -21.04 17.79 13.28
N CYS C 128 -21.34 16.75 12.45
CA CYS C 128 -22.31 16.90 11.37
C CYS C 128 -23.69 16.59 11.96
N VAL C 129 -24.16 17.59 12.69
CA VAL C 129 -25.40 17.58 13.42
C VAL C 129 -26.14 18.82 13.06
N THR C 130 -27.43 18.85 13.31
CA THR C 130 -28.15 20.08 13.05
C THR C 130 -27.69 21.16 13.98
N LEU C 131 -27.38 22.32 13.44
CA LEU C 131 -26.96 23.45 14.23
C LEU C 131 -28.10 24.43 14.28
N GLN C 132 -28.29 25.10 15.39
CA GLN C 132 -29.28 26.16 15.44
C GLN C 132 -28.51 27.46 15.47
N CYS C 133 -28.70 28.37 14.47
CA CYS C 133 -27.86 29.57 14.38
C CYS C 133 -28.65 30.85 14.18
N THR C 134 -28.14 31.90 14.79
CA THR C 134 -28.63 33.26 14.66
C THR C 134 -27.46 34.12 14.21
N ASN C 135 -27.73 35.34 13.74
CA ASN C 135 -26.67 36.27 13.27
C ASN C 135 -26.01 36.96 14.46
N VAL C 136 -24.71 37.26 14.37
CA VAL C 136 -24.01 38.02 15.40
C VAL C 136 -24.23 39.47 15.00
N THR C 137 -24.97 40.23 15.80
CA THR C 137 -25.30 41.58 15.39
C THR C 137 -24.67 42.68 16.23
N ASN C 138 -24.22 42.34 17.42
CA ASN C 138 -23.64 43.33 18.28
C ASN C 138 -22.26 43.71 17.81
N ASN C 139 -21.88 44.97 17.97
CA ASN C 139 -20.52 45.38 17.66
C ASN C 139 -20.05 45.00 16.25
N ILE C 140 -20.88 45.20 15.23
CA ILE C 140 -20.46 44.82 13.87
C ILE C 140 -20.44 46.03 12.97
N THR C 141 -19.39 46.19 12.18
CA THR C 141 -19.39 47.29 11.22
C THR C 141 -20.28 46.91 10.03
N ASP C 142 -20.58 47.82 9.12
CA ASP C 142 -21.39 47.35 8.00
C ASP C 142 -20.65 46.27 7.23
N ASP C 143 -19.35 46.42 7.12
CA ASP C 143 -18.57 45.38 6.50
C ASP C 143 -18.69 44.28 7.51
N MET C 144 -18.79 43.03 7.07
CA MET C 144 -18.96 41.86 7.96
C MET C 144 -20.36 41.78 8.55
N ARG C 145 -21.32 42.57 8.06
CA ARG C 145 -22.65 42.54 8.64
C ARG C 145 -23.27 41.17 8.68
N GLY C 146 -23.11 40.38 7.64
CA GLY C 146 -23.70 39.05 7.60
C GLY C 146 -22.70 37.91 7.64
N GLU C 147 -21.44 38.19 7.96
CA GLU C 147 -20.40 37.15 7.90
C GLU C 147 -20.30 36.18 9.06
N LEU C 148 -20.72 36.55 10.27
CA LEU C 148 -20.57 35.62 11.38
C LEU C 148 -21.90 35.17 11.91
N LYS C 149 -21.96 33.89 12.27
CA LYS C 149 -23.14 33.32 12.86
C LYS C 149 -22.85 32.63 14.19
N ASN C 150 -23.75 32.82 15.17
CA ASN C 150 -23.70 32.25 16.51
C ASN C 150 -24.53 30.97 16.54
N CYS C 151 -23.85 29.81 16.56
CA CYS C 151 -24.45 28.48 16.45
C CYS C 151 -24.41 27.74 17.77
N SER C 152 -25.44 26.93 17.98
CA SER C 152 -25.59 26.09 19.15
C SER C 152 -25.97 24.68 18.77
N PHE C 153 -25.28 23.72 19.36
CA PHE C 153 -25.54 22.33 19.03
C PHE C 153 -25.22 21.37 20.18
N ASN C 154 -25.78 20.13 20.10
CA ASN C 154 -25.55 19.04 21.05
C ASN C 154 -24.44 18.12 20.55
N MET C 155 -23.26 18.20 21.19
CA MET C 155 -22.03 17.50 20.83
C MET C 155 -21.79 16.37 21.80
N THR C 156 -21.06 15.36 21.38
CA THR C 156 -20.76 14.23 22.22
C THR C 156 -19.75 14.58 23.29
N THR C 157 -19.65 13.70 24.28
CA THR C 157 -18.79 13.81 25.45
C THR C 157 -17.87 12.59 25.59
N GLU C 158 -17.04 12.58 26.63
CA GLU C 158 -16.13 11.44 26.83
C GLU C 158 -16.90 10.14 26.98
N LEU C 159 -18.03 10.21 27.68
CA LEU C 159 -18.84 9.04 27.90
C LEU C 159 -19.93 9.02 26.87
N ARG C 160 -20.35 7.83 26.47
CA ARG C 160 -21.38 7.70 25.45
C ARG C 160 -22.78 8.10 25.87
N ASP C 161 -23.00 8.19 27.16
CA ASP C 161 -24.31 8.50 27.68
C ASP C 161 -24.58 9.98 27.79
N LYS C 162 -23.58 10.82 27.57
CA LYS C 162 -23.82 12.23 27.79
C LYS C 162 -23.69 13.06 26.54
N LYS C 163 -24.33 14.21 26.57
CA LYS C 163 -24.26 15.19 25.51
C LYS C 163 -23.99 16.53 26.16
N GLN C 164 -23.38 17.43 25.44
CA GLN C 164 -23.15 18.76 25.97
C GLN C 164 -23.56 19.82 24.98
N LYS C 165 -24.01 20.95 25.50
CA LYS C 165 -24.40 22.02 24.60
C LYS C 165 -23.22 22.91 24.36
N VAL C 166 -22.94 23.15 23.10
CA VAL C 166 -21.82 23.90 22.66
C VAL C 166 -22.22 25.12 21.89
N TYR C 167 -21.59 26.23 22.19
CA TYR C 167 -21.84 27.45 21.46
C TYR C 167 -20.57 27.81 20.74
N SER C 168 -20.68 28.30 19.52
CA SER C 168 -19.51 28.70 18.75
C SER C 168 -19.83 29.72 17.68
N LEU C 169 -18.82 30.38 17.14
CA LEU C 169 -19.07 31.31 16.06
C LEU C 169 -18.45 30.84 14.77
N PHE C 170 -19.25 30.72 13.74
CA PHE C 170 -18.76 30.25 12.45
C PHE C 170 -18.83 31.32 11.40
N TYR C 171 -17.95 31.23 10.43
CA TYR C 171 -18.03 32.12 9.30
C TYR C 171 -19.10 31.56 8.42
N ARG C 172 -19.88 32.39 7.75
CA ARG C 172 -20.97 31.86 6.95
C ARG C 172 -20.52 31.03 5.78
N LEU C 173 -19.28 31.17 5.35
CA LEU C 173 -18.82 30.41 4.21
C LEU C 173 -18.84 28.91 4.48
N ASP C 174 -18.77 28.52 5.76
CA ASP C 174 -18.73 27.14 6.14
C ASP C 174 -20.07 26.57 6.61
N VAL C 175 -21.11 27.37 6.59
CA VAL C 175 -22.39 26.92 7.12
C VAL C 175 -23.52 27.13 6.12
N VAL C 176 -24.31 26.09 5.87
CA VAL C 176 -25.41 26.23 4.92
C VAL C 176 -26.75 25.93 5.55
N GLN C 177 -27.76 26.66 5.08
CA GLN C 177 -29.14 26.55 5.62
C GLN C 177 -29.76 25.23 5.17
N ILE C 178 -30.42 24.53 6.09
CA ILE C 178 -31.13 23.30 5.79
C ILE C 178 -32.51 23.47 5.15
N ASN C 179 -33.35 24.40 5.68
CA ASN C 179 -34.75 24.66 5.25
C ASN C 179 -35.63 23.46 5.61
N ASN C 190 -33.68 32.30 14.40
CA ASN C 190 -32.98 31.05 14.66
C ASN C 190 -33.43 30.00 13.63
N LYS C 191 -32.52 29.65 12.67
CA LYS C 191 -32.76 28.69 11.58
C LYS C 191 -31.84 27.52 11.72
N GLU C 192 -32.25 26.41 11.13
CA GLU C 192 -31.43 25.21 11.15
C GLU C 192 -30.42 25.22 10.02
N TYR C 193 -29.19 24.91 10.38
CA TYR C 193 -28.01 24.85 9.52
C TYR C 193 -27.18 23.60 9.68
N ARG C 194 -26.38 23.31 8.68
CA ARG C 194 -25.44 22.20 8.72
C ARG C 194 -24.10 22.67 8.19
N LEU C 195 -23.04 21.94 8.46
CA LEU C 195 -21.77 22.37 7.92
C LEU C 195 -21.72 22.05 6.45
N ILE C 196 -21.02 22.89 5.71
CA ILE C 196 -20.92 22.75 4.26
C ILE C 196 -20.42 21.41 3.76
N ASN C 197 -19.54 20.73 4.46
CA ASN C 197 -19.04 19.45 3.97
C ASN C 197 -19.80 18.17 4.38
N CYS C 198 -20.96 18.28 5.09
CA CYS C 198 -21.74 17.13 5.52
C CYS C 198 -22.20 16.22 4.41
N ASN C 199 -22.45 16.73 3.23
CA ASN C 199 -22.92 15.84 2.20
C ASN C 199 -21.83 15.30 1.25
N THR C 200 -20.52 15.63 1.46
CA THR C 200 -19.43 15.15 0.58
C THR C 200 -18.29 14.44 1.28
N SER C 201 -17.97 14.79 2.51
CA SER C 201 -16.80 14.18 3.13
C SER C 201 -16.73 14.26 4.63
N ALA C 202 -15.86 13.43 5.21
CA ALA C 202 -15.57 13.57 6.62
C ALA C 202 -14.62 14.72 6.74
N ILE C 203 -14.63 15.42 7.85
CA ILE C 203 -13.73 16.52 8.01
C ILE C 203 -12.70 16.18 9.06
N THR C 204 -11.42 16.28 8.72
CA THR C 204 -10.39 15.99 9.71
C THR C 204 -9.83 17.27 10.25
N GLN C 205 -9.73 17.40 11.55
CA GLN C 205 -9.19 18.62 12.14
C GLN C 205 -7.71 18.59 11.99
N ALA C 206 -7.12 19.65 11.52
CA ALA C 206 -5.67 19.63 11.46
C ALA C 206 -5.18 19.74 12.90
N CYS C 207 -4.13 18.98 13.28
CA CYS C 207 -3.54 19.02 14.62
C CYS C 207 -2.87 20.39 14.86
N PRO C 208 -3.26 21.16 15.88
CA PRO C 208 -2.77 22.50 16.21
C PRO C 208 -1.29 22.61 16.47
N LYS C 209 -0.68 21.50 16.82
CA LYS C 209 0.75 21.48 17.13
C LYS C 209 1.61 21.26 15.89
N VAL C 210 0.98 20.98 14.76
CA VAL C 210 1.68 20.69 13.53
C VAL C 210 1.73 21.92 12.66
N SER C 211 2.93 22.26 12.22
CA SER C 211 3.07 23.43 11.38
C SER C 211 3.27 23.11 9.94
N PHE C 212 2.55 23.84 9.10
CA PHE C 212 2.68 23.64 7.67
C PHE C 212 3.47 24.76 7.02
N GLU C 213 4.09 25.60 7.84
CA GLU C 213 4.85 26.72 7.30
C GLU C 213 5.97 26.28 6.37
N PRO C 214 6.01 26.74 5.12
CA PRO C 214 7.01 26.37 4.15
C PRO C 214 8.42 26.68 4.61
N ILE C 215 9.29 25.71 4.43
CA ILE C 215 10.71 25.77 4.73
C ILE C 215 11.37 25.47 3.43
N PRO C 216 12.40 26.17 2.97
CA PRO C 216 13.04 25.84 1.72
C PRO C 216 13.48 24.40 1.76
N ILE C 217 13.22 23.66 0.69
CA ILE C 217 13.63 22.28 0.59
C ILE C 217 14.43 22.11 -0.66
N HIS C 218 15.21 21.04 -0.77
CA HIS C 218 16.03 20.87 -1.95
C HIS C 218 15.75 19.52 -2.55
N TYR C 219 15.64 19.45 -3.87
CA TYR C 219 15.46 18.15 -4.49
C TYR C 219 16.81 17.68 -5.00
N CYS C 220 17.19 16.43 -4.67
CA CYS C 220 18.50 15.85 -4.95
C CYS C 220 18.42 14.58 -5.79
N ALA C 221 19.36 14.46 -6.73
CA ALA C 221 19.42 13.30 -7.60
C ALA C 221 19.96 12.07 -6.89
N PRO C 222 19.47 10.86 -7.21
CA PRO C 222 19.98 9.57 -6.80
C PRO C 222 21.23 9.27 -7.59
N ALA C 223 22.05 8.34 -7.12
CA ALA C 223 23.24 8.00 -7.89
C ALA C 223 22.87 7.54 -9.28
N GLY C 224 23.68 7.97 -10.25
CA GLY C 224 23.48 7.66 -11.64
C GLY C 224 22.83 8.80 -12.38
N PHE C 225 22.37 9.79 -11.64
CA PHE C 225 21.71 10.97 -12.17
C PHE C 225 22.36 12.27 -11.73
N ALA C 226 22.12 13.31 -12.50
CA ALA C 226 22.63 14.64 -12.18
C ALA C 226 21.61 15.70 -12.56
N ILE C 227 21.66 16.85 -11.89
CA ILE C 227 20.75 17.92 -12.23
C ILE C 227 21.48 19.03 -12.96
N LEU C 228 21.02 19.36 -14.14
CA LEU C 228 21.66 20.39 -14.90
C LEU C 228 20.93 21.69 -14.65
N LYS C 229 21.70 22.75 -14.46
CA LYS C 229 21.13 24.06 -14.20
C LYS C 229 21.46 25.07 -15.31
N CYS C 230 20.45 25.87 -15.74
CA CYS C 230 20.56 26.95 -16.73
C CYS C 230 20.77 28.30 -16.03
N LYS C 231 21.86 28.96 -16.40
CA LYS C 231 22.25 30.26 -15.78
C LYS C 231 22.23 31.36 -16.86
N ASP C 232 21.34 31.22 -17.85
CA ASP C 232 21.08 32.27 -18.83
C ASP C 232 20.06 33.25 -18.26
N LYS C 233 20.49 34.49 -18.11
CA LYS C 233 19.75 35.56 -17.44
C LYS C 233 18.42 35.87 -18.10
N LYS C 234 18.29 35.55 -19.37
CA LYS C 234 17.08 35.81 -20.13
C LYS C 234 16.32 34.55 -20.48
N PHE C 235 16.67 33.41 -19.91
CA PHE C 235 16.00 32.20 -20.33
C PHE C 235 14.50 32.20 -20.03
N ASN C 236 13.71 31.79 -21.03
CA ASN C 236 12.21 31.92 -21.03
C ASN C 236 11.52 30.54 -20.97
N GLY C 237 12.24 29.48 -20.60
CA GLY C 237 11.70 28.13 -20.38
C GLY C 237 11.61 27.15 -21.54
N THR C 238 11.84 27.55 -22.78
CA THR C 238 11.69 26.58 -23.89
C THR C 238 12.78 26.53 -24.95
N GLY C 239 14.04 26.42 -24.57
CA GLY C 239 15.06 26.34 -25.61
C GLY C 239 16.48 26.14 -25.11
N PRO C 240 17.46 26.16 -26.02
CA PRO C 240 18.87 26.00 -25.78
C PRO C 240 19.35 27.04 -24.80
N CYS C 241 20.25 26.65 -23.90
CA CYS C 241 20.89 27.43 -22.87
C CYS C 241 22.36 27.10 -22.97
N THR C 242 23.16 28.12 -23.21
CA THR C 242 24.62 27.94 -23.41
C THR C 242 25.52 28.20 -22.19
N ASN C 243 24.89 28.61 -21.07
CA ASN C 243 25.60 28.86 -19.80
C ASN C 243 25.02 27.93 -18.72
N VAL C 244 25.65 26.76 -18.56
CA VAL C 244 25.15 25.68 -17.71
C VAL C 244 26.18 25.16 -16.74
N SER C 245 25.67 24.51 -15.72
CA SER C 245 26.47 23.88 -14.68
C SER C 245 25.77 22.64 -14.14
N THR C 246 26.51 21.83 -13.41
CA THR C 246 25.92 20.64 -12.81
C THR C 246 25.95 20.67 -11.30
N VAL C 247 24.81 20.34 -10.73
CA VAL C 247 24.64 20.24 -9.31
C VAL C 247 23.99 18.92 -8.99
N GLN C 248 24.10 18.48 -7.75
CA GLN C 248 23.33 17.31 -7.39
C GLN C 248 22.00 17.62 -6.69
N CYS C 249 21.86 18.83 -6.09
CA CYS C 249 20.68 19.32 -5.36
C CYS C 249 20.31 20.70 -5.90
N THR C 250 19.01 20.98 -5.96
CA THR C 250 18.50 22.28 -6.38
C THR C 250 18.69 23.26 -5.27
N HIS C 251 18.49 24.53 -5.56
CA HIS C 251 18.53 25.56 -4.54
C HIS C 251 17.34 25.30 -3.65
N GLY C 252 17.33 25.91 -2.46
CA GLY C 252 16.16 25.68 -1.63
C GLY C 252 14.95 26.40 -2.20
N ILE C 253 13.85 25.69 -2.27
CA ILE C 253 12.59 26.19 -2.75
C ILE C 253 11.53 26.12 -1.70
N LYS C 254 10.84 27.22 -1.45
CA LYS C 254 9.79 27.17 -0.45
C LYS C 254 8.50 26.70 -1.10
N PRO C 255 7.85 25.65 -0.61
CA PRO C 255 6.61 25.10 -1.13
C PRO C 255 5.42 25.93 -0.69
N VAL C 256 5.36 27.16 -1.17
CA VAL C 256 4.29 28.07 -0.84
C VAL C 256 3.11 27.80 -1.74
N VAL C 257 1.93 27.66 -1.18
CA VAL C 257 0.76 27.37 -1.99
C VAL C 257 -0.19 28.55 -2.08
N SER C 258 -0.39 29.06 -3.30
CA SER C 258 -1.28 30.19 -3.54
C SER C 258 -1.70 30.25 -4.99
N THR C 259 -2.72 31.07 -5.26
CA THR C 259 -3.15 31.34 -6.64
C THR C 259 -3.06 32.81 -6.99
N GLN C 260 -3.17 33.13 -8.27
CA GLN C 260 -3.19 34.51 -8.82
C GLN C 260 -1.88 35.27 -8.62
N LEU C 261 -1.53 35.54 -7.37
CA LEU C 261 -0.28 36.21 -7.04
C LEU C 261 0.57 35.24 -6.27
N LEU C 262 1.76 35.02 -6.80
CA LEU C 262 2.65 34.06 -6.22
C LEU C 262 3.48 34.77 -5.20
N LEU C 263 3.61 34.16 -4.05
CA LEU C 263 4.33 34.77 -2.97
C LEU C 263 5.64 34.07 -2.62
N ASN C 264 6.61 34.87 -2.12
CA ASN C 264 7.90 34.49 -1.55
C ASN C 264 8.76 33.60 -2.45
N GLY C 265 8.78 33.84 -3.78
CA GLY C 265 9.59 33.11 -4.76
C GLY C 265 10.84 33.90 -5.09
N SER C 266 11.52 33.50 -6.14
CA SER C 266 12.72 34.18 -6.56
C SER C 266 12.35 35.31 -7.49
N LEU C 267 13.19 36.32 -7.55
CA LEU C 267 13.00 37.40 -8.50
C LEU C 267 13.89 37.23 -9.69
N ALA C 268 13.45 37.79 -10.79
CA ALA C 268 14.22 37.83 -12.01
C ALA C 268 15.41 38.71 -11.71
N GLU C 269 16.57 38.43 -12.29
CA GLU C 269 17.72 39.23 -11.93
C GLU C 269 17.94 40.51 -12.72
N GLU C 270 17.54 40.54 -13.98
CA GLU C 270 17.79 41.73 -14.79
C GLU C 270 16.53 42.48 -15.22
N GLU C 271 15.50 41.72 -15.55
CA GLU C 271 14.27 42.34 -16.03
C GLU C 271 13.13 41.40 -15.81
N VAL C 272 11.93 41.93 -15.93
CA VAL C 272 10.75 41.11 -15.81
C VAL C 272 10.76 40.08 -16.94
N ILE C 273 10.53 38.82 -16.64
CA ILE C 273 10.51 37.82 -17.68
C ILE C 273 9.11 37.24 -17.82
N ILE C 274 8.59 37.22 -19.03
CA ILE C 274 7.29 36.66 -19.26
C ILE C 274 7.41 35.35 -19.99
N ARG C 275 6.89 34.29 -19.39
CA ARG C 275 7.01 32.95 -19.96
C ARG C 275 5.65 32.33 -20.27
N SER C 276 5.55 31.66 -21.39
CA SER C 276 4.33 30.98 -21.77
C SER C 276 4.63 29.81 -22.68
N GLU C 277 3.87 28.74 -22.56
CA GLU C 277 4.05 27.58 -23.43
C GLU C 277 3.71 27.85 -24.91
N ASN C 278 2.61 28.60 -25.15
CA ASN C 278 2.03 28.95 -26.44
C ASN C 278 1.43 30.36 -26.30
N ILE C 279 2.25 31.43 -26.58
CA ILE C 279 1.90 32.84 -26.28
C ILE C 279 0.69 33.36 -27.04
N THR C 280 0.43 32.78 -28.19
CA THR C 280 -0.69 33.17 -29.03
C THR C 280 -1.98 32.41 -28.71
N ASN C 281 -1.90 31.48 -27.77
CA ASN C 281 -3.01 30.64 -27.41
C ASN C 281 -3.65 31.05 -26.09
N ASN C 282 -4.90 31.52 -26.14
CA ASN C 282 -5.60 32.03 -24.95
C ASN C 282 -5.88 30.92 -23.93
N ALA C 283 -5.67 29.66 -24.32
CA ALA C 283 -5.87 28.52 -23.45
C ALA C 283 -4.70 28.29 -22.49
N LYS C 284 -3.60 29.00 -22.68
CA LYS C 284 -2.44 28.81 -21.81
C LYS C 284 -2.30 29.95 -20.84
N ASN C 285 -1.71 29.67 -19.68
CA ASN C 285 -1.48 30.71 -18.71
C ASN C 285 -0.16 31.39 -18.99
N ILE C 286 -0.08 32.64 -18.62
CA ILE C 286 1.15 33.39 -18.76
C ILE C 286 1.77 33.57 -17.40
N LEU C 287 3.00 33.12 -17.26
CA LEU C 287 3.66 33.21 -15.98
C LEU C 287 4.59 34.41 -16.01
N VAL C 288 4.29 35.39 -15.21
CA VAL C 288 5.06 36.61 -15.24
C VAL C 288 5.90 36.69 -14.00
N GLN C 289 7.21 36.73 -14.16
CA GLN C 289 7.98 36.81 -12.94
C GLN C 289 8.15 38.28 -12.73
N LEU C 290 8.80 38.69 -11.66
CA LEU C 290 9.06 40.11 -11.45
C LEU C 290 10.52 40.22 -11.12
N ASN C 291 11.19 41.36 -11.46
CA ASN C 291 12.59 41.62 -11.10
C ASN C 291 12.74 42.49 -9.82
N GLU C 292 11.61 42.86 -9.18
CA GLU C 292 11.49 43.66 -7.96
C GLU C 292 10.23 43.16 -7.31
N SER C 293 10.24 42.92 -6.01
CA SER C 293 9.05 42.44 -5.33
C SER C 293 8.09 43.54 -4.96
N VAL C 294 6.84 43.16 -4.69
CA VAL C 294 5.86 44.10 -4.17
C VAL C 294 5.47 43.66 -2.78
N GLN C 295 5.60 44.53 -1.80
CA GLN C 295 5.26 44.11 -0.46
C GLN C 295 3.78 44.20 -0.21
N ILE C 296 3.22 43.13 0.34
CA ILE C 296 1.81 43.05 0.69
C ILE C 296 1.62 42.70 2.19
N ASN C 297 0.84 43.54 2.93
CA ASN C 297 0.56 43.43 4.37
C ASN C 297 -0.87 42.96 4.62
N CYS C 298 -1.06 41.72 5.17
CA CYS C 298 -2.38 41.13 5.38
C CYS C 298 -2.66 40.90 6.86
N THR C 299 -3.86 41.29 7.28
CA THR C 299 -4.29 41.06 8.65
C THR C 299 -5.70 40.57 8.83
N ARG C 300 -5.91 40.00 10.00
CA ARG C 300 -7.19 39.62 10.54
C ARG C 300 -7.27 40.35 11.88
N PRO C 301 -7.92 41.52 11.93
CA PRO C 301 -7.93 42.46 13.06
C PRO C 301 -8.61 42.03 14.35
N ASN C 302 -9.49 41.06 14.31
CA ASN C 302 -10.17 40.67 15.53
C ASN C 302 -9.31 39.82 16.43
N ASN C 303 -9.49 39.96 17.77
CA ASN C 303 -8.77 39.22 18.81
C ASN C 303 -9.63 38.03 19.25
N ASN C 304 -9.38 36.83 18.63
CA ASN C 304 -10.23 35.64 18.86
C ASN C 304 -9.86 34.88 20.11
N THR C 305 -10.88 34.44 20.85
CA THR C 305 -10.65 33.62 22.03
C THR C 305 -11.05 32.20 21.76
N VAL C 306 -10.05 31.33 21.68
CA VAL C 306 -10.23 29.94 21.35
C VAL C 306 -10.49 29.06 22.55
N LYS C 307 -11.48 28.19 22.42
CA LYS C 307 -11.88 27.26 23.45
C LYS C 307 -11.81 25.84 22.93
N SER C 308 -11.72 24.87 23.83
CA SER C 308 -11.71 23.50 23.35
C SER C 308 -12.50 22.58 24.24
N ILE C 309 -13.06 21.56 23.60
CA ILE C 309 -13.88 20.53 24.23
C ILE C 309 -13.54 19.10 23.81
N ARG C 310 -13.58 18.15 24.75
CA ARG C 310 -13.41 16.78 24.33
C ARG C 310 -14.65 16.28 23.65
N ILE C 311 -14.48 15.62 22.51
CA ILE C 311 -15.60 15.02 21.81
C ILE C 311 -15.56 13.52 21.99
N GLY C 312 -14.44 13.05 22.54
CA GLY C 312 -14.27 11.63 22.76
C GLY C 312 -13.02 11.35 23.62
N PRO C 313 -12.61 10.10 23.76
CA PRO C 313 -11.56 9.65 24.62
C PRO C 313 -10.19 10.07 24.17
N GLY C 314 -9.83 11.29 24.54
CA GLY C 314 -8.55 11.90 24.17
C GLY C 314 -8.65 12.71 22.90
N GLN C 315 -9.87 12.94 22.43
CA GLN C 315 -10.06 13.68 21.21
C GLN C 315 -10.62 15.05 21.44
N TRP C 316 -9.81 16.06 21.16
CA TRP C 316 -10.20 17.43 21.39
C TRP C 316 -10.56 18.18 20.13
N PHE C 317 -11.61 18.97 20.23
CA PHE C 317 -12.10 19.86 19.19
C PHE C 317 -11.87 21.30 19.55
N TYR C 318 -11.31 22.05 18.63
CA TYR C 318 -11.04 23.46 18.87
C TYR C 318 -12.00 24.34 18.14
N TYR C 319 -12.48 25.37 18.81
CA TYR C 319 -13.43 26.26 18.17
C TYR C 319 -13.27 27.68 18.64
N THR C 320 -13.93 28.57 17.95
CA THR C 320 -13.77 30.00 18.12
C THR C 320 -14.23 30.68 19.37
N GLY C 321 -15.00 30.06 20.23
CA GLY C 321 -15.30 30.78 21.45
C GLY C 321 -16.02 32.06 21.16
N ASP C 322 -15.33 33.17 21.44
CA ASP C 322 -15.93 34.49 21.23
C ASP C 322 -14.89 35.51 20.72
N ILE C 323 -15.32 36.73 20.45
CA ILE C 323 -14.42 37.73 19.88
C ILE C 323 -14.33 39.03 20.65
N ILE C 324 -13.10 39.44 20.87
CA ILE C 324 -12.80 40.68 21.54
C ILE C 324 -12.56 41.80 20.54
N GLY C 325 -13.30 42.89 20.73
CA GLY C 325 -13.22 44.06 19.87
C GLY C 325 -14.38 44.09 18.89
N ASP C 326 -14.53 45.20 18.18
CA ASP C 326 -15.60 45.32 17.20
C ASP C 326 -15.26 44.41 16.06
N ILE C 327 -16.24 43.89 15.35
CA ILE C 327 -15.94 43.02 14.25
C ILE C 327 -15.66 43.81 13.00
N ARG C 328 -14.49 43.53 12.44
CA ARG C 328 -13.97 44.20 11.25
C ARG C 328 -13.49 43.12 10.31
N GLN C 329 -13.36 43.40 9.04
CA GLN C 329 -12.93 42.30 8.19
C GLN C 329 -11.46 42.19 8.01
N ALA C 330 -11.08 41.14 7.30
CA ALA C 330 -9.72 40.88 6.97
C ALA C 330 -9.41 41.68 5.74
N HIS C 331 -8.17 42.07 5.60
CA HIS C 331 -7.80 42.82 4.43
C HIS C 331 -6.28 42.78 4.17
N CYS C 332 -5.88 43.10 2.92
CA CYS C 332 -4.47 43.22 2.49
C CYS C 332 -4.17 44.57 1.86
N ASN C 333 -3.03 45.14 2.21
CA ASN C 333 -2.58 46.42 1.71
C ASN C 333 -1.39 46.30 0.75
N VAL C 334 -1.57 46.82 -0.49
CA VAL C 334 -0.56 46.86 -1.56
C VAL C 334 -0.31 48.32 -1.91
N SER C 335 0.93 48.81 -1.86
CA SER C 335 1.12 50.23 -2.15
C SER C 335 0.70 50.53 -3.57
N LYS C 336 -0.14 51.57 -3.79
CA LYS C 336 -0.59 51.84 -5.14
C LYS C 336 0.51 52.26 -6.06
N ALA C 337 1.44 53.08 -5.58
CA ALA C 337 2.49 53.54 -6.47
C ALA C 337 3.37 52.38 -6.91
N THR C 338 3.69 51.49 -5.98
CA THR C 338 4.56 50.37 -6.30
C THR C 338 3.86 49.49 -7.29
N TRP C 339 2.58 49.24 -7.04
CA TRP C 339 1.82 48.38 -7.90
C TRP C 339 1.77 48.95 -9.30
N ASN C 340 1.52 50.24 -9.46
CA ASN C 340 1.46 50.77 -10.80
C ASN C 340 2.78 50.71 -11.53
N GLU C 341 3.89 50.91 -10.82
CA GLU C 341 5.17 50.82 -11.49
C GLU C 341 5.44 49.41 -11.96
N THR C 342 5.09 48.46 -11.10
CA THR C 342 5.33 47.07 -11.39
C THR C 342 4.50 46.64 -12.56
N LEU C 343 3.24 47.05 -12.56
CA LEU C 343 2.35 46.64 -13.61
C LEU C 343 2.78 47.27 -14.91
N GLY C 344 3.24 48.52 -14.87
CA GLY C 344 3.68 49.19 -16.09
C GLY C 344 4.82 48.44 -16.76
N LYS C 345 5.74 47.88 -15.97
CA LYS C 345 6.85 47.10 -16.53
C LYS C 345 6.32 45.85 -17.22
N VAL C 346 5.33 45.21 -16.60
CA VAL C 346 4.74 44.03 -17.19
C VAL C 346 4.09 44.37 -18.51
N VAL C 347 3.38 45.49 -18.55
CA VAL C 347 2.71 45.89 -19.77
C VAL C 347 3.69 46.13 -20.88
N LYS C 348 4.80 46.80 -20.61
CA LYS C 348 5.75 47.04 -21.68
C LYS C 348 6.20 45.72 -22.31
N GLN C 349 6.47 44.72 -21.48
CA GLN C 349 6.91 43.47 -22.05
C GLN C 349 5.78 42.69 -22.71
N LEU C 350 4.56 42.87 -22.23
CA LEU C 350 3.49 42.20 -22.90
C LEU C 350 3.39 42.78 -24.31
N ARG C 351 3.61 44.09 -24.47
CA ARG C 351 3.59 44.70 -25.80
C ARG C 351 4.71 44.13 -26.65
N LYS C 352 5.87 43.84 -26.07
CA LYS C 352 6.92 43.27 -26.90
C LYS C 352 6.40 41.99 -27.59
N HIS C 353 5.58 41.21 -26.87
CA HIS C 353 4.99 40.01 -27.46
C HIS C 353 3.73 40.26 -28.30
N PHE C 354 2.91 41.25 -27.92
CA PHE C 354 1.63 41.49 -28.59
C PHE C 354 1.49 42.71 -29.51
N GLY C 355 2.54 43.52 -29.67
CA GLY C 355 2.56 44.70 -30.53
C GLY C 355 2.68 46.04 -29.78
N ASN C 356 3.47 46.99 -30.34
CA ASN C 356 3.77 48.31 -29.77
C ASN C 356 2.52 49.22 -29.63
N ASN C 357 1.51 49.07 -30.51
CA ASN C 357 0.28 49.86 -30.52
C ASN C 357 -0.87 49.11 -29.88
N THR C 358 -0.58 47.99 -29.26
CA THR C 358 -1.61 47.19 -28.62
C THR C 358 -1.92 47.74 -27.25
N ILE C 359 -3.21 47.85 -26.99
CA ILE C 359 -3.71 48.33 -25.72
C ILE C 359 -3.86 47.17 -24.78
N ILE C 360 -3.32 47.34 -23.60
CA ILE C 360 -3.43 46.28 -22.63
C ILE C 360 -4.32 46.63 -21.49
N ARG C 361 -5.40 45.91 -21.40
CA ARG C 361 -6.37 46.13 -20.38
C ARG C 361 -6.34 45.01 -19.40
N PHE C 362 -6.38 45.36 -18.15
CA PHE C 362 -6.43 44.39 -17.11
C PHE C 362 -7.83 44.41 -16.55
N ALA C 363 -8.25 43.26 -16.10
CA ALA C 363 -9.57 43.09 -15.53
C ALA C 363 -9.49 42.04 -14.45
N ASN C 364 -10.55 41.92 -13.63
CA ASN C 364 -10.63 40.92 -12.55
C ASN C 364 -11.03 39.55 -13.13
N SER C 365 -11.15 38.52 -12.26
CA SER C 365 -11.45 37.14 -12.61
C SER C 365 -12.87 36.98 -13.14
N SER C 366 -13.12 35.89 -13.87
CA SER C 366 -14.40 35.68 -14.50
C SER C 366 -15.52 35.02 -13.71
N GLY C 367 -15.19 34.31 -12.64
CA GLY C 367 -16.23 33.62 -11.88
C GLY C 367 -15.85 32.17 -11.66
N GLY C 368 -16.50 31.55 -10.68
CA GLY C 368 -16.20 30.18 -10.31
C GLY C 368 -16.13 30.11 -8.80
N ASP C 369 -15.57 29.03 -8.28
CA ASP C 369 -15.47 28.87 -6.84
C ASP C 369 -14.60 29.96 -6.25
N LEU C 370 -14.81 30.29 -4.99
CA LEU C 370 -14.01 31.29 -4.33
C LEU C 370 -12.53 30.96 -4.49
N GLU C 371 -12.16 29.68 -4.44
CA GLU C 371 -10.77 29.30 -4.58
C GLU C 371 -10.13 29.81 -5.85
N VAL C 372 -10.86 29.88 -6.95
CA VAL C 372 -10.25 30.28 -8.20
C VAL C 372 -10.58 31.69 -8.61
N THR C 373 -11.52 32.35 -7.94
CA THR C 373 -11.80 33.72 -8.31
C THR C 373 -11.00 34.71 -7.47
N THR C 374 -10.53 34.28 -6.29
CA THR C 374 -9.80 35.15 -5.39
C THR C 374 -8.38 34.70 -5.07
N HIS C 375 -7.64 35.58 -4.45
CA HIS C 375 -6.27 35.32 -4.08
C HIS C 375 -6.21 34.46 -2.87
N SER C 376 -6.20 33.17 -3.08
CA SER C 376 -6.14 32.27 -1.96
C SER C 376 -4.73 32.04 -1.52
N PHE C 377 -4.51 32.16 -0.22
CA PHE C 377 -3.22 31.93 0.42
C PHE C 377 -3.43 31.61 1.89
N ASN C 378 -2.39 31.15 2.56
CA ASN C 378 -2.43 30.87 3.99
C ASN C 378 -1.28 31.51 4.72
N CYS C 379 -1.53 32.35 5.75
CA CYS C 379 -0.46 32.95 6.54
C CYS C 379 -0.89 33.02 7.99
N GLY C 380 0.05 32.78 8.87
CA GLY C 380 -0.22 32.85 10.29
C GLY C 380 -0.93 31.58 10.71
N GLY C 381 -1.11 30.68 9.74
CA GLY C 381 -1.82 29.44 9.84
C GLY C 381 -3.26 29.56 9.36
N GLU C 382 -3.73 30.79 9.13
CA GLU C 382 -5.12 31.01 8.70
C GLU C 382 -5.33 31.07 7.18
N PHE C 383 -6.53 30.69 6.72
CA PHE C 383 -6.84 30.68 5.29
C PHE C 383 -7.60 31.90 4.78
N PHE C 384 -6.94 32.65 3.91
CA PHE C 384 -7.46 33.90 3.38
C PHE C 384 -7.86 33.80 1.93
N TYR C 385 -8.97 34.44 1.61
CA TYR C 385 -9.45 34.57 0.24
C TYR C 385 -9.66 36.04 -0.10
N CYS C 386 -8.66 36.69 -0.76
CA CYS C 386 -8.64 38.15 -0.95
C CYS C 386 -9.03 38.56 -2.37
N ASN C 387 -9.81 39.59 -2.45
CA ASN C 387 -10.28 40.13 -3.72
C ASN C 387 -9.13 40.85 -4.43
N THR C 388 -8.98 40.66 -5.77
CA THR C 388 -7.95 41.31 -6.60
C THR C 388 -8.55 42.34 -7.55
N SER C 389 -9.82 42.65 -7.38
CA SER C 389 -10.44 43.63 -8.27
C SER C 389 -9.80 44.99 -8.16
N GLY C 390 -9.20 45.29 -7.02
CA GLY C 390 -8.52 46.54 -6.80
C GLY C 390 -7.11 46.57 -7.38
N LEU C 391 -6.61 45.44 -7.85
CA LEU C 391 -5.26 45.40 -8.40
C LEU C 391 -5.28 45.38 -9.92
N PHE C 392 -6.29 44.74 -10.49
CA PHE C 392 -6.30 44.60 -11.94
C PHE C 392 -7.24 45.53 -12.73
N ASN C 393 -7.84 46.53 -12.09
CA ASN C 393 -8.79 47.46 -12.70
C ASN C 393 -8.03 48.63 -13.39
N SER C 394 -7.49 48.39 -14.63
CA SER C 394 -6.69 49.44 -15.35
C SER C 394 -6.61 49.25 -16.86
N THR C 395 -6.35 50.35 -17.60
CA THR C 395 -6.09 50.24 -19.04
C THR C 395 -4.81 50.99 -19.37
N TRP C 396 -3.90 50.32 -20.06
CA TRP C 396 -2.62 50.89 -20.41
C TRP C 396 -2.47 51.25 -21.89
N ILE C 397 -2.27 52.54 -22.12
CA ILE C 397 -2.13 53.12 -23.45
C ILE C 397 -0.87 53.98 -23.49
N SER C 398 -0.37 54.31 -24.71
CA SER C 398 0.77 55.18 -24.96
C SER C 398 0.69 55.63 -26.42
N ASN C 411 0.13 56.87 2.48
CA ASN C 411 0.90 56.50 1.30
C ASN C 411 0.08 55.74 0.22
N ASP C 412 -1.26 55.96 0.18
CA ASP C 412 -2.21 55.46 -0.83
C ASP C 412 -2.22 53.94 -1.09
N SER C 413 -2.27 53.13 -0.05
CA SER C 413 -2.35 51.69 -0.27
C SER C 413 -3.70 51.30 -0.85
N ILE C 414 -3.69 50.27 -1.67
CA ILE C 414 -4.88 49.66 -2.20
C ILE C 414 -5.32 48.68 -1.17
N THR C 415 -6.57 48.75 -0.73
CA THR C 415 -7.01 47.79 0.28
C THR C 415 -7.88 46.75 -0.37
N LEU C 416 -7.49 45.51 -0.18
CA LEU C 416 -8.18 44.37 -0.74
C LEU C 416 -8.97 43.70 0.38
N PRO C 417 -10.29 43.58 0.31
CA PRO C 417 -11.07 42.93 1.34
C PRO C 417 -10.74 41.45 1.23
N CYS C 418 -10.73 40.72 2.36
CA CYS C 418 -10.47 39.29 2.44
C CYS C 418 -11.48 38.59 3.32
N ARG C 419 -11.76 37.35 3.01
CA ARG C 419 -12.60 36.54 3.88
C ARG C 419 -11.85 35.35 4.41
N ILE C 420 -12.31 34.89 5.55
CA ILE C 420 -11.69 33.76 6.23
C ILE C 420 -12.58 32.56 6.17
N LYS C 421 -12.00 31.42 5.85
CA LYS C 421 -12.79 30.19 5.77
C LYS C 421 -12.11 29.13 6.63
N GLN C 422 -12.87 28.28 7.33
CA GLN C 422 -12.27 27.24 8.18
C GLN C 422 -12.38 25.86 7.60
N ILE C 423 -13.45 25.57 6.87
CA ILE C 423 -13.53 24.23 6.30
C ILE C 423 -13.00 24.29 4.89
N ILE C 424 -11.86 23.67 4.72
CA ILE C 424 -11.12 23.78 3.49
C ILE C 424 -11.05 22.52 2.67
N ASN C 425 -11.43 22.62 1.41
CA ASN C 425 -11.24 21.51 0.50
C ASN C 425 -9.92 21.89 -0.07
N MET C 426 -9.09 20.95 -0.46
CA MET C 426 -7.81 21.37 -0.99
C MET C 426 -7.43 20.44 -2.12
N TRP C 427 -6.65 20.96 -3.07
CA TRP C 427 -6.10 20.21 -4.20
C TRP C 427 -7.19 19.70 -5.12
N GLN C 428 -8.35 20.32 -5.01
CA GLN C 428 -9.54 20.03 -5.78
C GLN C 428 -10.00 18.59 -5.62
N ARG C 429 -9.81 18.00 -4.45
CA ARG C 429 -10.28 16.66 -4.22
C ARG C 429 -11.61 16.71 -3.50
N ILE C 430 -12.64 16.27 -4.18
CA ILE C 430 -14.00 16.37 -3.67
C ILE C 430 -14.24 15.62 -2.38
N GLY C 431 -13.68 14.44 -2.27
CA GLY C 431 -13.94 13.60 -1.10
C GLY C 431 -13.16 13.92 0.16
N GLN C 432 -12.28 14.91 0.13
CA GLN C 432 -11.52 15.21 1.34
C GLN C 432 -11.89 16.54 1.91
N ALA C 433 -11.71 16.71 3.22
CA ALA C 433 -11.90 18.03 3.82
C ALA C 433 -11.11 18.16 5.07
N MET C 434 -10.69 19.38 5.35
CA MET C 434 -9.97 19.70 6.54
C MET C 434 -10.58 20.81 7.34
N TYR C 435 -10.56 20.68 8.65
CA TYR C 435 -11.01 21.76 9.49
C TYR C 435 -9.84 22.47 10.09
N ALA C 436 -9.67 23.72 9.76
CA ALA C 436 -8.57 24.45 10.30
C ALA C 436 -8.99 24.97 11.65
N PRO C 437 -8.30 24.63 12.75
CA PRO C 437 -8.70 25.05 14.05
C PRO C 437 -8.44 26.53 14.04
N PRO C 438 -9.16 27.33 14.80
CA PRO C 438 -8.98 28.74 14.93
C PRO C 438 -7.75 29.06 15.70
N ILE C 439 -7.23 30.23 15.42
CA ILE C 439 -6.04 30.75 16.05
C ILE C 439 -6.34 31.89 16.98
N GLN C 440 -5.88 31.74 18.21
CA GLN C 440 -6.09 32.72 19.25
C GLN C 440 -5.32 33.99 18.99
N GLY C 441 -5.96 35.12 19.24
CA GLY C 441 -5.30 36.39 19.09
C GLY C 441 -5.56 37.04 17.73
N VAL C 442 -4.61 37.88 17.32
CA VAL C 442 -4.73 38.71 16.13
C VAL C 442 -3.67 38.27 15.12
N ILE C 443 -4.04 38.15 13.86
CA ILE C 443 -3.08 37.68 12.86
C ILE C 443 -2.59 38.74 11.92
N ARG C 444 -1.27 38.79 11.78
CA ARG C 444 -0.62 39.69 10.84
C ARG C 444 0.50 38.94 10.11
N CYS C 445 0.66 39.19 8.79
CA CYS C 445 1.76 38.64 7.99
C CYS C 445 2.18 39.64 6.91
N VAL C 446 3.46 39.64 6.60
CA VAL C 446 3.98 40.44 5.51
C VAL C 446 4.72 39.55 4.52
N SER C 447 4.36 39.65 3.25
CA SER C 447 4.97 38.81 2.23
C SER C 447 5.33 39.56 0.96
N ASN C 448 6.14 38.92 0.08
CA ASN C 448 6.62 39.46 -1.20
C ASN C 448 5.83 38.86 -2.38
N ILE C 449 5.28 39.72 -3.28
CA ILE C 449 4.67 39.26 -4.54
C ILE C 449 5.83 39.19 -5.49
N THR C 450 6.10 38.00 -5.99
CA THR C 450 7.25 37.75 -6.84
C THR C 450 6.89 37.26 -8.22
N GLY C 451 5.61 37.32 -8.54
CA GLY C 451 5.12 36.90 -9.84
C GLY C 451 3.61 36.82 -9.89
N LEU C 452 3.10 36.80 -11.10
CA LEU C 452 1.67 36.74 -11.39
C LEU C 452 1.30 35.63 -12.35
N ILE C 453 0.09 35.10 -12.21
CA ILE C 453 -0.37 34.20 -13.26
C ILE C 453 -1.54 34.85 -13.97
N LEU C 454 -1.34 35.14 -15.26
CA LEU C 454 -2.37 35.80 -16.03
C LEU C 454 -3.01 34.88 -17.04
N THR C 455 -4.29 35.10 -17.29
CA THR C 455 -5.04 34.35 -18.26
C THR C 455 -5.63 35.35 -19.23
N ARG C 456 -4.97 35.55 -20.36
CA ARG C 456 -5.47 36.58 -21.26
C ARG C 456 -6.58 36.00 -22.08
N ASP C 457 -7.47 36.87 -22.54
CA ASP C 457 -8.53 36.44 -23.43
C ASP C 457 -8.92 37.58 -24.37
N GLY C 458 -9.87 37.27 -25.25
CA GLY C 458 -10.36 38.21 -26.23
C GLY C 458 -9.35 38.38 -27.36
N GLY C 459 -9.50 39.47 -28.12
CA GLY C 459 -8.63 39.76 -29.25
C GLY C 459 -9.02 39.02 -30.52
N SER C 460 -10.13 38.30 -30.45
CA SER C 460 -10.63 37.45 -31.53
C SER C 460 -11.11 38.21 -32.75
N THR C 461 -11.30 39.51 -32.57
CA THR C 461 -11.77 40.41 -33.60
C THR C 461 -10.66 41.34 -34.05
N ASN C 462 -9.42 41.12 -33.55
CA ASN C 462 -8.30 42.00 -33.89
C ASN C 462 -8.62 43.46 -33.59
N SER C 463 -9.23 43.69 -32.42
CA SER C 463 -9.63 45.00 -31.92
C SER C 463 -8.48 45.88 -31.50
N THR C 464 -7.31 45.26 -31.35
CA THR C 464 -6.02 45.82 -30.89
C THR C 464 -5.98 46.03 -29.39
N THR C 465 -7.06 45.66 -28.69
CA THR C 465 -7.08 45.72 -27.24
C THR C 465 -7.22 44.30 -26.71
N GLU C 466 -6.31 43.90 -25.84
CA GLU C 466 -6.29 42.56 -25.27
C GLU C 466 -6.69 42.64 -23.80
N THR C 467 -7.31 41.59 -23.24
CA THR C 467 -7.64 41.64 -21.81
C THR C 467 -6.91 40.59 -21.00
N PHE C 468 -6.28 41.02 -19.93
CA PHE C 468 -5.53 40.15 -19.04
C PHE C 468 -6.17 40.03 -17.67
N ARG C 469 -6.61 38.82 -17.32
CA ARG C 469 -7.27 38.63 -16.04
C ARG C 469 -6.36 37.78 -15.18
N PRO C 470 -6.36 37.88 -13.87
CA PRO C 470 -5.62 36.99 -13.00
C PRO C 470 -6.31 35.66 -12.98
N GLY C 471 -5.57 34.57 -12.78
CA GLY C 471 -6.26 33.30 -12.62
C GLY C 471 -5.39 32.04 -12.74
N GLY C 472 -6.05 30.90 -12.56
CA GLY C 472 -5.47 29.56 -12.62
C GLY C 472 -5.40 28.91 -11.24
N GLY C 473 -6.19 27.86 -11.04
CA GLY C 473 -6.26 27.18 -9.73
C GLY C 473 -5.31 26.00 -9.59
N ASP C 474 -4.54 25.73 -10.64
CA ASP C 474 -3.61 24.60 -10.63
C ASP C 474 -2.31 25.03 -10.00
N MET C 475 -1.90 24.31 -8.98
CA MET C 475 -0.72 24.65 -8.21
C MET C 475 0.55 24.29 -8.96
N ARG C 476 0.44 23.44 -9.96
CA ARG C 476 1.61 23.02 -10.71
C ARG C 476 2.34 24.20 -11.30
N ASP C 477 1.60 25.21 -11.74
CA ASP C 477 2.24 26.37 -12.33
C ASP C 477 3.10 27.13 -11.33
N ASN C 478 2.77 27.05 -10.04
CA ASN C 478 3.61 27.75 -9.10
C ASN C 478 4.87 26.96 -8.92
N TRP C 479 4.78 25.63 -8.93
CA TRP C 479 6.01 24.88 -8.72
C TRP C 479 6.93 25.08 -9.92
N ARG C 480 6.35 25.25 -11.11
CA ARG C 480 7.14 25.44 -12.32
C ARG C 480 8.02 26.66 -12.20
N SER C 481 7.54 27.70 -11.54
CA SER C 481 8.29 28.94 -11.49
C SER C 481 9.63 28.85 -10.79
N GLU C 482 9.87 27.85 -9.95
CA GLU C 482 11.18 27.75 -9.31
C GLU C 482 12.03 26.63 -9.91
N LEU C 483 11.46 25.87 -10.85
CA LEU C 483 12.14 24.73 -11.42
C LEU C 483 12.44 24.85 -12.90
N TYR C 484 12.22 26.03 -13.46
CA TYR C 484 12.39 26.24 -14.89
C TYR C 484 13.81 26.14 -15.34
N LYS C 485 14.73 26.33 -14.42
CA LYS C 485 16.12 26.30 -14.74
C LYS C 485 16.74 24.94 -14.49
N TYR C 486 15.96 23.95 -14.05
CA TYR C 486 16.59 22.67 -13.77
C TYR C 486 16.10 21.54 -14.65
N LYS C 487 17.00 20.63 -14.97
CA LYS C 487 16.66 19.43 -15.71
C LYS C 487 17.36 18.19 -15.17
N VAL C 488 16.71 17.03 -15.21
CA VAL C 488 17.34 15.81 -14.72
C VAL C 488 17.78 14.89 -15.84
N VAL C 489 19.04 14.48 -15.78
CA VAL C 489 19.56 13.57 -16.78
C VAL C 489 20.21 12.34 -16.16
N LYS C 490 20.23 11.28 -16.93
CA LYS C 490 20.86 10.02 -16.58
C LYS C 490 22.22 9.95 -17.21
N ILE C 491 23.18 9.49 -16.46
CA ILE C 491 24.53 9.41 -16.96
C ILE C 491 24.73 8.07 -17.65
N GLU C 492 25.29 8.11 -18.86
CA GLU C 492 25.50 6.92 -19.68
C GLU C 492 26.98 6.71 -20.01
N PRO C 493 27.78 6.06 -19.15
CA PRO C 493 29.22 5.97 -19.20
C PRO C 493 29.83 5.06 -20.26
N LEU C 494 29.05 4.27 -20.96
CA LEU C 494 29.66 3.33 -21.91
C LEU C 494 29.48 3.75 -23.37
N GLY C 495 30.55 3.65 -24.17
CA GLY C 495 30.41 3.95 -25.60
C GLY C 495 31.57 3.45 -26.47
N VAL C 496 31.38 3.54 -27.80
CA VAL C 496 32.36 3.01 -28.75
C VAL C 496 32.87 3.99 -29.81
N ALA C 497 34.19 4.13 -29.93
CA ALA C 497 34.81 5.09 -30.86
C ALA C 497 35.94 4.45 -31.70
N PRO C 498 36.24 4.93 -32.93
CA PRO C 498 37.31 4.42 -33.79
C PRO C 498 38.68 4.78 -33.31
N THR C 499 39.62 3.84 -33.38
CA THR C 499 41.02 4.11 -33.05
C THR C 499 42.00 3.35 -33.93
N ARG C 500 43.26 3.82 -34.00
CA ARG C 500 44.26 3.04 -34.74
C ARG C 500 45.01 2.02 -33.87
N CYS C 501 44.28 0.99 -33.39
CA CYS C 501 44.80 -0.12 -32.58
C CYS C 501 43.90 -1.32 -32.75
N LYS C 502 44.39 -2.49 -32.39
CA LYS C 502 43.61 -3.71 -32.45
C LYS C 502 43.90 -4.50 -31.20
N ARG C 503 42.97 -5.33 -30.78
CA ARG C 503 43.31 -6.19 -29.67
C ARG C 503 44.17 -7.31 -30.20
N ARG C 504 45.44 -7.27 -29.82
CA ARG C 504 46.40 -8.22 -30.31
C ARG C 504 46.23 -9.52 -29.53
N VAL C 505 46.41 -10.67 -30.20
CA VAL C 505 46.32 -12.02 -29.63
C VAL C 505 47.73 -12.50 -29.32
N LEU D 520 39.31 18.62 -12.58
CA LEU D 520 38.02 19.08 -13.09
C LEU D 520 36.88 18.71 -12.11
N GLY D 521 36.42 17.43 -12.12
CA GLY D 521 35.31 16.92 -11.31
C GLY D 521 34.33 16.20 -12.21
N PHE D 522 33.25 15.70 -11.64
CA PHE D 522 32.28 14.90 -12.37
C PHE D 522 31.65 15.71 -13.48
N LEU D 523 31.71 15.17 -14.71
CA LEU D 523 31.22 15.79 -15.93
C LEU D 523 31.94 17.09 -16.27
N GLY D 524 33.09 17.33 -15.64
CA GLY D 524 33.83 18.56 -15.90
C GLY D 524 34.48 18.55 -17.26
N ALA D 525 34.50 17.38 -17.86
CA ALA D 525 35.06 17.14 -19.17
C ALA D 525 33.96 17.08 -20.22
N ALA D 526 32.74 17.44 -19.84
CA ALA D 526 31.58 17.33 -20.73
C ALA D 526 31.74 18.08 -22.04
N GLY D 527 32.48 19.20 -22.07
CA GLY D 527 32.65 19.93 -23.32
C GLY D 527 34.08 19.82 -23.87
N SER D 528 34.91 18.96 -23.28
CA SER D 528 36.32 18.81 -23.66
C SER D 528 36.45 17.91 -24.86
N THR D 529 37.58 17.89 -25.53
CA THR D 529 37.59 17.02 -26.70
C THR D 529 37.57 15.59 -26.25
N MET D 530 37.22 14.69 -27.17
CA MET D 530 37.13 13.30 -26.81
C MET D 530 38.45 12.77 -26.28
N GLY D 531 39.54 13.19 -26.90
CA GLY D 531 40.85 12.78 -26.45
C GLY D 531 41.11 13.32 -25.04
N ALA D 532 40.90 14.61 -24.84
CA ALA D 532 41.20 15.21 -23.53
C ALA D 532 40.40 14.60 -22.39
N ALA D 533 39.17 14.25 -22.66
CA ALA D 533 38.24 13.72 -21.69
C ALA D 533 38.53 12.27 -21.35
N SER D 534 39.42 11.64 -22.09
CA SER D 534 39.68 10.24 -21.88
C SER D 534 40.49 10.02 -20.63
N MET D 535 41.07 11.06 -20.06
CA MET D 535 41.81 10.84 -18.83
C MET D 535 41.01 11.07 -17.56
N THR D 536 39.70 11.30 -17.68
CA THR D 536 38.85 11.54 -16.50
C THR D 536 37.88 10.40 -16.31
N LEU D 537 38.14 9.27 -16.95
CA LEU D 537 37.21 8.17 -16.94
C LEU D 537 36.94 7.61 -15.54
N THR D 538 37.90 7.68 -14.62
CA THR D 538 37.66 7.13 -13.30
C THR D 538 36.79 7.97 -12.40
N VAL D 539 36.60 9.25 -12.73
CA VAL D 539 35.79 10.06 -11.85
C VAL D 539 34.36 9.62 -11.99
N GLN D 540 33.98 9.49 -13.23
CA GLN D 540 32.64 9.16 -13.59
C GLN D 540 32.37 7.70 -13.38
N ALA D 541 33.39 6.87 -13.58
CA ALA D 541 33.21 5.45 -13.39
C ALA D 541 32.92 5.11 -11.94
N ARG D 542 33.60 5.79 -10.99
CA ARG D 542 33.39 5.44 -9.59
C ARG D 542 32.13 6.04 -8.98
N ASN D 543 31.68 7.20 -9.47
CA ASN D 543 30.57 7.86 -8.82
C ASN D 543 29.25 7.11 -8.81
N LEU D 544 28.98 6.22 -9.76
CA LEU D 544 27.72 5.51 -9.66
C LEU D 544 27.59 4.73 -8.36
N LEU D 545 28.68 4.17 -7.82
CA LEU D 545 28.51 3.44 -6.59
C LEU D 545 28.95 4.25 -5.36
N SER D 546 29.95 5.12 -5.51
CA SER D 546 30.48 5.83 -4.34
C SER D 546 29.48 6.85 -3.83
N GLY D 547 28.56 7.29 -4.70
CA GLY D 547 27.53 8.25 -4.33
C GLY D 547 26.24 7.63 -3.73
N ILE D 548 26.19 6.30 -3.52
CA ILE D 548 25.05 5.53 -3.01
C ILE D 548 25.57 4.61 -1.91
N ASP D 568 4.96 7.32 6.08
CA ASP D 568 5.86 7.37 4.92
C ASP D 568 6.39 5.99 4.47
N THR D 569 5.56 4.92 4.59
CA THR D 569 5.88 3.54 4.17
C THR D 569 6.22 3.47 2.69
N HIS D 570 5.42 4.14 1.88
CA HIS D 570 5.66 4.14 0.47
C HIS D 570 6.84 5.00 0.08
N TRP D 571 7.27 5.90 0.96
CA TRP D 571 8.42 6.73 0.67
C TRP D 571 9.61 5.80 0.68
N GLY D 572 9.67 4.98 1.73
CA GLY D 572 10.75 4.03 1.90
C GLY D 572 10.80 3.08 0.72
N ILE D 573 9.64 2.67 0.21
CA ILE D 573 9.64 1.78 -0.93
C ILE D 573 10.17 2.50 -2.16
N LYS D 574 9.74 3.72 -2.42
CA LYS D 574 10.28 4.40 -3.59
C LYS D 574 11.79 4.60 -3.53
N GLN D 575 12.32 4.92 -2.36
CA GLN D 575 13.75 5.11 -2.29
C GLN D 575 14.47 3.80 -2.45
N LEU D 576 13.88 2.74 -1.94
CA LEU D 576 14.48 1.44 -2.04
C LEU D 576 14.49 1.00 -3.50
N GLN D 577 13.43 1.29 -4.24
CA GLN D 577 13.40 0.94 -5.66
C GLN D 577 14.47 1.67 -6.42
N ALA D 578 14.69 2.93 -6.09
CA ALA D 578 15.72 3.71 -6.77
C ALA D 578 17.09 3.12 -6.54
N ARG D 579 17.32 2.60 -5.34
CA ARG D 579 18.62 2.04 -5.02
C ARG D 579 18.85 0.73 -5.75
N VAL D 580 17.81 -0.09 -5.84
CA VAL D 580 17.93 -1.35 -6.52
C VAL D 580 18.21 -1.10 -7.98
N LEU D 581 17.52 -0.13 -8.57
CA LEU D 581 17.71 0.15 -9.96
C LEU D 581 19.12 0.61 -10.27
N ALA D 582 19.72 1.47 -9.43
CA ALA D 582 21.07 1.91 -9.71
C ALA D 582 22.03 0.73 -9.75
N VAL D 583 21.82 -0.24 -8.86
CA VAL D 583 22.66 -1.42 -8.86
C VAL D 583 22.47 -2.24 -10.11
N GLU D 584 21.23 -2.42 -10.54
CA GLU D 584 20.97 -3.20 -11.73
C GLU D 584 21.63 -2.57 -12.95
N HIS D 585 21.62 -1.24 -13.05
CA HIS D 585 22.27 -0.62 -14.18
C HIS D 585 23.76 -0.77 -14.12
N TYR D 586 24.33 -0.66 -12.93
CA TYR D 586 25.76 -0.84 -12.80
C TYR D 586 26.15 -2.21 -13.31
N LEU D 587 25.44 -3.23 -12.83
CA LEU D 587 25.79 -4.58 -13.20
C LEU D 587 25.57 -4.86 -14.65
N ARG D 588 24.52 -4.29 -15.24
CA ARG D 588 24.26 -4.53 -16.64
C ARG D 588 25.46 -4.09 -17.46
N ASP D 589 25.98 -2.90 -17.18
CA ASP D 589 27.10 -2.43 -17.98
C ASP D 589 28.33 -3.25 -17.73
N GLN D 590 28.53 -3.68 -16.50
CA GLN D 590 29.71 -4.48 -16.22
C GLN D 590 29.62 -5.81 -16.94
N GLN D 591 28.42 -6.37 -17.03
CA GLN D 591 28.29 -7.64 -17.71
C GLN D 591 28.59 -7.48 -19.18
N LEU D 592 28.15 -6.38 -19.80
CA LEU D 592 28.43 -6.24 -21.21
C LEU D 592 29.92 -6.16 -21.45
N LEU D 593 30.63 -5.44 -20.59
CA LEU D 593 32.05 -5.35 -20.76
C LEU D 593 32.71 -6.69 -20.58
N GLY D 594 32.21 -7.47 -19.64
CA GLY D 594 32.77 -8.79 -19.42
C GLY D 594 32.59 -9.69 -20.64
N ILE D 595 31.40 -9.70 -21.19
CA ILE D 595 31.06 -10.54 -22.33
C ILE D 595 31.89 -10.18 -23.53
N TRP D 596 32.11 -8.90 -23.76
CA TRP D 596 32.86 -8.42 -24.90
C TRP D 596 34.36 -8.60 -24.75
N GLY D 597 34.82 -9.13 -23.62
CA GLY D 597 36.24 -9.32 -23.40
C GLY D 597 37.04 -8.11 -22.88
N CYS D 598 36.39 -7.15 -22.17
CA CYS D 598 37.00 -5.95 -21.61
C CYS D 598 36.51 -5.78 -20.17
N SER D 599 36.73 -6.79 -19.34
CA SER D 599 36.17 -6.78 -18.00
C SER D 599 36.92 -5.96 -16.99
N GLY D 600 38.22 -5.81 -17.16
CA GLY D 600 39.05 -5.14 -16.18
C GLY D 600 39.64 -3.83 -16.62
N LYS D 601 39.17 -3.29 -17.73
CA LYS D 601 39.76 -2.07 -18.24
C LYS D 601 38.76 -0.99 -18.55
N LEU D 602 39.23 0.26 -18.51
CA LEU D 602 38.39 1.36 -18.90
C LEU D 602 38.45 1.56 -20.40
N ILE D 603 39.57 1.19 -21.00
CA ILE D 603 39.72 1.32 -22.44
C ILE D 603 40.20 0.01 -23.07
N CYS D 604 39.47 -0.54 -24.10
CA CYS D 604 39.91 -1.75 -24.82
C CYS D 604 39.79 -1.61 -26.31
N CYS D 605 40.86 -2.01 -26.98
CA CYS D 605 40.84 -2.08 -28.42
C CYS D 605 40.11 -3.41 -28.61
N THR D 606 39.33 -3.57 -29.67
CA THR D 606 38.65 -4.85 -29.84
C THR D 606 39.04 -5.52 -31.15
N ASN D 607 38.31 -6.57 -31.51
CA ASN D 607 38.59 -7.31 -32.73
C ASN D 607 37.51 -7.07 -33.79
N VAL D 608 36.73 -6.02 -33.61
CA VAL D 608 35.68 -5.65 -34.57
C VAL D 608 36.16 -4.41 -35.33
N PRO D 609 36.23 -4.44 -36.67
CA PRO D 609 36.70 -3.37 -37.53
C PRO D 609 35.74 -2.23 -37.53
N TRP D 610 36.23 -1.04 -37.81
CA TRP D 610 35.34 0.08 -37.91
C TRP D 610 34.66 0.01 -39.28
N ASN D 611 33.33 0.16 -39.28
CA ASN D 611 32.48 0.11 -40.50
C ASN D 611 32.25 1.53 -41.03
N SER D 612 32.06 1.65 -42.35
CA SER D 612 31.72 2.94 -43.01
C SER D 612 30.24 3.23 -42.81
N SER D 613 29.54 2.22 -42.33
CA SER D 613 28.16 2.31 -41.97
C SER D 613 28.05 3.21 -40.74
N TRP D 614 28.99 3.02 -39.78
CA TRP D 614 28.90 3.71 -38.51
C TRP D 614 29.20 5.18 -38.67
N SER D 615 30.33 5.47 -39.30
CA SER D 615 30.78 6.85 -39.51
C SER D 615 31.92 6.97 -40.49
N ASN D 616 31.86 8.02 -41.31
CA ASN D 616 32.91 8.30 -42.28
C ASN D 616 33.70 9.58 -41.99
N ARG D 617 33.65 10.08 -40.77
CA ARG D 617 34.44 11.27 -40.46
C ARG D 617 35.88 10.87 -40.20
N ASN D 618 36.78 11.84 -40.40
CA ASN D 618 38.24 11.71 -40.13
C ASN D 618 38.46 11.35 -38.66
N LEU D 619 39.48 10.53 -38.40
CA LEU D 619 39.87 10.16 -37.03
C LEU D 619 40.31 11.38 -36.21
N SER D 620 40.99 12.32 -36.86
CA SER D 620 41.44 13.52 -36.20
C SER D 620 40.29 14.47 -35.87
N GLU D 621 39.18 14.45 -36.62
CA GLU D 621 38.12 15.35 -36.26
C GLU D 621 37.42 14.75 -35.05
N ILE D 622 37.36 13.44 -35.05
CA ILE D 622 36.69 12.73 -33.98
C ILE D 622 37.40 12.91 -32.66
N TRP D 623 38.72 12.74 -32.63
CA TRP D 623 39.38 12.88 -31.34
C TRP D 623 39.79 14.29 -30.93
N ASP D 624 40.12 15.17 -31.89
CA ASP D 624 40.58 16.50 -31.57
C ASP D 624 39.54 17.62 -31.63
N ASN D 625 38.48 17.51 -32.45
CA ASN D 625 37.56 18.63 -32.54
C ASN D 625 36.31 18.42 -31.71
N MET D 626 35.72 17.23 -31.79
CA MET D 626 34.49 16.95 -31.07
C MET D 626 34.64 16.52 -29.64
N THR D 627 33.59 16.77 -28.87
CA THR D 627 33.47 16.23 -27.51
C THR D 627 32.63 14.98 -27.59
N TRP D 628 32.45 14.31 -26.46
CA TRP D 628 31.74 13.03 -26.45
C TRP D 628 30.25 13.19 -26.66
N LEU D 629 29.68 14.30 -26.23
CA LEU D 629 28.24 14.53 -26.40
C LEU D 629 27.91 14.72 -27.86
N GLN D 630 28.75 15.49 -28.56
CA GLN D 630 28.53 15.79 -29.95
C GLN D 630 28.72 14.59 -30.79
N TRP D 631 29.79 13.86 -30.47
CA TRP D 631 30.13 12.59 -31.15
C TRP D 631 28.96 11.62 -30.99
N ASP D 632 28.55 11.37 -29.75
CA ASP D 632 27.58 10.32 -29.49
C ASP D 632 26.33 10.52 -30.33
N LYS D 633 25.93 11.76 -30.54
CA LYS D 633 24.77 12.07 -31.33
C LYS D 633 24.89 11.62 -32.79
N GLU D 634 26.09 11.41 -33.30
CA GLU D 634 26.26 11.02 -34.69
C GLU D 634 26.13 9.53 -34.93
N ILE D 635 26.12 8.73 -33.89
CA ILE D 635 26.07 7.30 -34.04
C ILE D 635 24.96 6.70 -33.21
N SER D 636 23.89 7.46 -33.08
CA SER D 636 22.79 7.11 -32.20
C SER D 636 22.07 5.77 -32.39
N ASN D 637 22.02 5.20 -33.63
CA ASN D 637 21.35 3.93 -33.91
C ASN D 637 22.29 2.78 -34.35
N TYR D 638 23.60 2.82 -33.98
CA TYR D 638 24.57 1.75 -34.31
C TYR D 638 24.92 0.92 -33.09
N THR D 639 24.28 1.25 -31.99
CA THR D 639 24.56 0.60 -30.75
C THR D 639 24.27 -0.89 -30.78
N GLN D 640 23.12 -1.27 -31.30
CA GLN D 640 22.79 -2.69 -31.25
C GLN D 640 23.68 -3.55 -32.12
N ILE D 641 24.05 -3.04 -33.28
CA ILE D 641 24.87 -3.85 -34.15
C ILE D 641 26.28 -3.97 -33.63
N ILE D 642 26.82 -2.90 -33.07
CA ILE D 642 28.15 -3.00 -32.57
C ILE D 642 28.20 -3.97 -31.42
N TYR D 643 27.22 -3.90 -30.52
CA TYR D 643 27.26 -4.77 -29.38
C TYR D 643 27.19 -6.23 -29.79
N GLY D 644 26.35 -6.57 -30.77
CA GLY D 644 26.29 -7.95 -31.19
C GLY D 644 27.63 -8.42 -31.77
N LEU D 645 28.28 -7.55 -32.54
CA LEU D 645 29.55 -7.91 -33.14
C LEU D 645 30.61 -8.11 -32.07
N LEU D 646 30.59 -7.29 -31.03
CA LEU D 646 31.58 -7.43 -29.99
C LEU D 646 31.42 -8.75 -29.24
N GLU D 647 30.17 -9.17 -29.02
CA GLU D 647 29.98 -10.44 -28.34
C GLU D 647 30.50 -11.57 -29.19
N GLU D 648 30.30 -11.47 -30.51
CA GLU D 648 30.74 -12.53 -31.40
C GLU D 648 32.24 -12.66 -31.41
N SER D 649 32.95 -11.53 -31.37
CA SER D 649 34.38 -11.64 -31.36
C SER D 649 34.83 -12.41 -30.13
N GLN D 650 34.25 -12.13 -28.96
CA GLN D 650 34.63 -12.92 -27.76
C GLN D 650 34.24 -14.39 -27.96
N ASN D 651 33.07 -14.63 -28.53
CA ASN D 651 32.57 -15.98 -28.68
C ASN D 651 33.55 -16.83 -29.43
N GLN D 652 34.24 -16.25 -30.40
CA GLN D 652 35.20 -17.02 -31.14
C GLN D 652 36.58 -16.99 -30.49
N GLN D 653 36.95 -15.86 -29.92
CA GLN D 653 38.31 -15.74 -29.42
C GLN D 653 38.64 -16.64 -28.26
N GLU D 654 37.71 -16.86 -27.33
CA GLU D 654 38.04 -17.70 -26.18
C GLU D 654 38.05 -19.19 -26.50
N LYS D 655 37.54 -19.59 -27.66
CA LYS D 655 37.44 -21.00 -27.95
C LYS D 655 38.76 -21.68 -28.21
N ASN D 656 39.69 -20.96 -28.79
CA ASN D 656 40.96 -21.54 -29.15
C ASN D 656 41.82 -21.89 -27.96
N GLU D 657 41.67 -21.16 -26.86
CA GLU D 657 42.52 -21.39 -25.71
C GLU D 657 42.34 -22.74 -25.06
N GLN D 658 41.13 -23.28 -25.02
CA GLN D 658 40.97 -24.57 -24.38
C GLN D 658 41.72 -25.66 -25.12
N ASP D 659 41.78 -25.58 -26.45
CA ASP D 659 42.49 -26.58 -27.21
C ASP D 659 43.99 -26.40 -27.04
N LEU D 660 44.44 -25.15 -26.95
CA LEU D 660 45.88 -24.90 -26.76
C LEU D 660 46.39 -25.42 -25.39
N LEU D 661 45.57 -25.26 -24.31
CA LEU D 661 45.85 -25.68 -22.94
C LEU D 661 45.71 -27.20 -22.83
N ASN E 35 46.17 -37.39 -16.05
CA ASN E 35 45.74 -37.28 -17.45
C ASN E 35 44.84 -36.04 -17.66
N LEU E 36 43.70 -35.98 -16.94
CA LEU E 36 42.69 -34.92 -17.01
C LEU E 36 42.39 -34.24 -15.67
N TRP E 37 41.87 -33.02 -15.76
CA TRP E 37 41.58 -32.17 -14.62
C TRP E 37 40.16 -31.64 -14.65
N VAL E 38 39.81 -30.94 -13.58
CA VAL E 38 38.53 -30.29 -13.44
C VAL E 38 38.48 -29.07 -14.35
N THR E 39 37.40 -28.91 -15.10
CA THR E 39 37.20 -27.71 -15.91
C THR E 39 35.85 -27.10 -15.57
N VAL E 40 35.84 -25.78 -15.39
CA VAL E 40 34.65 -25.06 -15.00
C VAL E 40 33.98 -24.33 -16.16
N TYR E 41 32.69 -24.57 -16.32
CA TYR E 41 31.91 -23.99 -17.40
C TYR E 41 30.78 -23.09 -16.90
N TYR E 42 30.76 -21.85 -17.37
CA TYR E 42 29.70 -20.95 -16.96
C TYR E 42 28.80 -20.62 -18.11
N GLY E 43 27.51 -20.76 -17.88
CA GLY E 43 26.54 -20.53 -18.92
C GLY E 43 25.97 -21.86 -19.40
N VAL E 44 26.03 -22.86 -18.53
CA VAL E 44 25.52 -24.17 -18.83
C VAL E 44 23.99 -24.17 -18.80
N PRO E 45 23.29 -24.64 -19.86
CA PRO E 45 21.83 -24.63 -19.98
C PRO E 45 21.10 -25.71 -19.19
N VAL E 46 21.19 -25.64 -17.88
CA VAL E 46 20.53 -26.60 -17.01
C VAL E 46 19.68 -25.93 -15.93
N TRP E 47 18.78 -26.71 -15.33
CA TRP E 47 17.88 -26.21 -14.31
C TRP E 47 17.43 -27.23 -13.28
N LYS E 48 16.85 -26.70 -12.20
CA LYS E 48 16.25 -27.49 -11.14
C LYS E 48 14.90 -26.92 -10.74
N ASP E 49 14.03 -27.76 -10.19
CA ASP E 49 12.71 -27.32 -9.76
C ASP E 49 12.79 -26.24 -8.72
N ALA E 50 11.92 -25.23 -8.80
CA ALA E 50 11.99 -24.19 -7.79
C ALA E 50 10.66 -23.50 -7.55
N GLU E 51 10.52 -22.94 -6.36
CA GLU E 51 9.34 -22.17 -5.99
C GLU E 51 9.67 -20.70 -5.89
N THR E 52 9.06 -19.90 -6.74
CA THR E 52 9.33 -18.47 -6.70
C THR E 52 8.07 -17.68 -6.84
N THR E 53 8.22 -16.38 -6.80
CA THR E 53 7.12 -15.46 -6.96
C THR E 53 6.98 -15.08 -8.42
N LEU E 54 5.82 -15.28 -8.98
CA LEU E 54 5.57 -14.93 -10.37
C LEU E 54 4.87 -13.61 -10.42
N PHE E 55 4.98 -12.90 -11.52
CA PHE E 55 4.23 -11.66 -11.62
C PHE E 55 3.26 -11.86 -12.76
N CYS E 56 2.14 -11.12 -12.79
CA CYS E 56 1.13 -11.25 -13.84
C CYS E 56 1.20 -10.09 -14.81
N ALA E 57 0.70 -10.32 -16.02
CA ALA E 57 0.63 -9.31 -17.04
C ALA E 57 -0.63 -9.42 -17.92
N SER E 58 -1.29 -8.27 -18.14
CA SER E 58 -2.46 -8.08 -19.01
C SER E 58 -2.10 -7.71 -20.43
N ASP E 59 -2.92 -8.11 -21.38
CA ASP E 59 -2.71 -7.75 -22.77
C ASP E 59 -3.42 -6.48 -23.29
N ALA E 60 -4.05 -5.69 -22.39
CA ALA E 60 -4.77 -4.43 -22.68
C ALA E 60 -5.84 -4.65 -23.76
N LYS E 66 -10.77 -2.43 -20.68
CA LYS E 66 -11.86 -1.65 -20.15
C LYS E 66 -11.36 -0.90 -18.92
N LYS E 67 -12.00 0.25 -18.58
CA LYS E 67 -11.67 1.05 -17.40
C LYS E 67 -12.33 0.49 -16.16
N HIS E 68 -11.65 0.66 -15.04
CA HIS E 68 -12.10 0.22 -13.73
C HIS E 68 -12.26 -1.29 -13.65
N ASN E 69 -11.39 -2.01 -14.34
CA ASN E 69 -11.37 -3.45 -14.31
C ASN E 69 -10.28 -3.88 -13.35
N VAL E 70 -10.65 -4.58 -12.29
CA VAL E 70 -9.70 -4.90 -11.24
C VAL E 70 -8.52 -5.70 -11.72
N TRP E 71 -8.78 -6.69 -12.52
CA TRP E 71 -7.73 -7.54 -13.01
C TRP E 71 -6.77 -6.77 -13.89
N ALA E 72 -7.34 -5.93 -14.76
CA ALA E 72 -6.53 -5.15 -15.68
C ALA E 72 -5.69 -4.12 -14.96
N THR E 73 -6.23 -3.55 -13.90
CA THR E 73 -5.54 -2.54 -13.15
C THR E 73 -4.34 -3.14 -12.45
N HIS E 74 -4.54 -4.29 -11.86
CA HIS E 74 -3.46 -4.94 -11.14
C HIS E 74 -2.32 -5.47 -12.03
N CYS E 75 -2.63 -6.21 -13.12
CA CYS E 75 -1.64 -6.83 -14.01
C CYS E 75 -1.26 -5.80 -15.07
N CYS E 76 -0.65 -4.73 -14.60
CA CYS E 76 -0.30 -3.54 -15.38
C CYS E 76 0.81 -3.71 -16.40
N VAL E 77 1.57 -4.78 -16.28
CA VAL E 77 2.70 -5.04 -17.16
C VAL E 77 2.24 -5.50 -18.55
N PRO E 78 2.65 -4.87 -19.65
CA PRO E 78 2.31 -5.27 -21.01
C PRO E 78 2.80 -6.67 -21.37
N THR E 79 2.05 -7.34 -22.23
CA THR E 79 2.37 -8.66 -22.76
C THR E 79 2.59 -8.49 -24.23
N ASP E 80 2.84 -7.25 -24.62
CA ASP E 80 3.04 -6.85 -26.00
C ASP E 80 4.15 -7.59 -26.78
N PRO E 81 5.33 -7.94 -26.20
CA PRO E 81 6.38 -8.62 -26.89
C PRO E 81 5.86 -9.94 -27.38
N ASN E 82 6.32 -10.38 -28.53
CA ASN E 82 5.84 -11.66 -29.00
C ASN E 82 6.14 -12.71 -27.96
N PRO E 83 5.20 -13.62 -27.68
CA PRO E 83 5.45 -14.74 -26.83
C PRO E 83 6.56 -15.48 -27.48
N GLN E 84 7.52 -15.96 -26.72
CA GLN E 84 8.58 -16.72 -27.30
C GLN E 84 8.32 -18.12 -26.92
N GLU E 85 8.74 -19.04 -27.76
CA GLU E 85 8.67 -20.41 -27.38
C GLU E 85 9.79 -21.15 -28.02
N ILE E 86 10.59 -21.77 -27.18
CA ILE E 86 11.72 -22.50 -27.66
C ILE E 86 11.52 -23.97 -27.44
N HIS E 87 11.34 -24.70 -28.52
CA HIS E 87 11.08 -26.11 -28.35
C HIS E 87 12.33 -26.73 -27.81
N LEU E 88 12.24 -27.61 -26.83
CA LEU E 88 13.46 -28.20 -26.34
C LEU E 88 13.60 -29.59 -26.93
N GLU E 89 14.37 -29.72 -27.98
CA GLU E 89 14.45 -30.98 -28.65
C GLU E 89 15.19 -31.94 -27.74
N ASN E 90 14.73 -33.21 -27.68
CA ASN E 90 15.28 -34.34 -26.91
C ASN E 90 15.27 -34.12 -25.38
N VAL E 91 14.45 -33.18 -24.85
CA VAL E 91 14.30 -32.95 -23.40
C VAL E 91 13.08 -33.64 -22.86
N THR E 92 13.28 -34.39 -21.80
CA THR E 92 12.19 -35.09 -21.14
C THR E 92 12.11 -34.52 -19.76
N GLU E 93 10.89 -34.20 -19.31
CA GLU E 93 10.74 -33.63 -17.97
C GLU E 93 9.50 -34.15 -17.28
N GLU E 94 9.52 -34.18 -15.96
CA GLU E 94 8.39 -34.63 -15.16
C GLU E 94 7.52 -33.51 -14.60
N PHE E 95 6.23 -33.59 -14.88
CA PHE E 95 5.27 -32.60 -14.42
C PHE E 95 4.32 -33.21 -13.40
N ASN E 96 3.89 -32.43 -12.43
CA ASN E 96 2.92 -32.89 -11.44
C ASN E 96 2.01 -31.75 -11.05
N MET E 97 0.80 -31.75 -11.58
CA MET E 97 -0.10 -30.63 -11.40
C MET E 97 -0.60 -30.47 -9.97
N TRP E 98 -0.48 -31.50 -9.17
CA TRP E 98 -1.03 -31.47 -7.83
C TRP E 98 -0.06 -30.93 -6.81
N LYS E 99 1.18 -30.69 -7.23
CA LYS E 99 2.21 -30.17 -6.35
C LYS E 99 2.75 -28.91 -6.98
N ASN E 100 1.96 -28.37 -7.87
CA ASN E 100 2.27 -27.19 -8.63
C ASN E 100 2.01 -25.96 -7.78
N ASN E 101 3.03 -25.15 -7.54
CA ASN E 101 2.85 -24.00 -6.67
C ASN E 101 2.42 -22.76 -7.42
N MET E 102 2.19 -22.90 -8.72
CA MET E 102 1.71 -21.78 -9.49
C MET E 102 0.25 -21.60 -9.14
N VAL E 103 -0.39 -22.72 -8.78
CA VAL E 103 -1.78 -22.75 -8.42
C VAL E 103 -1.96 -22.06 -7.11
N GLU E 104 -1.07 -22.34 -6.18
CA GLU E 104 -1.18 -21.75 -4.88
C GLU E 104 -0.97 -20.26 -4.96
N GLN E 105 -0.02 -19.81 -5.77
CA GLN E 105 0.13 -18.38 -5.86
C GLN E 105 -1.09 -17.75 -6.50
N MET E 106 -1.64 -18.35 -7.57
CA MET E 106 -2.77 -17.70 -8.20
C MET E 106 -3.89 -17.54 -7.20
N HIS E 107 -4.12 -18.55 -6.37
CA HIS E 107 -5.17 -18.45 -5.38
C HIS E 107 -4.93 -17.29 -4.45
N THR E 108 -3.72 -17.18 -3.93
CA THR E 108 -3.41 -16.11 -3.00
C THR E 108 -3.57 -14.73 -3.64
N ASP E 109 -3.10 -14.57 -4.88
CA ASP E 109 -3.18 -13.27 -5.54
C ASP E 109 -4.62 -12.83 -5.72
N ILE E 110 -5.49 -13.78 -6.02
CA ILE E 110 -6.89 -13.47 -6.21
C ILE E 110 -7.52 -13.01 -4.92
N ILE E 111 -7.20 -13.67 -3.82
CA ILE E 111 -7.80 -13.25 -2.57
C ILE E 111 -7.37 -11.84 -2.30
N SER E 112 -6.10 -11.53 -2.53
CA SER E 112 -5.65 -10.19 -2.28
C SER E 112 -6.40 -9.18 -3.12
N LEU E 113 -6.64 -9.45 -4.39
CA LEU E 113 -7.34 -8.46 -5.18
C LEU E 113 -8.72 -8.17 -4.65
N TRP E 114 -9.43 -9.18 -4.19
CA TRP E 114 -10.74 -8.87 -3.66
C TRP E 114 -10.65 -8.03 -2.41
N ASP E 115 -9.72 -8.37 -1.52
CA ASP E 115 -9.57 -7.55 -0.30
C ASP E 115 -9.26 -6.11 -0.73
N GLN E 116 -8.25 -5.92 -1.58
CA GLN E 116 -7.80 -4.57 -1.90
C GLN E 116 -8.89 -3.79 -2.59
N SER E 117 -9.65 -4.44 -3.45
CA SER E 117 -10.66 -3.74 -4.22
C SER E 117 -11.79 -3.24 -3.38
N LEU E 118 -12.11 -3.98 -2.32
CA LEU E 118 -13.25 -3.66 -1.43
C LEU E 118 -12.78 -2.77 -0.28
N LYS E 119 -11.48 -2.44 -0.22
CA LYS E 119 -10.93 -1.62 0.88
C LYS E 119 -11.52 -0.21 0.88
N PRO E 120 -11.68 0.45 -0.28
CA PRO E 120 -12.16 1.83 -0.33
C PRO E 120 -13.67 1.99 -0.53
N CYS E 121 -14.47 0.98 -0.15
CA CYS E 121 -15.90 1.01 -0.43
C CYS E 121 -16.71 1.25 0.85
N VAL E 122 -17.96 1.63 0.68
CA VAL E 122 -18.82 1.97 1.81
C VAL E 122 -19.07 0.83 2.74
N LYS E 123 -18.89 1.06 4.04
CA LYS E 123 -19.13 0.02 5.03
C LYS E 123 -20.59 0.11 5.38
N LEU E 124 -21.24 -1.02 5.57
CA LEU E 124 -22.65 -1.02 5.85
C LEU E 124 -23.04 -1.26 7.28
N THR E 125 -22.12 -1.09 8.21
CA THR E 125 -22.44 -1.29 9.62
C THR E 125 -23.76 -0.65 10.06
N PRO E 126 -24.10 0.60 9.70
CA PRO E 126 -25.31 1.29 10.11
C PRO E 126 -26.59 0.57 9.72
N LEU E 127 -26.53 -0.38 8.77
CA LEU E 127 -27.72 -1.15 8.36
C LEU E 127 -28.03 -2.38 9.19
N CYS E 128 -27.19 -2.74 10.18
CA CYS E 128 -27.42 -3.91 11.02
C CYS E 128 -28.35 -3.51 12.16
N VAL E 129 -29.61 -3.40 11.77
CA VAL E 129 -30.71 -2.98 12.61
C VAL E 129 -31.85 -3.95 12.52
N THR E 130 -32.79 -3.87 13.44
CA THR E 130 -33.97 -4.70 13.34
C THR E 130 -34.83 -4.27 12.16
N LEU E 131 -35.23 -5.22 11.34
CA LEU E 131 -36.07 -4.98 10.19
C LEU E 131 -37.47 -5.47 10.47
N GLN E 132 -38.46 -4.78 9.96
CA GLN E 132 -39.83 -5.27 10.04
C GLN E 132 -40.20 -5.72 8.65
N CYS E 133 -40.49 -7.04 8.44
CA CYS E 133 -40.71 -7.57 7.10
C CYS E 133 -42.01 -8.34 6.97
N THR E 134 -42.58 -8.21 5.79
CA THR E 134 -43.75 -8.93 5.34
C THR E 134 -43.38 -9.59 4.02
N ASN E 135 -44.15 -10.60 3.57
CA ASN E 135 -43.93 -11.29 2.29
C ASN E 135 -44.47 -10.46 1.12
N VAL E 136 -43.82 -10.60 -0.06
CA VAL E 136 -44.35 -10.02 -1.29
C VAL E 136 -45.26 -11.09 -1.89
N THR E 137 -46.52 -10.77 -2.06
CA THR E 137 -47.49 -11.72 -2.59
C THR E 137 -48.14 -11.25 -3.87
N ASN E 138 -47.72 -10.11 -4.36
CA ASN E 138 -48.34 -9.53 -5.53
C ASN E 138 -47.75 -9.97 -6.84
N ASN E 139 -48.56 -10.67 -7.62
CA ASN E 139 -48.16 -11.20 -8.90
C ASN E 139 -46.94 -12.11 -8.82
N ILE E 140 -46.90 -12.96 -7.81
CA ILE E 140 -45.77 -13.85 -7.64
C ILE E 140 -46.11 -15.25 -8.07
N THR E 141 -45.30 -15.82 -8.94
CA THR E 141 -45.56 -17.19 -9.37
C THR E 141 -45.32 -18.14 -8.22
N ASP E 142 -45.84 -19.36 -8.30
CA ASP E 142 -45.67 -20.28 -7.16
C ASP E 142 -44.22 -20.57 -6.82
N ASP E 143 -43.38 -20.61 -7.83
CA ASP E 143 -41.97 -20.91 -7.72
C ASP E 143 -41.20 -19.88 -6.90
N MET E 144 -41.73 -18.67 -6.82
CA MET E 144 -41.13 -17.56 -6.11
C MET E 144 -41.88 -17.23 -4.84
N ARG E 145 -42.78 -18.10 -4.44
CA ARG E 145 -43.55 -17.79 -3.28
C ARG E 145 -42.66 -17.82 -2.08
N GLY E 146 -42.67 -16.76 -1.30
CA GLY E 146 -41.89 -16.69 -0.09
C GLY E 146 -40.43 -16.30 -0.32
N GLU E 147 -40.02 -16.05 -1.56
CA GLU E 147 -38.62 -15.71 -1.85
C GLU E 147 -38.26 -14.27 -1.62
N LEU E 148 -39.21 -13.36 -1.76
CA LEU E 148 -38.89 -11.96 -1.60
C LEU E 148 -39.63 -11.40 -0.44
N LYS E 149 -38.92 -10.59 0.33
CA LYS E 149 -39.53 -9.94 1.46
C LYS E 149 -39.39 -8.43 1.34
N ASN E 150 -40.46 -7.73 1.73
CA ASN E 150 -40.61 -6.28 1.75
C ASN E 150 -40.38 -5.80 3.18
N CYS E 151 -39.21 -5.20 3.42
CA CYS E 151 -38.72 -4.83 4.74
C CYS E 151 -38.66 -3.34 4.93
N SER E 152 -38.83 -2.91 6.17
CA SER E 152 -38.65 -1.52 6.48
C SER E 152 -37.91 -1.30 7.78
N PHE E 153 -37.18 -0.21 7.83
CA PHE E 153 -36.40 0.13 9.01
C PHE E 153 -36.12 1.62 9.17
N ASN E 154 -35.73 2.05 10.41
CA ASN E 154 -35.36 3.44 10.72
C ASN E 154 -33.85 3.62 10.57
N MET E 155 -33.41 4.24 9.47
CA MET E 155 -32.02 4.39 9.09
C MET E 155 -31.52 5.78 9.38
N THR E 156 -30.26 5.89 9.78
CA THR E 156 -29.68 7.19 10.03
C THR E 156 -29.31 7.88 8.74
N THR E 157 -29.00 9.16 8.83
CA THR E 157 -28.60 9.87 7.63
C THR E 157 -27.41 10.79 7.91
N GLU E 158 -27.14 11.72 7.01
CA GLU E 158 -25.96 12.57 7.12
C GLU E 158 -25.92 13.33 8.41
N LEU E 159 -27.05 13.84 8.82
CA LEU E 159 -27.09 14.55 10.06
C LEU E 159 -27.40 13.50 11.07
N ARG E 160 -26.53 13.39 12.05
CA ARG E 160 -26.62 12.34 13.03
C ARG E 160 -27.91 12.34 13.82
N ASP E 161 -28.51 13.49 14.03
CA ASP E 161 -29.73 13.51 14.80
C ASP E 161 -31.00 13.06 14.03
N LYS E 162 -30.90 12.87 12.73
CA LYS E 162 -32.07 12.53 11.94
C LYS E 162 -32.10 11.09 11.46
N LYS E 163 -33.32 10.57 11.30
CA LYS E 163 -33.54 9.24 10.77
C LYS E 163 -34.64 9.26 9.74
N GLN E 164 -34.64 8.28 8.85
CA GLN E 164 -35.67 8.17 7.85
C GLN E 164 -36.15 6.76 7.72
N LYS E 165 -37.41 6.57 7.36
CA LYS E 165 -37.88 5.21 7.16
C LYS E 165 -37.55 4.76 5.76
N VAL E 166 -36.94 3.61 5.68
CA VAL E 166 -36.51 3.04 4.44
C VAL E 166 -37.23 1.78 4.13
N TYR E 167 -37.73 1.68 2.91
CA TYR E 167 -38.39 0.47 2.45
C TYR E 167 -37.53 -0.14 1.38
N SER E 168 -37.35 -1.44 1.41
CA SER E 168 -36.55 -2.11 0.41
C SER E 168 -36.92 -3.57 0.22
N LEU E 169 -36.51 -4.15 -0.89
CA LEU E 169 -36.76 -5.57 -1.06
C LEU E 169 -35.50 -6.37 -0.88
N PHE E 170 -35.63 -7.48 -0.18
CA PHE E 170 -34.54 -8.42 0.05
C PHE E 170 -34.91 -9.83 -0.30
N TYR E 171 -33.92 -10.62 -0.66
CA TYR E 171 -34.16 -12.03 -0.90
C TYR E 171 -34.15 -12.71 0.45
N ARG E 172 -34.94 -13.77 0.62
CA ARG E 172 -34.97 -14.42 1.94
C ARG E 172 -33.64 -15.03 2.33
N LEU E 173 -32.77 -15.31 1.39
CA LEU E 173 -31.50 -15.94 1.74
C LEU E 173 -30.56 -15.01 2.49
N ASP E 174 -30.84 -13.70 2.44
CA ASP E 174 -30.03 -12.71 3.08
C ASP E 174 -30.57 -12.25 4.43
N VAL E 175 -31.75 -12.75 4.81
CA VAL E 175 -32.43 -12.27 5.99
C VAL E 175 -32.87 -13.39 6.92
N VAL E 176 -32.65 -13.26 8.22
CA VAL E 176 -33.08 -14.32 9.13
C VAL E 176 -34.01 -13.76 10.18
N GLN E 177 -34.83 -14.60 10.75
CA GLN E 177 -35.80 -14.14 11.75
C GLN E 177 -35.18 -14.01 13.11
N ILE E 178 -35.56 -12.97 13.84
CA ILE E 178 -35.01 -12.75 15.18
C ILE E 178 -35.63 -13.59 16.31
N ASN E 179 -36.98 -13.66 16.40
CA ASN E 179 -37.70 -14.37 17.45
C ASN E 179 -38.11 -15.76 16.95
N ASN E 190 -46.19 -9.30 9.72
CA ASN E 190 -45.05 -8.48 10.12
C ASN E 190 -44.28 -9.13 11.29
N LYS E 191 -43.08 -9.68 10.99
CA LYS E 191 -42.18 -10.33 11.96
C LYS E 191 -40.85 -9.60 11.96
N GLU E 192 -40.14 -9.66 13.06
CA GLU E 192 -38.85 -9.01 13.14
C GLU E 192 -37.74 -9.91 12.63
N TYR E 193 -36.92 -9.33 11.77
CA TYR E 193 -35.80 -9.94 11.07
C TYR E 193 -34.53 -9.13 11.13
N ARG E 194 -33.41 -9.75 10.88
CA ARG E 194 -32.13 -9.07 10.80
C ARG E 194 -31.33 -9.54 9.62
N LEU E 195 -30.36 -8.76 9.20
CA LEU E 195 -29.55 -9.27 8.11
C LEU E 195 -28.78 -10.46 8.62
N ILE E 196 -28.59 -11.42 7.75
CA ILE E 196 -27.95 -12.67 8.09
C ILE E 196 -26.57 -12.61 8.71
N ASN E 197 -25.76 -11.62 8.40
CA ASN E 197 -24.43 -11.59 9.01
C ASN E 197 -24.24 -10.72 10.26
N CYS E 198 -25.30 -10.17 10.88
CA CYS E 198 -25.20 -9.30 12.07
C CYS E 198 -24.57 -9.96 13.29
N ASN E 199 -24.53 -11.26 13.34
CA ASN E 199 -23.90 -11.91 14.48
C ASN E 199 -22.43 -12.27 14.24
N THR E 200 -21.98 -12.40 12.96
CA THR E 200 -20.66 -12.90 12.58
C THR E 200 -19.74 -11.93 11.88
N SER E 201 -20.26 -11.04 11.04
CA SER E 201 -19.34 -10.28 10.21
C SER E 201 -19.77 -8.90 9.80
N ALA E 202 -18.81 -7.99 9.71
CA ALA E 202 -19.12 -6.68 9.16
C ALA E 202 -19.33 -6.86 7.67
N ILE E 203 -20.22 -6.06 7.10
CA ILE E 203 -20.49 -6.15 5.68
C ILE E 203 -20.05 -4.90 4.95
N THR E 204 -19.31 -5.06 3.85
CA THR E 204 -18.87 -3.95 3.01
C THR E 204 -19.60 -3.99 1.67
N GLN E 205 -20.12 -2.86 1.20
CA GLN E 205 -20.79 -2.88 -0.11
C GLN E 205 -19.78 -2.77 -1.18
N ALA E 206 -19.83 -3.61 -2.17
CA ALA E 206 -18.88 -3.50 -3.25
C ALA E 206 -19.17 -2.23 -4.02
N CYS E 207 -18.13 -1.55 -4.52
CA CYS E 207 -18.24 -0.34 -5.32
C CYS E 207 -18.87 -0.66 -6.69
N PRO E 208 -19.99 -0.02 -7.08
CA PRO E 208 -20.69 -0.20 -8.34
C PRO E 208 -19.86 0.14 -9.56
N LYS E 209 -18.81 0.91 -9.37
CA LYS E 209 -17.97 1.33 -10.47
C LYS E 209 -16.79 0.42 -10.68
N VAL E 210 -16.64 -0.61 -9.86
CA VAL E 210 -15.51 -1.50 -9.99
C VAL E 210 -15.94 -2.83 -10.56
N SER E 211 -15.36 -3.18 -11.69
CA SER E 211 -15.70 -4.40 -12.36
C SER E 211 -14.73 -5.53 -12.10
N PHE E 212 -15.28 -6.69 -11.80
CA PHE E 212 -14.48 -7.86 -11.56
C PHE E 212 -14.52 -8.82 -12.72
N GLU E 213 -15.01 -8.36 -13.87
CA GLU E 213 -15.11 -9.25 -15.03
C GLU E 213 -13.76 -9.87 -15.35
N PRO E 214 -13.63 -11.20 -15.35
CA PRO E 214 -12.41 -11.91 -15.64
C PRO E 214 -11.87 -11.56 -17.01
N ILE E 215 -10.56 -11.39 -17.10
CA ILE E 215 -9.91 -11.11 -18.36
C ILE E 215 -8.81 -12.15 -18.41
N PRO E 216 -8.22 -12.50 -19.54
CA PRO E 216 -7.10 -13.40 -19.57
C PRO E 216 -5.94 -12.74 -18.84
N ILE E 217 -5.25 -13.50 -18.03
CA ILE E 217 -4.06 -13.05 -17.32
C ILE E 217 -2.90 -13.96 -17.59
N HIS E 218 -1.76 -13.39 -17.93
CA HIS E 218 -0.59 -14.20 -18.22
C HIS E 218 0.35 -14.20 -17.03
N TYR E 219 0.81 -15.37 -16.57
CA TYR E 219 1.80 -15.40 -15.49
C TYR E 219 3.20 -15.52 -16.06
N CYS E 220 4.11 -14.61 -15.64
CA CYS E 220 5.46 -14.45 -16.15
C CYS E 220 6.54 -14.72 -15.10
N ALA E 221 7.59 -15.37 -15.54
CA ALA E 221 8.71 -15.68 -14.66
C ALA E 221 9.60 -14.47 -14.44
N PRO E 222 10.18 -14.31 -13.26
CA PRO E 222 11.18 -13.33 -12.94
C PRO E 222 12.50 -13.78 -13.53
N ALA E 223 13.43 -12.85 -13.70
CA ALA E 223 14.72 -13.25 -14.22
C ALA E 223 15.35 -14.30 -13.35
N GLY E 224 15.99 -15.27 -14.00
CA GLY E 224 16.65 -16.37 -13.33
C GLY E 224 15.78 -17.63 -13.36
N PHE E 225 14.53 -17.45 -13.78
CA PHE E 225 13.56 -18.52 -13.86
C PHE E 225 12.98 -18.68 -15.25
N ALA E 226 12.48 -19.87 -15.52
CA ALA E 226 11.85 -20.15 -16.80
C ALA E 226 10.62 -21.01 -16.62
N ILE E 227 9.65 -20.89 -17.53
CA ILE E 227 8.47 -21.71 -17.43
C ILE E 227 8.48 -22.79 -18.48
N LEU E 228 8.36 -24.02 -18.04
CA LEU E 228 8.36 -25.11 -18.98
C LEU E 228 6.93 -25.52 -19.22
N LYS E 229 6.59 -25.71 -20.48
CA LYS E 229 5.25 -26.11 -20.86
C LYS E 229 5.23 -27.53 -21.42
N CYS E 230 4.24 -28.34 -21.00
CA CYS E 230 3.99 -29.70 -21.47
C CYS E 230 2.99 -29.67 -22.61
N LYS E 231 3.39 -30.14 -23.78
CA LYS E 231 2.54 -30.13 -24.95
C LYS E 231 2.00 -31.50 -25.36
N ASP E 232 2.25 -32.52 -24.56
CA ASP E 232 1.78 -33.84 -24.94
C ASP E 232 0.27 -33.80 -25.06
N LYS E 233 -0.26 -34.49 -26.06
CA LYS E 233 -1.70 -34.45 -26.35
C LYS E 233 -2.60 -35.05 -25.30
N LYS E 234 -2.16 -36.08 -24.62
CA LYS E 234 -2.98 -36.73 -23.63
C LYS E 234 -2.25 -36.87 -22.32
N PHE E 235 -1.94 -35.76 -21.69
CA PHE E 235 -1.23 -35.77 -20.43
C PHE E 235 -2.24 -35.78 -19.28
N ASN E 236 -2.09 -36.74 -18.32
CA ASN E 236 -3.04 -36.93 -17.20
C ASN E 236 -2.68 -36.14 -15.90
N GLY E 237 -1.68 -35.25 -15.95
CA GLY E 237 -1.27 -34.39 -14.83
C GLY E 237 -0.16 -34.91 -13.95
N THR E 238 0.18 -36.21 -13.99
CA THR E 238 1.25 -36.67 -13.11
C THR E 238 2.25 -37.63 -13.73
N GLY E 239 3.34 -37.13 -14.25
CA GLY E 239 4.30 -38.01 -14.90
C GLY E 239 5.15 -37.33 -15.96
N PRO E 240 6.01 -38.09 -16.63
CA PRO E 240 6.91 -37.64 -17.67
C PRO E 240 6.09 -37.09 -18.83
N CYS E 241 6.65 -36.08 -19.51
CA CYS E 241 6.12 -35.40 -20.68
C CYS E 241 7.30 -35.31 -21.64
N THR E 242 7.09 -35.72 -22.88
CA THR E 242 8.20 -35.71 -23.84
C THR E 242 8.23 -34.60 -24.90
N ASN E 243 7.08 -33.94 -25.18
CA ASN E 243 6.99 -32.78 -26.09
C ASN E 243 6.94 -31.53 -25.20
N VAL E 244 8.09 -30.87 -24.95
CA VAL E 244 8.16 -29.73 -24.01
C VAL E 244 8.86 -28.55 -24.64
N SER E 245 8.55 -27.39 -24.11
CA SER E 245 9.15 -26.13 -24.56
C SER E 245 9.28 -25.11 -23.47
N THR E 246 10.12 -24.11 -23.71
CA THR E 246 10.29 -23.02 -22.73
C THR E 246 9.67 -21.72 -23.18
N VAL E 247 8.91 -21.11 -22.27
CA VAL E 247 8.28 -19.83 -22.54
C VAL E 247 8.60 -18.82 -21.44
N GLN E 248 8.47 -17.53 -21.74
CA GLN E 248 8.67 -16.56 -20.65
C GLN E 248 7.43 -16.30 -19.77
N CYS E 249 6.20 -16.56 -20.31
CA CYS E 249 4.91 -16.34 -19.67
C CYS E 249 3.97 -17.46 -20.11
N THR E 250 2.94 -17.68 -19.33
CA THR E 250 1.90 -18.63 -19.67
C THR E 250 0.99 -17.96 -20.64
N HIS E 251 0.12 -18.72 -21.27
CA HIS E 251 -0.89 -18.12 -22.11
C HIS E 251 -1.88 -17.47 -21.18
N GLY E 252 -2.86 -16.76 -21.69
CA GLY E 252 -3.74 -16.13 -20.75
C GLY E 252 -4.67 -17.16 -20.15
N ILE E 253 -4.92 -17.01 -18.86
CA ILE E 253 -5.89 -17.82 -18.16
C ILE E 253 -6.93 -16.90 -17.62
N LYS E 254 -8.19 -17.16 -17.88
CA LYS E 254 -9.21 -16.29 -17.38
C LYS E 254 -9.62 -16.77 -15.99
N PRO E 255 -9.53 -15.96 -14.93
CA PRO E 255 -9.81 -16.31 -13.54
C PRO E 255 -11.28 -16.34 -13.22
N VAL E 256 -11.97 -17.30 -13.81
CA VAL E 256 -13.39 -17.44 -13.58
C VAL E 256 -13.60 -18.20 -12.30
N VAL E 257 -14.46 -17.68 -11.44
CA VAL E 257 -14.76 -18.34 -10.18
C VAL E 257 -16.09 -19.05 -10.25
N SER E 258 -16.08 -20.34 -9.97
CA SER E 258 -17.29 -21.14 -10.00
C SER E 258 -17.17 -22.40 -9.14
N THR E 259 -18.31 -23.02 -8.91
CA THR E 259 -18.40 -24.28 -8.16
C THR E 259 -19.10 -25.35 -9.01
N GLN E 260 -18.70 -26.62 -8.91
CA GLN E 260 -19.28 -27.78 -9.65
C GLN E 260 -18.97 -27.79 -11.15
N LEU E 261 -19.36 -26.78 -11.87
CA LEU E 261 -19.05 -26.74 -13.29
C LEU E 261 -18.01 -25.68 -13.55
N LEU E 262 -17.08 -26.01 -14.41
CA LEU E 262 -16.01 -25.11 -14.78
C LEU E 262 -16.44 -24.35 -16.01
N LEU E 263 -16.39 -23.05 -15.95
CA LEU E 263 -16.82 -22.27 -17.07
C LEU E 263 -15.67 -21.54 -17.74
N ASN E 264 -15.78 -21.36 -19.07
CA ASN E 264 -14.92 -20.59 -19.98
C ASN E 264 -13.42 -20.96 -19.88
N GLY E 265 -13.08 -22.26 -19.74
CA GLY E 265 -11.71 -22.76 -19.67
C GLY E 265 -11.25 -23.24 -21.03
N SER E 266 -10.14 -23.94 -21.05
CA SER E 266 -9.61 -24.45 -22.28
C SER E 266 -10.21 -25.79 -22.56
N LEU E 267 -10.30 -26.14 -23.82
CA LEU E 267 -10.79 -27.45 -24.20
C LEU E 267 -9.67 -28.38 -24.55
N ALA E 268 -9.92 -29.65 -24.36
CA ALA E 268 -9.02 -30.73 -24.71
C ALA E 268 -8.96 -30.83 -26.22
N GLU E 269 -7.84 -31.29 -26.77
CA GLU E 269 -7.77 -31.39 -28.23
C GLU E 269 -8.18 -32.73 -28.84
N GLU E 270 -7.98 -33.83 -28.14
CA GLU E 270 -8.29 -35.13 -28.73
C GLU E 270 -9.54 -35.80 -28.22
N GLU E 271 -9.76 -35.70 -26.91
CA GLU E 271 -10.85 -36.39 -26.26
C GLU E 271 -11.09 -35.79 -24.90
N VAL E 272 -12.12 -36.26 -24.22
CA VAL E 272 -12.35 -35.85 -22.85
C VAL E 272 -11.28 -36.47 -21.96
N ILE E 273 -10.64 -35.69 -21.13
CA ILE E 273 -9.57 -36.23 -20.29
C ILE E 273 -9.90 -36.20 -18.82
N ILE E 274 -9.75 -37.32 -18.15
CA ILE E 274 -10.05 -37.36 -16.72
C ILE E 274 -8.81 -37.46 -15.87
N ARG E 275 -8.66 -36.50 -14.95
CA ARG E 275 -7.49 -36.42 -14.08
C ARG E 275 -7.84 -36.37 -12.60
N SER E 276 -7.00 -36.96 -11.76
CA SER E 276 -7.18 -36.86 -10.31
C SER E 276 -5.85 -37.15 -9.63
N GLU E 277 -5.72 -36.83 -8.34
CA GLU E 277 -4.47 -37.17 -7.62
C GLU E 277 -4.23 -38.69 -7.44
N ASN E 278 -5.32 -39.42 -7.15
CA ASN E 278 -5.37 -40.82 -6.77
C ASN E 278 -6.73 -41.36 -7.26
N ILE E 279 -6.75 -42.05 -8.43
CA ILE E 279 -7.97 -42.43 -9.16
C ILE E 279 -8.94 -43.33 -8.41
N THR E 280 -8.41 -44.26 -7.68
CA THR E 280 -9.25 -45.20 -6.97
C THR E 280 -9.50 -44.81 -5.53
N ASN E 281 -9.04 -43.63 -5.14
CA ASN E 281 -9.21 -43.11 -3.78
C ASN E 281 -10.44 -42.22 -3.75
N ASN E 282 -11.40 -42.55 -2.93
CA ASN E 282 -12.60 -41.75 -2.91
C ASN E 282 -12.34 -40.52 -2.09
N ALA E 283 -13.32 -39.64 -1.98
CA ALA E 283 -13.13 -38.38 -1.25
C ALA E 283 -11.98 -37.56 -1.84
N LYS E 284 -11.88 -37.58 -3.18
CA LYS E 284 -10.93 -36.83 -3.96
C LYS E 284 -11.70 -36.28 -5.13
N ASN E 285 -11.34 -35.07 -5.57
CA ASN E 285 -12.01 -34.53 -6.72
C ASN E 285 -11.41 -35.05 -8.00
N ILE E 286 -12.27 -35.25 -8.97
CA ILE E 286 -11.94 -35.66 -10.30
C ILE E 286 -12.17 -34.49 -11.21
N LEU E 287 -11.16 -34.10 -11.95
CA LEU E 287 -11.31 -32.96 -12.82
C LEU E 287 -11.46 -33.46 -14.23
N VAL E 288 -12.57 -33.13 -14.85
CA VAL E 288 -12.83 -33.62 -16.19
C VAL E 288 -12.75 -32.50 -17.19
N GLN E 289 -11.87 -32.64 -18.16
CA GLN E 289 -11.72 -31.61 -19.18
C GLN E 289 -12.41 -32.03 -20.46
N LEU E 290 -13.35 -31.23 -20.91
CA LEU E 290 -14.09 -31.60 -22.09
C LEU E 290 -13.34 -31.16 -23.34
N ASN E 291 -13.57 -31.84 -24.50
CA ASN E 291 -13.02 -31.45 -25.81
C ASN E 291 -13.97 -30.53 -26.61
N GLU E 292 -15.30 -30.58 -26.32
CA GLU E 292 -16.36 -29.75 -26.91
C GLU E 292 -17.13 -29.21 -25.72
N SER E 293 -17.45 -27.93 -25.76
CA SER E 293 -18.16 -27.30 -24.67
C SER E 293 -19.66 -27.49 -24.74
N VAL E 294 -20.31 -27.24 -23.61
CA VAL E 294 -21.76 -27.25 -23.56
C VAL E 294 -22.21 -25.83 -23.30
N GLN E 295 -23.05 -25.31 -24.13
CA GLN E 295 -23.46 -23.93 -23.92
C GLN E 295 -24.51 -23.84 -22.85
N ILE E 296 -24.34 -22.90 -21.94
CA ILE E 296 -25.32 -22.65 -20.89
C ILE E 296 -25.77 -21.16 -20.91
N ASN E 297 -27.10 -20.92 -20.92
CA ASN E 297 -27.74 -19.59 -20.99
C ASN E 297 -28.46 -19.26 -19.68
N CYS E 298 -27.97 -18.27 -18.92
CA CYS E 298 -28.50 -17.91 -17.60
C CYS E 298 -29.19 -16.55 -17.61
N THR E 299 -30.28 -16.45 -16.84
CA THR E 299 -31.01 -15.20 -16.76
C THR E 299 -31.82 -14.93 -15.50
N ARG E 300 -32.01 -13.64 -15.27
CA ARG E 300 -32.90 -13.09 -14.26
C ARG E 300 -33.92 -12.22 -15.02
N PRO E 301 -35.13 -12.73 -15.29
CA PRO E 301 -36.15 -12.16 -16.17
C PRO E 301 -36.89 -10.87 -15.79
N ASN E 302 -36.89 -10.44 -14.54
CA ASN E 302 -37.66 -9.24 -14.17
C ASN E 302 -36.83 -7.98 -14.28
N ASN E 303 -37.47 -6.79 -14.39
CA ASN E 303 -36.79 -5.50 -14.45
C ASN E 303 -36.65 -4.91 -13.04
N ASN E 304 -35.46 -5.03 -12.41
CA ASN E 304 -35.27 -4.53 -11.03
C ASN E 304 -34.96 -3.06 -11.07
N THR E 305 -35.57 -2.31 -10.18
CA THR E 305 -35.33 -0.90 -10.06
C THR E 305 -34.47 -0.64 -8.88
N VAL E 306 -33.34 0.01 -9.14
CA VAL E 306 -32.38 0.32 -8.12
C VAL E 306 -32.53 1.73 -7.61
N LYS E 307 -32.60 1.86 -6.29
CA LYS E 307 -32.73 3.18 -5.65
C LYS E 307 -31.55 3.32 -4.69
N SER E 308 -31.34 4.52 -4.17
CA SER E 308 -30.28 4.74 -3.21
C SER E 308 -30.57 5.81 -2.20
N ILE E 309 -29.93 5.68 -1.05
CA ILE E 309 -29.99 6.66 0.03
C ILE E 309 -28.61 7.01 0.55
N ARG E 310 -28.50 8.13 1.25
CA ARG E 310 -27.23 8.46 1.87
C ARG E 310 -27.21 7.93 3.27
N ILE E 311 -26.12 7.30 3.65
CA ILE E 311 -25.92 6.82 5.00
C ILE E 311 -25.10 7.82 5.77
N GLY E 312 -24.11 8.36 5.11
CA GLY E 312 -23.21 9.31 5.75
C GLY E 312 -22.65 10.25 4.70
N PRO E 313 -21.63 11.04 5.03
CA PRO E 313 -21.03 12.00 4.14
C PRO E 313 -20.34 11.33 3.00
N GLY E 314 -21.00 11.35 1.85
CA GLY E 314 -20.48 10.77 0.63
C GLY E 314 -20.64 9.25 0.62
N GLN E 315 -21.38 8.72 1.57
CA GLN E 315 -21.52 7.29 1.70
C GLN E 315 -22.87 6.84 1.22
N TRP E 316 -22.93 6.35 -0.01
CA TRP E 316 -24.17 5.94 -0.62
C TRP E 316 -24.47 4.47 -0.48
N PHE E 317 -25.73 4.14 -0.29
CA PHE E 317 -26.18 2.77 -0.23
C PHE E 317 -27.17 2.43 -1.30
N TYR E 318 -26.87 1.39 -2.04
CA TYR E 318 -27.74 0.98 -3.14
C TYR E 318 -28.55 -0.25 -2.77
N TYR E 319 -29.84 -0.23 -3.10
CA TYR E 319 -30.73 -1.35 -2.81
C TYR E 319 -31.83 -1.51 -3.84
N THR E 320 -32.47 -2.68 -3.89
CA THR E 320 -33.57 -2.85 -4.83
C THR E 320 -34.78 -2.17 -4.25
N GLY E 321 -35.34 -1.27 -5.01
CA GLY E 321 -36.47 -0.48 -4.63
C GLY E 321 -37.75 -1.20 -4.92
N ASP E 322 -37.86 -1.65 -6.15
CA ASP E 322 -39.05 -2.35 -6.58
C ASP E 322 -38.74 -3.30 -7.71
N ILE E 323 -39.74 -4.07 -8.12
CA ILE E 323 -39.58 -4.95 -9.26
C ILE E 323 -40.71 -4.76 -10.23
N ILE E 324 -40.36 -4.56 -11.49
CA ILE E 324 -41.31 -4.35 -12.53
C ILE E 324 -41.63 -5.63 -13.28
N GLY E 325 -42.91 -5.93 -13.33
CA GLY E 325 -43.45 -7.08 -14.03
C GLY E 325 -43.83 -8.20 -13.10
N ASP E 326 -44.51 -9.21 -13.62
CA ASP E 326 -44.93 -10.35 -12.81
C ASP E 326 -43.65 -11.06 -12.44
N ILE E 327 -43.57 -11.64 -11.26
CA ILE E 327 -42.30 -12.23 -10.82
C ILE E 327 -42.10 -13.67 -11.19
N ARG E 328 -40.95 -13.93 -11.81
CA ARG E 328 -40.53 -15.24 -12.25
C ARG E 328 -39.15 -15.59 -11.72
N GLN E 329 -38.86 -16.88 -11.54
CA GLN E 329 -37.56 -17.27 -11.01
C GLN E 329 -36.44 -17.24 -12.02
N ALA E 330 -35.23 -17.02 -11.49
CA ALA E 330 -34.01 -17.06 -12.26
C ALA E 330 -33.75 -18.49 -12.66
N HIS E 331 -33.17 -18.68 -13.82
CA HIS E 331 -32.87 -20.03 -14.30
C HIS E 331 -31.75 -20.07 -15.35
N CYS E 332 -31.18 -21.28 -15.60
CA CYS E 332 -30.17 -21.54 -16.64
C CYS E 332 -30.56 -22.72 -17.54
N ASN E 333 -30.34 -22.57 -18.84
CA ASN E 333 -30.65 -23.63 -19.78
C ASN E 333 -29.40 -24.22 -20.42
N VAL E 334 -29.41 -25.56 -20.65
CA VAL E 334 -28.42 -26.29 -21.45
C VAL E 334 -29.17 -27.09 -22.49
N SER E 335 -28.61 -27.29 -23.67
CA SER E 335 -29.31 -28.10 -24.64
C SER E 335 -29.36 -29.50 -24.10
N LYS E 336 -30.48 -30.20 -24.23
CA LYS E 336 -30.55 -31.51 -23.64
C LYS E 336 -29.72 -32.53 -24.38
N ALA E 337 -29.77 -32.50 -25.70
CA ALA E 337 -29.03 -33.50 -26.42
C ALA E 337 -27.54 -33.32 -26.21
N THR E 338 -27.09 -32.08 -26.17
CA THR E 338 -25.67 -31.82 -26.04
C THR E 338 -25.22 -32.29 -24.69
N TRP E 339 -25.99 -31.98 -23.65
CA TRP E 339 -25.59 -32.42 -22.33
C TRP E 339 -25.47 -33.93 -22.27
N ASN E 340 -26.43 -34.71 -22.85
CA ASN E 340 -26.38 -36.16 -22.85
C ASN E 340 -25.14 -36.68 -23.62
N GLU E 341 -24.77 -36.08 -24.78
CA GLU E 341 -23.59 -36.49 -25.58
C GLU E 341 -22.28 -36.27 -24.85
N THR E 342 -22.19 -35.15 -24.13
CA THR E 342 -20.96 -34.87 -23.43
C THR E 342 -20.92 -35.56 -22.11
N LEU E 343 -21.97 -36.29 -21.75
CA LEU E 343 -21.92 -37.01 -20.52
C LEU E 343 -21.49 -38.40 -20.91
N GLY E 344 -21.97 -38.88 -22.05
CA GLY E 344 -21.60 -40.20 -22.52
C GLY E 344 -20.09 -40.31 -22.72
N LYS E 345 -19.47 -39.21 -23.15
CA LYS E 345 -18.03 -39.22 -23.33
C LYS E 345 -17.30 -39.42 -22.01
N VAL E 346 -17.84 -38.84 -20.95
CA VAL E 346 -17.24 -38.93 -19.62
C VAL E 346 -17.37 -40.36 -19.16
N VAL E 347 -18.52 -40.94 -19.41
CA VAL E 347 -18.80 -42.30 -19.01
C VAL E 347 -17.82 -43.26 -19.67
N LYS E 348 -17.52 -43.09 -20.96
CA LYS E 348 -16.55 -43.98 -21.58
C LYS E 348 -15.18 -43.90 -20.90
N GLN E 349 -14.75 -42.70 -20.57
CA GLN E 349 -13.45 -42.54 -19.96
C GLN E 349 -13.44 -43.06 -18.52
N LEU E 350 -14.54 -42.91 -17.81
CA LEU E 350 -14.59 -43.46 -16.47
C LEU E 350 -14.51 -44.97 -16.55
N ARG E 351 -15.16 -45.60 -17.54
CA ARG E 351 -15.05 -47.05 -17.66
C ARG E 351 -13.61 -47.46 -17.94
N LYS E 352 -12.86 -46.69 -18.72
CA LYS E 352 -11.48 -47.12 -18.92
C LYS E 352 -10.75 -47.29 -17.58
N HIS E 353 -11.05 -46.43 -16.61
CA HIS E 353 -10.41 -46.52 -15.30
C HIS E 353 -11.05 -47.56 -14.37
N PHE E 354 -12.34 -47.81 -14.52
CA PHE E 354 -13.02 -48.71 -13.58
C PHE E 354 -13.45 -50.10 -14.09
N GLY E 355 -13.41 -50.32 -15.40
CA GLY E 355 -13.80 -51.57 -16.05
C GLY E 355 -14.94 -51.37 -17.06
N ASN E 356 -14.86 -52.09 -18.22
CA ASN E 356 -15.83 -52.01 -19.33
C ASN E 356 -17.23 -52.51 -18.96
N ASN E 357 -17.34 -53.34 -17.90
CA ASN E 357 -18.55 -53.95 -17.40
C ASN E 357 -19.14 -53.21 -16.21
N THR E 358 -18.65 -52.01 -15.89
CA THR E 358 -19.25 -51.33 -14.77
C THR E 358 -20.34 -50.41 -15.26
N ILE E 359 -21.16 -50.00 -14.31
CA ILE E 359 -22.27 -49.11 -14.54
C ILE E 359 -22.02 -47.81 -13.85
N ILE E 360 -22.23 -46.74 -14.58
CA ILE E 360 -22.01 -45.43 -14.02
C ILE E 360 -23.27 -44.70 -13.75
N ARG E 361 -23.49 -44.42 -12.48
CA ARG E 361 -24.69 -43.75 -12.08
C ARG E 361 -24.36 -42.38 -11.59
N PHE E 362 -25.14 -41.42 -12.03
CA PHE E 362 -24.94 -40.08 -11.56
C PHE E 362 -26.01 -39.75 -10.57
N ALA E 363 -25.64 -38.89 -9.66
CA ALA E 363 -26.55 -38.41 -8.64
C ALA E 363 -26.20 -36.96 -8.35
N ASN E 364 -27.08 -36.26 -7.63
CA ASN E 364 -26.85 -34.83 -7.32
C ASN E 364 -26.01 -34.71 -6.04
N SER E 365 -25.74 -33.48 -5.60
CA SER E 365 -24.83 -33.21 -4.48
C SER E 365 -25.41 -33.75 -3.18
N SER E 366 -24.57 -33.92 -2.17
CA SER E 366 -25.02 -34.52 -0.92
C SER E 366 -25.71 -33.64 0.11
N GLY E 367 -25.51 -32.34 0.04
CA GLY E 367 -26.12 -31.48 1.04
C GLY E 367 -25.08 -30.60 1.69
N GLY E 368 -25.53 -29.66 2.52
CA GLY E 368 -24.62 -28.70 3.13
C GLY E 368 -24.91 -27.30 2.63
N ASP E 369 -23.98 -26.39 2.86
CA ASP E 369 -24.18 -24.99 2.51
C ASP E 369 -24.39 -24.82 1.02
N LEU E 370 -25.23 -23.84 0.68
CA LEU E 370 -25.60 -23.52 -0.68
C LEU E 370 -24.37 -23.38 -1.57
N GLU E 371 -23.27 -22.84 -1.05
CA GLU E 371 -22.10 -22.65 -1.86
C GLU E 371 -21.56 -23.93 -2.49
N VAL E 372 -21.70 -25.08 -1.84
CA VAL E 372 -21.16 -26.28 -2.42
C VAL E 372 -22.21 -27.23 -2.95
N THR E 373 -23.46 -27.05 -2.53
CA THR E 373 -24.50 -27.92 -3.01
C THR E 373 -25.02 -27.50 -4.36
N THR E 374 -24.85 -26.22 -4.70
CA THR E 374 -25.32 -25.69 -5.97
C THR E 374 -24.18 -25.12 -6.80
N HIS E 375 -24.50 -24.82 -8.04
CA HIS E 375 -23.56 -24.25 -8.99
C HIS E 375 -23.54 -22.76 -8.87
N SER E 376 -22.48 -22.24 -8.28
CA SER E 376 -22.41 -20.82 -8.10
C SER E 376 -21.60 -20.18 -9.21
N PHE E 377 -21.99 -18.96 -9.56
CA PHE E 377 -21.26 -18.12 -10.52
C PHE E 377 -21.70 -16.66 -10.47
N ASN E 378 -20.87 -15.79 -11.00
CA ASN E 378 -21.18 -14.36 -11.14
C ASN E 378 -21.60 -14.04 -12.58
N CYS E 379 -22.90 -13.74 -12.82
CA CYS E 379 -23.51 -13.49 -14.13
C CYS E 379 -24.05 -12.07 -14.21
N GLY E 380 -23.38 -11.26 -15.00
CA GLY E 380 -23.83 -9.90 -15.18
C GLY E 380 -23.55 -9.04 -13.98
N GLY E 381 -22.78 -9.57 -13.05
CA GLY E 381 -22.48 -8.92 -11.80
C GLY E 381 -23.31 -9.47 -10.62
N GLU E 382 -24.30 -10.33 -10.87
CA GLU E 382 -25.07 -10.86 -9.74
C GLU E 382 -24.69 -12.29 -9.40
N PHE E 383 -24.86 -12.65 -8.14
CA PHE E 383 -24.48 -13.98 -7.70
C PHE E 383 -25.60 -14.99 -7.72
N PHE E 384 -25.44 -15.99 -8.58
CA PHE E 384 -26.38 -17.07 -8.81
C PHE E 384 -25.94 -18.34 -8.15
N TYR E 385 -26.91 -19.08 -7.65
CA TYR E 385 -26.78 -20.40 -7.06
C TYR E 385 -27.77 -21.38 -7.70
N CYS E 386 -27.36 -22.16 -8.73
CA CYS E 386 -28.26 -22.99 -9.55
C CYS E 386 -28.29 -24.46 -9.13
N ASN E 387 -29.47 -25.04 -9.23
CA ASN E 387 -29.70 -26.43 -8.88
C ASN E 387 -29.40 -27.36 -10.06
N THR E 388 -28.36 -28.22 -9.93
CA THR E 388 -27.81 -29.12 -10.96
C THR E 388 -28.36 -30.53 -10.86
N SER E 389 -29.41 -30.70 -10.07
CA SER E 389 -30.02 -32.00 -9.90
C SER E 389 -30.56 -32.54 -11.21
N GLY E 390 -30.90 -31.66 -12.14
CA GLY E 390 -31.39 -32.09 -13.43
C GLY E 390 -30.28 -32.49 -14.38
N LEU E 391 -29.02 -32.27 -14.01
CA LEU E 391 -27.92 -32.62 -14.90
C LEU E 391 -27.28 -33.94 -14.53
N PHE E 392 -27.32 -34.29 -13.26
CA PHE E 392 -26.67 -35.51 -12.78
C PHE E 392 -27.68 -36.47 -12.16
N ASN E 393 -28.59 -36.99 -13.01
CA ASN E 393 -29.72 -37.85 -12.65
C ASN E 393 -29.69 -39.26 -13.28
N SER E 394 -29.03 -39.45 -14.47
CA SER E 394 -29.07 -40.68 -15.28
C SER E 394 -28.14 -41.81 -14.87
N THR E 395 -28.46 -43.02 -15.36
CA THR E 395 -27.64 -44.22 -15.17
C THR E 395 -27.26 -44.79 -16.51
N TRP E 396 -25.98 -45.03 -16.69
CA TRP E 396 -25.44 -45.53 -17.92
C TRP E 396 -25.01 -47.00 -17.90
N ILE E 397 -25.73 -47.82 -18.65
CA ILE E 397 -25.46 -49.26 -18.69
C ILE E 397 -25.08 -49.73 -20.11
N SER E 398 -23.94 -50.45 -20.23
CA SER E 398 -23.43 -51.00 -21.49
C SER E 398 -24.11 -52.35 -21.77
N ASN E 411 -34.36 -30.64 -29.98
CA ASN E 411 -34.70 -29.23 -29.72
C ASN E 411 -35.01 -28.91 -28.23
N ASP E 412 -35.12 -29.95 -27.36
CA ASP E 412 -35.37 -29.88 -25.92
C ASP E 412 -34.19 -29.33 -25.15
N SER E 413 -34.47 -28.76 -23.99
CA SER E 413 -33.45 -28.23 -23.11
C SER E 413 -33.77 -28.54 -21.67
N ILE E 414 -32.76 -28.46 -20.84
CA ILE E 414 -32.90 -28.69 -19.43
C ILE E 414 -32.86 -27.39 -18.72
N THR E 415 -33.91 -27.09 -17.96
CA THR E 415 -33.94 -25.82 -17.24
C THR E 415 -33.61 -26.06 -15.78
N LEU E 416 -32.62 -25.34 -15.31
CA LEU E 416 -32.16 -25.41 -13.95
C LEU E 416 -32.67 -24.19 -13.21
N PRO E 417 -33.45 -24.32 -12.13
CA PRO E 417 -33.94 -23.20 -11.37
C PRO E 417 -32.73 -22.68 -10.63
N CYS E 418 -32.70 -21.37 -10.30
CA CYS E 418 -31.60 -20.73 -9.56
C CYS E 418 -32.11 -19.77 -8.50
N ARG E 419 -31.23 -19.43 -7.57
CA ARG E 419 -31.53 -18.42 -6.57
C ARG E 419 -30.47 -17.36 -6.57
N ILE E 420 -30.88 -16.15 -6.23
CA ILE E 420 -29.99 -15.00 -6.20
C ILE E 420 -29.76 -14.60 -4.77
N LYS E 421 -28.51 -14.34 -4.42
CA LYS E 421 -28.18 -13.96 -3.06
C LYS E 421 -27.30 -12.72 -3.05
N GLN E 422 -27.59 -11.71 -2.21
CA GLN E 422 -26.77 -10.50 -2.20
C GLN E 422 -25.72 -10.42 -1.11
N ILE E 423 -25.87 -11.16 -0.02
CA ILE E 423 -24.83 -11.08 1.00
C ILE E 423 -23.98 -12.30 0.88
N ILE E 424 -22.75 -12.08 0.45
CA ILE E 424 -21.88 -13.16 0.11
C ILE E 424 -20.69 -13.32 1.03
N ASN E 425 -20.54 -14.50 1.58
CA ASN E 425 -19.37 -14.83 2.40
C ASN E 425 -18.46 -15.54 1.41
N MET E 426 -17.58 -14.78 0.81
CA MET E 426 -16.80 -15.27 -0.31
C MET E 426 -15.48 -15.89 0.14
N TRP E 427 -15.03 -16.89 -0.61
CA TRP E 427 -13.78 -17.60 -0.41
C TRP E 427 -13.72 -18.48 0.83
N GLN E 428 -14.86 -18.99 1.27
CA GLN E 428 -14.90 -19.90 2.41
C GLN E 428 -14.20 -19.32 3.64
N ARG E 429 -14.52 -18.09 3.97
CA ARG E 429 -13.95 -17.42 5.11
C ARG E 429 -15.03 -16.95 6.04
N ILE E 430 -14.67 -16.77 7.29
CA ILE E 430 -15.59 -16.26 8.28
C ILE E 430 -15.18 -14.84 8.61
N GLY E 431 -16.09 -13.91 8.41
CA GLY E 431 -15.77 -12.51 8.58
C GLY E 431 -15.58 -11.94 7.19
N GLN E 432 -15.36 -10.63 7.08
CA GLN E 432 -15.17 -10.01 5.77
C GLN E 432 -16.29 -10.31 4.77
N ALA E 433 -17.54 -9.99 5.12
CA ALA E 433 -18.64 -10.27 4.23
C ALA E 433 -18.81 -9.14 3.24
N MET E 434 -19.40 -9.42 2.08
CA MET E 434 -19.67 -8.34 1.16
C MET E 434 -21.08 -8.31 0.66
N TYR E 435 -21.54 -7.13 0.34
CA TYR E 435 -22.85 -6.95 -0.21
C TYR E 435 -22.75 -6.57 -1.66
N ALA E 436 -23.47 -7.30 -2.49
CA ALA E 436 -23.48 -7.04 -3.90
C ALA E 436 -24.60 -6.08 -4.24
N PRO E 437 -24.35 -4.88 -4.77
CA PRO E 437 -25.35 -3.93 -5.11
C PRO E 437 -26.20 -4.64 -6.13
N PRO E 438 -27.48 -4.34 -6.22
CA PRO E 438 -28.39 -4.90 -7.19
C PRO E 438 -28.10 -4.29 -8.52
N ILE E 439 -28.39 -5.01 -9.60
CA ILE E 439 -28.22 -4.42 -10.90
C ILE E 439 -29.51 -4.11 -11.63
N GLN E 440 -29.63 -2.86 -12.01
CA GLN E 440 -30.82 -2.38 -12.65
C GLN E 440 -31.05 -3.04 -13.98
N GLY E 441 -32.30 -3.39 -14.24
CA GLY E 441 -32.65 -4.01 -15.50
C GLY E 441 -32.72 -5.52 -15.42
N VAL E 442 -32.50 -6.16 -16.57
CA VAL E 442 -32.66 -7.60 -16.78
C VAL E 442 -31.28 -8.20 -17.03
N ILE E 443 -31.00 -9.33 -16.39
CA ILE E 443 -29.68 -9.96 -16.52
C ILE E 443 -29.67 -11.14 -17.42
N ARG E 444 -28.75 -11.16 -18.36
CA ARG E 444 -28.59 -12.32 -19.21
C ARG E 444 -27.12 -12.51 -19.53
N CYS E 445 -26.62 -13.76 -19.52
CA CYS E 445 -25.26 -14.11 -19.90
C CYS E 445 -25.24 -15.49 -20.54
N VAL E 446 -24.30 -15.67 -21.44
CA VAL E 446 -24.09 -16.96 -22.07
C VAL E 446 -22.67 -17.39 -21.85
N SER E 447 -22.50 -18.58 -21.36
CA SER E 447 -21.16 -19.07 -21.06
C SER E 447 -20.99 -20.52 -21.49
N ASN E 448 -19.72 -20.99 -21.55
CA ASN E 448 -19.34 -22.34 -21.95
C ASN E 448 -18.96 -23.21 -20.76
N ILE E 449 -19.52 -24.45 -20.67
CA ILE E 449 -19.13 -25.44 -19.68
C ILE E 449 -18.01 -26.19 -20.35
N THR E 450 -16.83 -26.09 -19.77
CA THR E 450 -15.64 -26.67 -20.35
C THR E 450 -15.11 -27.80 -19.51
N GLY E 451 -15.78 -28.06 -18.40
CA GLY E 451 -15.32 -29.11 -17.52
C GLY E 451 -16.20 -29.30 -16.31
N LEU E 452 -15.90 -30.35 -15.60
CA LEU E 452 -16.66 -30.72 -14.41
C LEU E 452 -15.80 -31.05 -13.22
N ILE E 453 -16.31 -30.81 -12.02
CA ILE E 453 -15.66 -31.32 -10.84
C ILE E 453 -16.54 -32.42 -10.29
N LEU E 454 -16.07 -33.65 -10.30
CA LEU E 454 -16.86 -34.79 -9.84
C LEU E 454 -16.23 -35.47 -8.66
N THR E 455 -17.03 -36.12 -7.85
CA THR E 455 -16.46 -36.97 -6.81
C THR E 455 -17.07 -38.34 -6.92
N ARG E 456 -16.35 -39.36 -6.48
CA ARG E 456 -16.90 -40.71 -6.45
C ARG E 456 -17.11 -40.99 -4.99
N ASP E 457 -18.13 -41.76 -4.66
CA ASP E 457 -18.33 -42.03 -3.25
C ASP E 457 -18.71 -43.49 -2.98
N GLY E 458 -18.90 -43.81 -1.71
CA GLY E 458 -19.32 -45.13 -1.23
C GLY E 458 -18.15 -46.09 -1.07
N GLY E 459 -17.51 -46.40 -2.19
CA GLY E 459 -16.36 -47.31 -2.20
C GLY E 459 -16.75 -48.78 -2.15
N SER E 460 -18.01 -49.05 -2.40
CA SER E 460 -18.56 -50.39 -2.37
C SER E 460 -18.22 -51.16 -3.62
N THR E 461 -18.46 -52.46 -3.54
CA THR E 461 -18.26 -53.38 -4.65
C THR E 461 -19.64 -53.79 -5.12
N ASN E 462 -20.20 -54.81 -4.49
CA ASN E 462 -21.56 -55.24 -4.75
C ASN E 462 -21.85 -55.44 -6.23
N SER E 463 -22.74 -54.61 -6.79
CA SER E 463 -23.21 -54.70 -8.16
C SER E 463 -22.23 -54.14 -9.17
N THR E 464 -21.19 -53.46 -8.68
CA THR E 464 -20.14 -52.74 -9.41
C THR E 464 -20.64 -51.41 -9.98
N THR E 465 -21.90 -51.08 -9.69
CA THR E 465 -22.38 -49.78 -10.12
C THR E 465 -21.73 -48.77 -9.19
N GLU E 466 -21.14 -47.75 -9.77
CA GLU E 466 -20.47 -46.73 -9.00
C GLU E 466 -21.23 -45.43 -9.11
N THR E 467 -21.24 -44.65 -8.04
CA THR E 467 -21.95 -43.39 -8.06
C THR E 467 -21.03 -42.20 -8.01
N PHE E 468 -21.27 -41.31 -8.96
CA PHE E 468 -20.54 -40.07 -9.09
C PHE E 468 -21.49 -38.91 -8.88
N ARG E 469 -21.00 -37.90 -8.20
CA ARG E 469 -21.80 -36.72 -7.91
C ARG E 469 -21.01 -35.49 -8.27
N PRO E 470 -21.63 -34.36 -8.60
CA PRO E 470 -20.92 -33.15 -8.80
C PRO E 470 -20.37 -32.79 -7.46
N GLY E 471 -19.15 -32.32 -7.41
CA GLY E 471 -18.59 -31.94 -6.13
C GLY E 471 -18.43 -30.45 -6.07
N GLY E 472 -18.14 -29.95 -4.88
CA GLY E 472 -17.94 -28.52 -4.73
C GLY E 472 -16.49 -28.25 -5.02
N GLY E 473 -15.67 -28.41 -4.01
CA GLY E 473 -14.24 -28.28 -4.18
C GLY E 473 -13.73 -26.91 -3.82
N ASP E 474 -12.42 -26.85 -3.63
CA ASP E 474 -11.73 -25.63 -3.30
C ASP E 474 -11.65 -24.80 -4.55
N MET E 475 -11.46 -23.51 -4.40
CA MET E 475 -11.36 -22.60 -5.54
C MET E 475 -10.07 -22.85 -6.29
N ARG E 476 -9.13 -23.47 -5.63
CA ARG E 476 -7.86 -23.80 -6.21
C ARG E 476 -8.03 -24.74 -7.40
N ASP E 477 -9.07 -25.57 -7.37
CA ASP E 477 -9.28 -26.55 -8.41
C ASP E 477 -9.62 -25.89 -9.73
N ASN E 478 -10.11 -24.66 -9.69
CA ASN E 478 -10.51 -24.00 -10.90
C ASN E 478 -9.33 -23.46 -11.66
N TRP E 479 -8.17 -23.44 -11.02
CA TRP E 479 -7.00 -22.90 -11.66
C TRP E 479 -6.06 -24.02 -11.96
N ARG E 480 -6.14 -25.08 -11.16
CA ARG E 480 -5.31 -26.24 -11.38
C ARG E 480 -5.61 -26.80 -12.74
N SER E 481 -6.88 -26.72 -13.13
CA SER E 481 -7.35 -27.21 -14.41
C SER E 481 -6.75 -26.50 -15.62
N GLU E 482 -6.17 -25.31 -15.46
CA GLU E 482 -5.54 -24.57 -16.57
C GLU E 482 -4.01 -24.57 -16.48
N LEU E 483 -3.48 -24.59 -15.27
CA LEU E 483 -2.06 -24.54 -14.99
C LEU E 483 -1.35 -25.87 -14.99
N TYR E 484 -2.08 -26.93 -15.29
CA TYR E 484 -1.56 -28.29 -15.28
C TYR E 484 -0.42 -28.52 -16.24
N LYS E 485 -0.33 -27.70 -17.25
CA LYS E 485 0.68 -27.87 -18.27
C LYS E 485 1.94 -27.07 -17.97
N TYR E 486 1.98 -26.31 -16.86
CA TYR E 486 3.17 -25.50 -16.62
C TYR E 486 3.95 -25.86 -15.38
N LYS E 487 5.28 -25.72 -15.49
CA LYS E 487 6.17 -25.92 -14.36
C LYS E 487 7.21 -24.79 -14.28
N VAL E 488 7.60 -24.39 -13.08
CA VAL E 488 8.61 -23.35 -12.95
C VAL E 488 9.93 -23.87 -12.45
N VAL E 489 11.00 -23.55 -13.18
CA VAL E 489 12.32 -24.00 -12.79
C VAL E 489 13.31 -22.86 -12.69
N LYS E 490 14.36 -23.08 -11.92
CA LYS E 490 15.45 -22.15 -11.71
C LYS E 490 16.65 -22.54 -12.54
N ILE E 491 17.28 -21.54 -13.13
CA ILE E 491 18.43 -21.79 -13.98
C ILE E 491 19.72 -21.76 -13.17
N GLU E 492 20.58 -22.75 -13.39
CA GLU E 492 21.86 -22.85 -12.68
C GLU E 492 23.07 -22.94 -13.62
N PRO E 493 23.64 -21.81 -14.07
CA PRO E 493 24.72 -21.68 -15.02
C PRO E 493 26.07 -22.31 -14.71
N LEU E 494 26.41 -22.61 -13.45
CA LEU E 494 27.72 -23.21 -13.23
C LEU E 494 27.74 -24.71 -13.24
N GLY E 495 28.57 -25.25 -14.12
CA GLY E 495 28.74 -26.68 -14.21
C GLY E 495 30.22 -27.04 -14.19
N VAL E 496 30.49 -28.28 -13.87
CA VAL E 496 31.84 -28.80 -13.82
C VAL E 496 31.93 -30.09 -14.59
N ALA E 497 33.01 -30.30 -15.34
CA ALA E 497 33.19 -31.56 -16.07
C ALA E 497 34.69 -31.85 -16.25
N PRO E 498 35.12 -33.12 -16.39
CA PRO E 498 36.48 -33.55 -16.68
C PRO E 498 36.92 -33.27 -18.11
N THR E 499 38.18 -32.90 -18.28
CA THR E 499 38.83 -32.74 -19.59
C THR E 499 40.35 -32.66 -19.48
N ARG E 500 41.03 -32.88 -20.58
CA ARG E 500 42.50 -32.95 -20.61
C ARG E 500 43.37 -31.67 -20.61
N CYS E 501 42.78 -30.45 -20.53
CA CYS E 501 43.52 -29.19 -20.49
C CYS E 501 43.98 -28.84 -19.07
N LYS E 502 45.06 -28.06 -18.99
CA LYS E 502 45.58 -27.54 -17.70
C LYS E 502 46.09 -26.11 -17.92
N ARG E 503 46.16 -25.28 -16.88
CA ARG E 503 46.66 -23.92 -17.06
C ARG E 503 48.18 -23.95 -17.18
N ARG E 504 48.78 -22.96 -17.85
CA ARG E 504 50.23 -22.94 -18.06
C ARG E 504 50.95 -21.81 -17.36
N VAL E 505 50.30 -21.16 -16.43
CA VAL E 505 50.93 -20.06 -15.73
C VAL E 505 51.48 -20.56 -14.38
N VAL E 506 52.76 -20.29 -14.10
CA VAL E 506 53.47 -20.69 -12.89
C VAL E 506 54.22 -19.44 -12.41
N GLY F 521 18.39 -19.09 -29.00
CA GLY F 521 17.44 -18.80 -27.96
C GLY F 521 17.91 -19.41 -26.64
N PHE F 522 17.39 -18.86 -25.50
CA PHE F 522 17.73 -19.25 -24.13
C PHE F 522 17.27 -20.70 -23.88
N LEU F 523 18.19 -21.51 -23.40
CA LEU F 523 18.03 -22.95 -23.19
C LEU F 523 17.78 -23.71 -24.48
N GLY F 524 18.08 -23.12 -25.63
CA GLY F 524 17.88 -23.82 -26.89
C GLY F 524 18.70 -25.08 -26.95
N ALA F 525 19.86 -25.05 -26.31
CA ALA F 525 20.78 -26.16 -26.28
C ALA F 525 20.53 -27.11 -25.13
N ALA F 526 19.44 -26.96 -24.38
CA ALA F 526 19.24 -27.81 -23.23
C ALA F 526 19.26 -29.30 -23.56
N GLY F 527 18.78 -29.69 -24.73
CA GLY F 527 18.79 -31.11 -25.08
C GLY F 527 20.03 -31.51 -25.89
N SER F 528 20.94 -30.59 -26.12
CA SER F 528 22.14 -30.83 -26.91
C SER F 528 23.19 -31.49 -26.05
N THR F 529 24.19 -32.04 -26.70
CA THR F 529 25.25 -32.69 -25.97
C THR F 529 26.09 -31.65 -25.29
N MET F 530 26.88 -32.09 -24.33
CA MET F 530 27.69 -31.17 -23.56
C MET F 530 28.64 -30.36 -24.39
N GLY F 531 29.26 -31.02 -25.36
CA GLY F 531 30.16 -30.36 -26.24
C GLY F 531 29.44 -29.34 -27.08
N ALA F 532 28.36 -29.74 -27.74
CA ALA F 532 27.65 -28.83 -28.61
C ALA F 532 27.09 -27.63 -27.88
N ALA F 533 26.64 -27.84 -26.66
CA ALA F 533 26.03 -26.78 -25.89
C ALA F 533 27.02 -25.65 -25.61
N SER F 534 28.31 -25.98 -25.49
CA SER F 534 29.30 -25.00 -25.12
C SER F 534 29.58 -24.02 -26.23
N MET F 535 29.08 -24.31 -27.42
CA MET F 535 29.34 -23.43 -28.52
C MET F 535 28.71 -22.05 -28.32
N THR F 536 27.59 -21.97 -27.59
CA THR F 536 26.94 -20.68 -27.39
C THR F 536 26.59 -20.44 -25.93
N LEU F 537 27.58 -20.48 -25.04
CA LEU F 537 27.28 -20.32 -23.62
C LEU F 537 26.72 -18.92 -23.30
N THR F 538 27.12 -17.91 -24.06
CA THR F 538 26.75 -16.51 -23.86
C THR F 538 25.26 -16.27 -23.69
N VAL F 539 24.42 -16.95 -24.45
CA VAL F 539 22.99 -16.72 -24.33
C VAL F 539 22.47 -17.00 -22.92
N GLN F 540 23.12 -17.90 -22.18
CA GLN F 540 22.64 -18.21 -20.86
C GLN F 540 23.15 -17.21 -19.83
N ALA F 541 24.07 -16.34 -20.23
CA ALA F 541 24.67 -15.39 -19.32
C ALA F 541 24.02 -14.01 -19.46
N ARG F 542 23.77 -13.59 -20.69
CA ARG F 542 23.27 -12.22 -20.87
C ARG F 542 21.85 -12.08 -20.34
N ASN F 543 21.13 -13.21 -20.26
CA ASN F 543 19.74 -13.20 -19.86
C ASN F 543 19.56 -13.35 -18.37
N LEU F 544 20.65 -13.34 -17.62
CA LEU F 544 20.50 -13.40 -16.18
C LEU F 544 20.18 -12.01 -15.67
N LEU F 545 20.70 -10.98 -16.37
CA LEU F 545 20.45 -9.60 -15.98
C LEU F 545 19.52 -8.85 -16.92
N SER F 546 19.54 -9.14 -18.24
CA SER F 546 18.71 -8.33 -19.14
C SER F 546 17.22 -8.49 -18.84
N GLY F 547 16.85 -9.62 -18.24
CA GLY F 547 15.46 -9.89 -17.90
C GLY F 547 15.03 -9.14 -16.63
N ILE F 548 15.98 -8.50 -15.97
CA ILE F 548 15.72 -7.73 -14.77
C ILE F 548 15.62 -6.29 -15.21
N VAL F 549 16.61 -5.88 -16.01
CA VAL F 549 16.76 -4.52 -16.48
C VAL F 549 15.63 -4.03 -17.42
N GLN F 550 15.19 -4.87 -18.40
CA GLN F 550 14.09 -4.57 -19.34
C GLN F 550 12.80 -4.28 -18.55
N ASP F 568 -0.57 -0.67 -4.31
CA ASP F 568 -0.47 -1.93 -3.58
C ASP F 568 0.96 -2.08 -2.99
N THR F 569 1.05 -1.88 -1.66
CA THR F 569 2.28 -1.93 -0.86
C THR F 569 2.92 -3.30 -0.85
N HIS F 570 2.09 -4.32 -0.70
CA HIS F 570 2.63 -5.66 -0.60
C HIS F 570 3.12 -6.14 -1.94
N TRP F 571 2.45 -5.72 -3.00
CA TRP F 571 2.91 -6.11 -4.31
C TRP F 571 4.30 -5.52 -4.51
N GLY F 572 4.48 -4.25 -4.14
CA GLY F 572 5.79 -3.61 -4.30
C GLY F 572 6.89 -4.33 -3.52
N ILE F 573 6.58 -4.80 -2.31
CA ILE F 573 7.60 -5.51 -1.55
C ILE F 573 7.97 -6.81 -2.23
N LYS F 574 6.98 -7.55 -2.72
CA LYS F 574 7.30 -8.80 -3.38
C LYS F 574 8.16 -8.59 -4.60
N GLN F 575 7.90 -7.53 -5.37
CA GLN F 575 8.72 -7.31 -6.54
C GLN F 575 10.13 -6.94 -6.16
N LEU F 576 10.31 -6.18 -5.09
CA LEU F 576 11.66 -5.87 -4.68
C LEU F 576 12.36 -7.11 -4.22
N GLN F 577 11.67 -8.02 -3.54
CA GLN F 577 12.36 -9.21 -3.11
C GLN F 577 12.82 -10.00 -4.32
N ALA F 578 12.00 -10.06 -5.36
CA ALA F 578 12.38 -10.80 -6.54
C ALA F 578 13.59 -10.20 -7.23
N ARG F 579 13.64 -8.87 -7.30
CA ARG F 579 14.76 -8.21 -7.96
C ARG F 579 16.03 -8.31 -7.16
N VAL F 580 15.91 -8.17 -5.85
CA VAL F 580 17.08 -8.25 -5.01
C VAL F 580 17.63 -9.65 -5.05
N LEU F 581 16.78 -10.65 -4.99
CA LEU F 581 17.28 -12.00 -4.99
C LEU F 581 17.97 -12.31 -6.29
N ALA F 582 17.42 -11.88 -7.43
CA ALA F 582 18.08 -12.18 -8.69
C ALA F 582 19.47 -11.59 -8.72
N VAL F 583 19.64 -10.40 -8.18
CA VAL F 583 20.95 -9.79 -8.13
C VAL F 583 21.89 -10.56 -7.23
N GLU F 584 21.42 -10.96 -6.07
CA GLU F 584 22.25 -11.68 -5.15
C GLU F 584 22.73 -13.00 -5.74
N HIS F 585 21.86 -13.70 -6.47
CA HIS F 585 22.29 -14.96 -7.06
C HIS F 585 23.31 -14.73 -8.15
N TYR F 586 23.10 -13.70 -8.96
CA TYR F 586 24.05 -13.41 -10.00
C TYR F 586 25.42 -13.19 -9.40
N LEU F 587 25.46 -12.34 -8.38
CA LEU F 587 26.72 -12.01 -7.79
C LEU F 587 27.37 -13.20 -7.14
N ARG F 588 26.61 -14.08 -6.49
CA ARG F 588 27.24 -15.22 -5.87
C ARG F 588 28.02 -16.01 -6.88
N ASP F 589 27.40 -16.28 -8.02
CA ASP F 589 28.10 -17.09 -8.99
C ASP F 589 29.31 -16.38 -9.54
N GLN F 590 29.22 -15.07 -9.73
CA GLN F 590 30.39 -14.38 -10.24
C GLN F 590 31.51 -14.41 -9.24
N GLN F 591 31.19 -14.29 -7.95
CA GLN F 591 32.25 -14.33 -6.98
C GLN F 591 32.91 -15.68 -6.98
N LEU F 592 32.14 -16.75 -7.07
CA LEU F 592 32.77 -18.05 -7.02
C LEU F 592 33.73 -18.21 -8.16
N LEU F 593 33.38 -17.73 -9.33
CA LEU F 593 34.32 -17.87 -10.41
C LEU F 593 35.58 -17.09 -10.11
N GLY F 594 35.45 -15.89 -9.54
CA GLY F 594 36.63 -15.09 -9.22
C GLY F 594 37.53 -15.79 -8.21
N ILE F 595 36.95 -16.37 -7.18
CA ILE F 595 37.71 -17.05 -6.13
C ILE F 595 38.45 -18.24 -6.70
N TRP F 596 37.81 -18.96 -7.59
CA TRP F 596 38.38 -20.14 -8.20
C TRP F 596 39.43 -19.83 -9.27
N GLY F 597 39.64 -18.54 -9.58
CA GLY F 597 40.61 -18.15 -10.59
C GLY F 597 40.12 -17.94 -12.02
N CYS F 598 38.79 -17.95 -12.26
CA CYS F 598 38.17 -17.77 -13.56
C CYS F 598 37.48 -16.40 -13.58
N SER F 599 37.94 -15.50 -14.43
CA SER F 599 37.39 -14.15 -14.38
C SER F 599 36.33 -13.83 -15.45
N GLY F 600 36.76 -13.33 -16.59
CA GLY F 600 35.85 -12.92 -17.67
C GLY F 600 35.61 -13.98 -18.71
N LYS F 601 36.09 -15.18 -18.46
CA LYS F 601 35.98 -16.26 -19.40
C LYS F 601 34.74 -17.07 -19.14
N LEU F 602 34.20 -17.70 -20.16
CA LEU F 602 33.08 -18.59 -19.87
C LEU F 602 33.61 -20.00 -19.58
N ILE F 603 34.77 -20.34 -20.13
CA ILE F 603 35.34 -21.65 -19.86
C ILE F 603 36.76 -21.50 -19.28
N CYS F 604 37.05 -22.11 -18.10
CA CYS F 604 38.37 -22.08 -17.47
C CYS F 604 38.83 -23.46 -17.05
N CYS F 605 40.05 -23.76 -17.43
CA CYS F 605 40.69 -25.00 -17.07
C CYS F 605 41.26 -24.71 -15.69
N THR F 606 41.29 -25.68 -14.81
CA THR F 606 41.97 -25.41 -13.55
C THR F 606 42.97 -26.49 -13.30
N ASN F 607 43.69 -26.39 -12.19
CA ASN F 607 44.77 -27.31 -11.90
C ASN F 607 44.45 -28.36 -10.84
N VAL F 608 43.17 -28.51 -10.54
CA VAL F 608 42.71 -29.53 -9.62
C VAL F 608 42.50 -30.81 -10.43
N PRO F 609 43.16 -31.94 -10.11
CA PRO F 609 43.06 -33.23 -10.78
C PRO F 609 41.66 -33.76 -10.71
N TRP F 610 41.24 -34.50 -11.71
CA TRP F 610 39.92 -35.10 -11.61
C TRP F 610 40.02 -36.41 -10.83
N ASN F 611 39.09 -36.60 -9.89
CA ASN F 611 38.98 -37.84 -9.07
C ASN F 611 38.09 -38.85 -9.79
N SER F 612 38.59 -40.08 -9.94
CA SER F 612 37.88 -41.22 -10.56
C SER F 612 36.80 -41.74 -9.61
N SER F 613 36.88 -41.28 -8.37
CA SER F 613 35.96 -41.61 -7.31
C SER F 613 34.72 -40.71 -7.33
N TRP F 614 34.75 -39.68 -8.19
CA TRP F 614 33.62 -38.78 -8.36
C TRP F 614 32.89 -39.30 -9.56
N SER F 615 33.66 -39.50 -10.63
CA SER F 615 33.14 -40.06 -11.86
C SER F 615 34.26 -40.64 -12.69
N ASN F 616 34.05 -41.84 -13.22
CA ASN F 616 35.05 -42.44 -14.08
C ASN F 616 34.41 -43.00 -15.32
N ARG F 617 34.33 -42.16 -16.34
CA ARG F 617 33.68 -42.46 -17.59
C ARG F 617 34.57 -41.96 -18.72
N ASN F 618 34.35 -42.47 -19.94
CA ASN F 618 35.04 -42.06 -21.17
C ASN F 618 34.63 -40.63 -21.56
N LEU F 619 35.63 -39.78 -21.94
CA LEU F 619 35.40 -38.39 -22.38
C LEU F 619 34.58 -38.32 -23.66
N SER F 620 34.72 -39.30 -24.54
CA SER F 620 33.95 -39.26 -25.77
C SER F 620 32.45 -39.31 -25.44
N GLU F 621 32.05 -40.14 -24.47
CA GLU F 621 30.62 -40.17 -24.15
C GLU F 621 30.22 -38.88 -23.49
N ILE F 622 31.03 -38.41 -22.56
CA ILE F 622 30.66 -37.24 -21.81
C ILE F 622 30.45 -36.05 -22.70
N TRP F 623 31.34 -35.81 -23.63
CA TRP F 623 31.19 -34.63 -24.43
C TRP F 623 30.29 -34.77 -25.67
N ASP F 624 30.30 -35.93 -26.34
CA ASP F 624 29.51 -36.11 -27.56
C ASP F 624 28.16 -36.84 -27.46
N ASN F 625 27.92 -37.70 -26.47
CA ASN F 625 26.66 -38.46 -26.46
C ASN F 625 25.80 -38.24 -25.22
N MET F 626 26.14 -37.24 -24.42
CA MET F 626 25.40 -36.94 -23.19
C MET F 626 25.16 -35.46 -23.11
N THR F 627 24.02 -35.07 -22.51
CA THR F 627 23.65 -33.67 -22.36
C THR F 627 24.05 -33.12 -21.00
N TRP F 628 24.00 -31.79 -20.85
CA TRP F 628 24.35 -31.18 -19.56
C TRP F 628 23.34 -31.47 -18.48
N LEU F 629 22.08 -31.68 -18.84
CA LEU F 629 21.09 -31.98 -17.82
C LEU F 629 21.43 -33.33 -17.22
N GLN F 630 21.79 -34.28 -18.09
CA GLN F 630 22.12 -35.62 -17.61
C GLN F 630 23.36 -35.60 -16.79
N TRP F 631 24.33 -34.83 -17.24
CA TRP F 631 25.58 -34.73 -16.55
C TRP F 631 25.42 -34.14 -15.18
N ASP F 632 24.64 -33.07 -15.06
CA ASP F 632 24.50 -32.47 -13.77
C ASP F 632 23.87 -33.45 -12.80
N LYS F 633 22.91 -34.24 -13.27
CA LYS F 633 22.32 -35.23 -12.40
C LYS F 633 23.34 -36.30 -12.00
N GLU F 634 24.22 -36.66 -12.95
CA GLU F 634 25.20 -37.70 -12.73
C GLU F 634 26.24 -37.36 -11.66
N ILE F 635 26.71 -36.11 -11.59
CA ILE F 635 27.72 -35.78 -10.57
C ILE F 635 27.31 -34.73 -9.54
N SER F 636 26.01 -34.60 -9.28
CA SER F 636 25.49 -33.60 -8.32
C SER F 636 25.96 -33.79 -6.85
N ASN F 637 26.51 -34.98 -6.55
CA ASN F 637 26.97 -35.30 -5.17
C ASN F 637 28.18 -34.43 -4.80
N TYR F 638 29.12 -34.27 -5.74
CA TYR F 638 30.47 -33.77 -5.47
C TYR F 638 30.67 -32.28 -5.62
N THR F 639 29.61 -31.50 -5.72
CA THR F 639 29.86 -30.10 -5.96
C THR F 639 30.49 -29.41 -4.78
N GLN F 640 30.16 -29.80 -3.57
CA GLN F 640 30.76 -29.08 -2.46
C GLN F 640 32.26 -29.32 -2.36
N ILE F 641 32.69 -30.56 -2.63
CA ILE F 641 34.11 -30.84 -2.53
C ILE F 641 34.88 -30.21 -3.66
N ILE F 642 34.32 -30.22 -4.85
CA ILE F 642 35.06 -29.65 -5.93
C ILE F 642 35.24 -28.19 -5.69
N TYR F 643 34.20 -27.49 -5.24
CA TYR F 643 34.33 -26.09 -5.04
C TYR F 643 35.38 -25.76 -3.98
N GLY F 644 35.44 -26.54 -2.90
CA GLY F 644 36.45 -26.28 -1.89
C GLY F 644 37.87 -26.45 -2.45
N LEU F 645 38.05 -27.47 -3.28
CA LEU F 645 39.36 -27.70 -3.85
C LEU F 645 39.76 -26.59 -4.81
N LEU F 646 38.80 -26.07 -5.57
CA LEU F 646 39.12 -25.03 -6.52
C LEU F 646 39.59 -23.80 -5.78
N GLU F 647 38.93 -23.50 -4.66
CA GLU F 647 39.29 -22.35 -3.83
C GLU F 647 40.68 -22.46 -3.27
N GLU F 648 41.03 -23.64 -2.77
CA GLU F 648 42.35 -23.80 -2.19
C GLU F 648 43.44 -23.72 -3.23
N SER F 649 43.20 -24.29 -4.41
CA SER F 649 44.23 -24.24 -5.43
C SER F 649 44.54 -22.83 -5.83
N GLN F 650 43.51 -22.01 -6.04
CA GLN F 650 43.79 -20.66 -6.47
C GLN F 650 44.47 -19.87 -5.40
N ASN F 651 44.11 -20.11 -4.14
CA ASN F 651 44.71 -19.38 -3.05
C ASN F 651 46.22 -19.64 -3.01
N GLN F 652 46.61 -20.89 -3.21
CA GLN F 652 48.03 -21.20 -3.21
C GLN F 652 48.73 -20.57 -4.38
N GLN F 653 48.07 -20.57 -5.54
CA GLN F 653 48.66 -19.98 -6.73
C GLN F 653 48.95 -18.51 -6.54
N GLU F 654 48.01 -17.77 -5.98
CA GLU F 654 48.26 -16.36 -5.82
C GLU F 654 49.42 -16.08 -4.90
N LYS F 655 49.53 -16.84 -3.81
CA LYS F 655 50.65 -16.59 -2.93
C LYS F 655 51.96 -16.88 -3.62
N ASN F 656 52.01 -17.96 -4.39
CA ASN F 656 53.24 -18.31 -5.03
C ASN F 656 53.65 -17.26 -6.04
N GLU F 657 52.68 -16.69 -6.76
CA GLU F 657 53.00 -15.66 -7.73
C GLU F 657 53.50 -14.38 -7.08
N GLN F 658 52.96 -14.00 -5.92
CA GLN F 658 53.47 -12.80 -5.26
C GLN F 658 54.91 -12.99 -4.84
N ASP F 659 55.25 -14.19 -4.36
CA ASP F 659 56.62 -14.44 -3.93
C ASP F 659 57.56 -14.46 -5.12
N LEU F 660 57.09 -14.98 -6.25
CA LEU F 660 57.89 -15.03 -7.48
C LEU F 660 57.77 -13.74 -8.30
N LEU F 661 58.21 -12.62 -7.70
CA LEU F 661 58.18 -11.23 -8.21
C LEU F 661 58.59 -10.29 -7.08
N UNK G 1 -46.49 1.36 -6.14
CA UNK G 1 -47.13 0.58 -5.08
C UNK G 1 -47.39 1.41 -3.78
N UNK G 2 -46.83 2.63 -3.69
CA UNK G 2 -46.95 3.58 -2.57
C UNK G 2 -48.34 4.22 -2.47
N UNK G 3 -48.78 4.51 -1.26
CA UNK G 3 -50.06 5.17 -1.06
C UNK G 3 -49.96 6.68 -1.12
N UNK G 4 -49.64 7.21 -2.28
CA UNK G 4 -49.56 8.66 -2.39
C UNK G 4 -50.94 9.22 -2.11
N UNK G 5 -51.04 10.31 -1.34
CA UNK G 5 -52.37 10.84 -1.06
C UNK G 5 -52.45 12.34 -1.09
N UNK G 6 -53.23 12.84 -2.04
CA UNK G 6 -53.42 14.27 -2.25
C UNK G 6 -54.40 14.79 -1.25
N UNK G 7 -54.23 16.03 -0.84
CA UNK G 7 -55.14 16.63 0.13
C UNK G 7 -55.41 18.11 -0.11
N UNK G 8 -56.24 18.42 -1.09
CA UNK G 8 -56.53 19.81 -1.40
C UNK G 8 -57.83 19.97 -2.17
N UNK G 9 -58.39 21.17 -2.12
CA UNK G 9 -59.53 21.59 -2.91
C UNK G 9 -59.52 23.09 -2.96
N UNK G 10 -60.12 23.71 -3.96
CA UNK G 10 -60.14 25.17 -3.92
C UNK G 10 -61.25 25.82 -4.74
N UNK G 11 -61.51 27.06 -4.38
CA UNK G 11 -62.40 27.96 -5.07
C UNK G 11 -61.79 29.33 -4.93
N UNK G 12 -60.61 29.49 -5.51
CA UNK G 12 -59.79 30.67 -5.35
C UNK G 12 -60.28 31.83 -6.20
N UNK G 13 -60.00 33.02 -5.72
CA UNK G 13 -60.25 34.23 -6.48
C UNK G 13 -59.17 34.35 -7.52
N UNK G 14 -59.45 35.04 -8.61
CA UNK G 14 -58.41 35.22 -9.60
C UNK G 14 -57.29 36.00 -8.95
N UNK G 15 -56.07 35.70 -9.36
CA UNK G 15 -54.81 36.28 -8.91
C UNK G 15 -54.45 35.92 -7.47
N UNK G 16 -55.21 35.05 -6.84
CA UNK G 16 -54.85 34.57 -5.53
C UNK G 16 -53.83 33.45 -5.66
N UNK G 17 -52.93 33.31 -4.71
CA UNK G 17 -52.00 32.17 -4.73
C UNK G 17 -52.67 30.98 -4.09
N UNK G 18 -52.28 29.76 -4.48
CA UNK G 18 -52.87 28.59 -3.81
C UNK G 18 -51.95 27.39 -3.76
N UNK G 19 -51.90 26.78 -2.56
CA UNK G 19 -51.08 25.62 -2.31
C UNK G 19 -51.88 24.34 -2.22
N UNK G 20 -51.20 23.24 -2.50
CA UNK G 20 -51.73 21.90 -2.42
C UNK G 20 -50.62 20.96 -1.97
N UNK G 21 -50.98 19.81 -1.43
CA UNK G 21 -49.93 18.89 -0.98
C UNK G 21 -50.36 17.46 -1.06
N UNK G 22 -49.37 16.57 -1.07
CA UNK G 22 -49.65 15.14 -1.06
C UNK G 22 -48.68 14.38 -0.19
N UNK G 23 -49.24 13.58 0.71
CA UNK G 23 -48.50 12.78 1.67
C UNK G 23 -47.88 11.59 1.01
N UNK G 24 -46.75 11.18 1.53
CA UNK G 24 -46.10 9.98 1.07
C UNK G 24 -46.26 8.89 2.10
N UNK G 25 -46.28 7.66 1.65
CA UNK G 25 -46.34 6.53 2.55
C UNK G 25 -45.80 5.31 1.85
N UNK G 26 -45.32 4.34 2.60
CA UNK G 26 -44.87 3.07 2.04
C UNK G 26 -43.77 3.22 1.00
N UNK G 27 -42.87 4.14 1.20
CA UNK G 27 -41.77 4.32 0.29
C UNK G 27 -40.69 5.05 1.03
N UNK G 28 -39.47 4.95 0.56
CA UNK G 28 -38.47 5.79 1.14
C UNK G 28 -38.65 7.09 0.42
N UNK G 29 -39.18 8.10 1.07
CA UNK G 29 -39.49 9.32 0.33
C UNK G 29 -38.27 9.90 -0.31
N UNK G 30 -37.15 9.80 0.37
CA UNK G 30 -35.92 10.36 -0.12
C UNK G 30 -35.41 9.69 -1.37
N UNK G 31 -35.87 8.50 -1.63
CA UNK G 31 -35.37 7.72 -2.74
C UNK G 31 -36.11 7.92 -4.05
N UNK G 32 -37.16 8.75 -4.09
CA UNK G 32 -37.84 8.89 -5.37
C UNK G 32 -38.32 10.30 -5.62
N UNK G 33 -38.23 10.71 -6.87
CA UNK G 33 -38.72 12.00 -7.27
C UNK G 33 -40.21 11.96 -7.38
N UNK G 34 -40.84 13.09 -7.07
CA UNK G 34 -42.27 13.22 -7.25
C UNK G 34 -42.50 14.15 -8.39
N UNK G 35 -43.49 13.84 -9.18
CA UNK G 35 -43.87 14.65 -10.30
C UNK G 35 -45.23 15.20 -10.07
N UNK G 36 -45.48 16.37 -10.65
CA UNK G 36 -46.77 16.99 -10.60
C UNK G 36 -47.28 17.13 -12.02
N UNK G 37 -48.57 16.93 -12.20
CA UNK G 37 -49.21 17.08 -13.50
C UNK G 37 -50.63 17.53 -13.32
N UNK G 38 -51.20 18.12 -14.35
CA UNK G 38 -52.59 18.56 -14.25
C UNK G 38 -53.31 18.47 -15.55
N UNK G 39 -54.63 18.38 -15.46
CA UNK G 39 -55.46 18.35 -16.65
C UNK G 39 -56.58 19.33 -16.47
N UNK G 40 -56.67 20.24 -17.41
CA UNK G 40 -57.68 21.26 -17.32
C UNK G 40 -58.99 20.61 -17.50
N UNK G 41 -60.04 21.23 -17.03
CA UNK G 41 -61.30 20.59 -17.29
C UNK G 41 -61.40 20.38 -18.79
N UNK G 42 -61.83 19.17 -19.20
CA UNK G 42 -61.99 18.80 -20.61
C UNK G 42 -60.72 18.99 -21.45
N UNK G 43 -59.59 18.54 -20.94
CA UNK G 43 -58.34 18.70 -21.66
C UNK G 43 -57.34 17.59 -21.38
N UNK G 44 -56.37 17.46 -22.27
CA UNK G 44 -55.27 16.52 -22.13
C UNK G 44 -54.42 16.93 -20.96
N UNK G 45 -53.78 15.97 -20.32
CA UNK G 45 -52.89 16.24 -19.21
C UNK G 45 -51.60 16.86 -19.67
N UNK G 46 -50.97 17.63 -18.79
CA UNK G 46 -49.67 18.21 -19.05
C UNK G 46 -48.80 18.14 -17.81
N UNK G 47 -47.50 17.99 -18.02
CA UNK G 47 -46.57 17.98 -16.90
C UNK G 47 -46.47 19.35 -16.33
N UNK G 48 -46.30 19.45 -15.03
CA UNK G 48 -46.10 20.74 -14.41
C UNK G 48 -44.72 20.88 -13.80
N UNK G 49 -44.27 19.84 -13.10
CA UNK G 49 -43.02 19.93 -12.34
C UNK G 49 -42.51 18.58 -11.84
N UNK G 50 -41.29 18.59 -11.34
CA UNK G 50 -40.73 17.46 -10.63
C UNK G 50 -39.76 17.97 -9.59
N UNK G 51 -39.62 17.23 -8.48
CA UNK G 51 -38.63 17.57 -7.45
C UNK G 51 -38.18 16.33 -6.70
N UNK G 52 -36.94 16.34 -6.21
CA UNK G 52 -36.42 15.22 -5.45
C UNK G 52 -36.65 15.44 -4.00
N UNK G 53 -37.29 14.52 -3.32
CA UNK G 53 -37.51 14.75 -1.92
C UNK G 53 -36.20 14.95 -1.18
N UNK G 54 -35.17 14.23 -1.61
CA UNK G 54 -33.85 14.30 -0.99
C UNK G 54 -33.13 15.63 -1.13
N UNK G 55 -33.36 16.39 -2.21
CA UNK G 55 -32.56 17.59 -2.37
C UNK G 55 -33.21 18.65 -3.23
N UNK G 56 -34.50 18.85 -3.12
CA UNK G 56 -35.15 19.87 -3.93
C UNK G 56 -34.75 19.72 -5.39
N UNK G 57 -34.03 20.72 -5.92
CA UNK G 57 -33.63 20.69 -7.32
C UNK G 57 -34.81 20.51 -8.24
N UNK G 58 -35.85 21.29 -8.01
CA UNK G 58 -37.04 21.23 -8.81
C UNK G 58 -36.76 21.67 -10.21
N UNK G 59 -37.49 21.11 -11.16
CA UNK G 59 -37.36 21.45 -12.57
C UNK G 59 -38.71 21.71 -13.20
N UNK G 60 -39.26 22.89 -12.95
CA UNK G 60 -40.60 23.25 -13.41
C UNK G 60 -40.62 23.34 -14.92
N UNK G 61 -41.76 22.99 -15.52
CA UNK G 61 -41.94 23.10 -16.96
C UNK G 61 -41.86 24.54 -17.36
N UNK G 62 -41.29 24.83 -18.53
CA UNK G 62 -41.10 26.21 -18.99
C UNK G 62 -42.38 27.02 -19.04
N UNK G 63 -43.50 26.39 -19.36
CA UNK G 63 -44.78 27.07 -19.46
C UNK G 63 -45.19 27.73 -18.15
N UNK G 64 -44.72 27.19 -17.03
CA UNK G 64 -45.05 27.68 -15.72
C UNK G 64 -43.80 28.07 -14.99
N UNK G 65 -42.74 28.36 -15.72
CA UNK G 65 -41.54 28.73 -15.02
C UNK G 65 -41.86 30.03 -14.34
N UNK G 66 -41.39 30.15 -13.12
CA UNK G 66 -41.58 31.33 -12.28
C UNK G 66 -43.04 31.62 -11.95
N UNK G 67 -43.94 30.68 -12.24
CA UNK G 67 -45.34 30.85 -11.89
C UNK G 67 -45.71 29.84 -10.84
N UNK G 68 -44.74 29.04 -10.41
CA UNK G 68 -44.98 27.96 -9.48
C UNK G 68 -43.74 27.62 -8.67
N UNK G 69 -43.95 27.01 -7.52
CA UNK G 69 -42.86 26.58 -6.66
C UNK G 69 -43.21 25.29 -5.96
N UNK G 70 -42.18 24.57 -5.49
CA UNK G 70 -42.41 23.32 -4.77
C UNK G 70 -41.40 23.13 -3.66
N UNK G 71 -41.79 22.35 -2.66
CA UNK G 71 -41.00 22.07 -1.47
C UNK G 71 -41.39 20.75 -0.83
N UNK G 72 -40.56 20.24 0.09
CA UNK G 72 -40.96 19.02 0.79
C UNK G 72 -40.68 19.07 2.27
N UNK G 73 -41.60 18.48 3.03
CA UNK G 73 -41.58 18.35 4.49
C UNK G 73 -40.90 17.08 4.94
N UNK G 74 -39.60 17.00 4.98
CA UNK G 74 -38.93 15.73 5.27
C UNK G 74 -39.37 15.13 6.61
N UNK G 75 -39.70 15.96 7.58
CA UNK G 75 -40.10 15.52 8.91
C UNK G 75 -41.36 14.64 8.92
N UNK G 76 -42.21 14.82 7.94
CA UNK G 76 -43.48 14.13 7.79
C UNK G 76 -43.73 14.09 6.33
N UNK G 77 -43.07 13.16 5.65
CA UNK G 77 -42.93 13.30 4.23
C UNK G 77 -44.23 13.56 3.54
N UNK G 78 -44.18 14.67 2.83
CA UNK G 78 -45.21 15.20 2.00
C UNK G 78 -44.59 16.20 1.07
N UNK G 79 -45.09 16.25 -0.13
CA UNK G 79 -44.63 17.23 -1.07
C UNK G 79 -45.64 18.32 -1.12
N UNK G 80 -45.22 19.52 -1.45
CA UNK G 80 -46.18 20.60 -1.56
C UNK G 80 -45.81 21.49 -2.70
N UNK G 81 -46.80 22.14 -3.26
CA UNK G 81 -46.56 23.06 -4.34
C UNK G 81 -47.57 24.16 -4.34
N UNK G 82 -47.21 25.26 -4.95
CA UNK G 82 -48.16 26.36 -5.04
C UNK G 82 -48.06 27.11 -6.32
N UNK G 83 -49.22 27.57 -6.77
CA UNK G 83 -49.33 28.42 -7.92
C UNK G 83 -49.17 29.83 -7.45
N UNK G 84 -48.35 30.60 -8.13
CA UNK G 84 -48.10 31.96 -7.74
C UNK G 84 -49.34 32.83 -7.81
N UNK G 85 -50.17 32.63 -8.83
CA UNK G 85 -51.38 33.41 -9.01
C UNK G 85 -52.36 32.64 -9.87
N UNK G 86 -53.60 32.60 -9.42
CA UNK G 86 -54.70 31.93 -10.09
C UNK G 86 -55.22 32.71 -11.28
N UNK G 87 -55.82 31.99 -12.18
CA UNK G 87 -56.46 32.52 -13.35
C UNK G 87 -57.60 31.61 -13.70
N UNK G 88 -58.59 32.07 -14.43
CA UNK G 88 -59.66 31.16 -14.81
C UNK G 88 -59.13 29.97 -15.60
N UNK G 89 -58.09 30.21 -16.37
CA UNK G 89 -57.44 29.22 -17.21
C UNK G 89 -56.78 28.11 -16.40
N UNK G 90 -56.53 28.39 -15.13
CA UNK G 90 -55.86 27.48 -14.23
C UNK G 90 -56.82 26.53 -13.53
N UNK G 91 -58.13 26.63 -13.81
CA UNK G 91 -59.03 25.71 -13.12
C UNK G 91 -58.84 24.32 -13.71
N UNK G 92 -58.41 23.42 -12.85
CA UNK G 92 -58.01 22.09 -13.28
C UNK G 92 -57.96 21.07 -12.17
N UNK G 93 -57.95 19.80 -12.56
CA UNK G 93 -57.69 18.76 -11.59
C UNK G 93 -56.18 18.61 -11.54
N UNK G 94 -55.61 18.35 -10.38
CA UNK G 94 -54.16 18.17 -10.34
C UNK G 94 -53.78 17.03 -9.43
N UNK G 95 -52.69 16.34 -9.78
CA UNK G 95 -52.28 15.21 -8.98
C UNK G 95 -50.77 14.94 -8.98
N UNK G 96 -50.33 14.31 -7.90
CA UNK G 96 -48.96 13.87 -7.73
C UNK G 96 -48.76 12.46 -8.26
N UNK G 97 -47.53 12.15 -8.67
CA UNK G 97 -47.19 10.78 -9.05
C UNK G 97 -45.73 10.48 -8.77
N UNK G 98 -45.39 9.24 -8.52
CA UNK G 98 -43.99 8.92 -8.29
C UNK G 98 -43.32 8.58 -9.58
N UNK G 99 -42.05 8.86 -9.69
CA UNK G 99 -41.31 8.37 -10.82
C UNK G 99 -40.91 6.96 -10.45
N UNK G 100 -41.26 5.94 -11.23
CA UNK G 100 -40.91 4.61 -10.78
C UNK G 100 -39.43 4.40 -10.63
N UNK G 101 -38.58 5.05 -11.44
CA UNK G 101 -37.17 4.73 -11.26
C UNK G 101 -36.17 5.83 -11.52
N UNK G 102 -35.36 6.06 -10.50
CA UNK G 102 -34.25 7.00 -10.50
C UNK G 102 -33.34 6.64 -9.34
N UNK G 103 -32.08 7.04 -9.41
CA UNK G 103 -31.16 6.85 -8.30
C UNK G 103 -30.10 7.91 -8.29
N UNK G 104 -29.54 8.18 -7.13
CA UNK G 104 -28.42 9.10 -7.08
C UNK G 104 -27.16 8.37 -6.73
N UNK G 105 -26.11 8.76 -7.39
CA UNK G 105 -24.79 8.25 -7.16
C UNK G 105 -23.94 9.38 -6.71
N UNK G 106 -22.78 9.10 -6.14
CA UNK G 106 -21.93 10.20 -5.76
C UNK G 106 -21.58 11.08 -6.94
N UNK G 107 -21.41 10.49 -8.12
CA UNK G 107 -21.05 11.24 -9.31
C UNK G 107 -22.17 12.06 -9.92
N UNK G 108 -23.39 11.55 -9.91
CA UNK G 108 -24.51 12.22 -10.58
C UNK G 108 -25.86 11.63 -10.23
N UNK G 109 -26.93 12.40 -10.44
CA UNK G 109 -28.25 11.78 -10.40
C UNK G 109 -28.54 11.18 -11.76
N UNK G 110 -29.27 10.08 -11.82
CA UNK G 110 -29.64 9.51 -13.11
C UNK G 110 -31.05 8.93 -13.10
N UNK G 111 -31.75 9.10 -14.22
CA UNK G 111 -33.09 8.55 -14.37
C UNK G 111 -33.02 7.33 -15.25
N UNK G 112 -33.93 6.38 -15.02
CA UNK G 112 -33.95 5.17 -15.83
C UNK G 112 -35.10 5.10 -16.79
N UNK G 113 -35.80 6.20 -16.96
CA UNK G 113 -36.94 6.30 -17.87
C UNK G 113 -38.05 5.27 -17.64
N UNK G 114 -38.34 4.97 -16.39
CA UNK G 114 -39.43 4.06 -16.07
C UNK G 114 -40.68 4.90 -16.00
N UNK G 115 -41.82 4.27 -16.12
CA UNK G 115 -43.10 4.97 -16.09
C UNK G 115 -43.41 5.58 -14.74
N UNK G 116 -44.27 6.60 -14.75
CA UNK G 116 -44.76 7.15 -13.49
C UNK G 116 -45.67 6.10 -12.89
N UNK G 117 -45.77 6.10 -11.58
CA UNK G 117 -46.56 5.09 -10.90
C UNK G 117 -47.21 5.63 -9.63
N UNK G 118 -48.21 4.91 -9.16
CA UNK G 118 -48.87 5.29 -7.92
C UNK G 118 -49.38 6.71 -7.97
N UNK G 119 -50.08 7.05 -9.04
CA UNK G 119 -50.63 8.39 -9.13
C UNK G 119 -51.65 8.56 -8.01
N UNK G 120 -51.65 9.74 -7.42
CA UNK G 120 -52.54 10.16 -6.36
C UNK G 120 -53.90 10.55 -6.87
N UNK G 121 -54.90 10.56 -6.00
CA UNK G 121 -56.21 11.07 -6.36
C UNK G 121 -56.03 12.53 -6.67
N UNK G 122 -56.76 13.07 -7.62
CA UNK G 122 -56.61 14.47 -7.92
C UNK G 122 -57.38 15.39 -7.01
N UNK G 123 -56.83 16.58 -6.83
CA UNK G 123 -57.48 17.67 -6.14
C UNK G 123 -58.14 18.55 -7.18
N UNK G 124 -59.33 19.05 -6.91
CA UNK G 124 -59.98 19.93 -7.88
C UNK G 124 -59.92 21.36 -7.42
N UNK G 125 -59.21 22.19 -8.18
CA UNK G 125 -59.06 23.57 -7.80
C UNK G 125 -59.67 24.52 -8.81
N UNK G 126 -60.70 25.23 -8.38
CA UNK G 126 -61.37 26.21 -9.22
C UNK G 126 -60.72 27.55 -8.93
N UNK G 127 -60.78 28.50 -9.89
CA UNK G 127 -60.23 29.86 -9.78
C UNK G 127 -61.36 30.85 -10.00
N UNK H 1 -37.40 21.58 -26.18
CA UNK H 1 -38.53 20.73 -25.85
C UNK H 1 -38.93 19.93 -27.09
N UNK H 2 -39.02 18.59 -26.93
CA UNK H 2 -39.44 17.66 -27.98
C UNK H 2 -40.94 17.47 -27.91
N UNK H 3 -41.68 18.12 -28.80
CA UNK H 3 -43.12 18.05 -28.75
C UNK H 3 -43.64 16.85 -29.50
N UNK H 4 -44.17 15.88 -28.76
CA UNK H 4 -44.69 14.64 -29.33
C UNK H 4 -46.13 14.83 -29.75
N UNK H 5 -46.62 14.01 -30.67
CA UNK H 5 -48.02 14.10 -31.06
C UNK H 5 -48.64 12.75 -31.36
N UNK H 6 -49.89 12.60 -30.94
CA UNK H 6 -50.65 11.38 -31.13
C UNK H 6 -51.39 11.40 -32.45
N UNK H 7 -51.49 10.24 -33.07
CA UNK H 7 -52.18 9.99 -34.32
C UNK H 7 -53.42 9.16 -34.12
N UNK H 8 -54.32 9.20 -35.10
CA UNK H 8 -55.52 8.38 -35.08
C UNK H 8 -56.37 8.57 -33.84
N UNK H 9 -56.61 9.82 -33.48
CA UNK H 9 -57.44 10.15 -32.32
C UNK H 9 -58.89 9.84 -32.62
N UNK H 10 -59.67 9.63 -31.55
CA UNK H 10 -61.10 9.34 -31.64
C UNK H 10 -61.42 8.14 -32.53
N UNK H 11 -60.72 7.05 -32.28
CA UNK H 11 -60.86 5.80 -33.00
C UNK H 11 -62.06 5.00 -32.51
N UNK H 12 -62.55 4.08 -33.32
CA UNK H 12 -63.60 3.21 -32.83
C UNK H 12 -63.47 1.85 -33.45
N UNK H 13 -63.90 0.85 -32.73
CA UNK H 13 -63.83 -0.51 -33.25
C UNK H 13 -64.90 -1.42 -32.68
N UNK H 14 -65.22 -2.46 -33.40
CA UNK H 14 -66.16 -3.43 -32.90
C UNK H 14 -65.59 -4.09 -31.66
N UNK H 15 -66.46 -4.53 -30.77
CA UNK H 15 -65.97 -5.17 -29.57
C UNK H 15 -65.13 -6.35 -29.95
N UNK H 16 -64.05 -6.47 -29.22
CA UNK H 16 -63.04 -7.50 -29.32
C UNK H 16 -62.34 -7.51 -30.68
N UNK H 17 -62.41 -6.42 -31.42
CA UNK H 17 -61.69 -6.29 -32.67
C UNK H 17 -60.27 -5.87 -32.36
N UNK H 18 -59.32 -6.17 -33.21
CA UNK H 18 -57.98 -5.66 -32.96
C UNK H 18 -58.01 -4.17 -33.23
N UNK H 19 -57.14 -3.43 -32.56
CA UNK H 19 -57.09 -1.98 -32.79
C UNK H 19 -55.69 -1.43 -32.57
N UNK H 20 -55.39 -0.26 -33.15
CA UNK H 20 -54.05 0.31 -32.96
C UNK H 20 -54.06 1.83 -32.99
N UNK H 21 -53.00 2.40 -32.41
CA UNK H 21 -52.77 3.84 -32.31
C UNK H 21 -51.29 4.12 -32.40
N UNK H 22 -50.91 5.35 -32.69
CA UNK H 22 -49.49 5.67 -32.82
C UNK H 22 -49.14 7.08 -32.43
N UNK H 23 -47.86 7.32 -32.18
CA UNK H 23 -47.39 8.66 -31.85
C UNK H 23 -45.98 8.91 -32.38
N UNK H 24 -45.76 10.13 -32.83
CA UNK H 24 -44.46 10.53 -33.34
C UNK H 24 -43.77 11.42 -32.37
N UNK H 25 -42.44 11.33 -32.32
CA UNK H 25 -41.65 12.25 -31.49
C UNK H 25 -40.95 13.26 -32.39
N UNK H 26 -40.71 14.46 -31.89
CA UNK H 26 -39.96 15.45 -32.70
C UNK H 26 -38.56 14.89 -32.97
N UNK H 27 -37.90 14.37 -31.94
CA UNK H 27 -36.57 13.73 -32.14
C UNK H 27 -36.17 12.89 -30.94
N UNK H 28 -35.26 11.93 -31.12
CA UNK H 28 -34.70 11.16 -29.98
C UNK H 28 -35.76 10.47 -29.13
N UNK H 29 -35.73 10.70 -27.81
CA UNK H 29 -36.63 10.02 -26.84
C UNK H 29 -35.97 8.72 -26.41
N UNK H 30 -34.81 8.38 -26.99
CA UNK H 30 -34.05 7.17 -26.59
C UNK H 30 -34.97 5.95 -26.62
N UNK H 31 -35.85 5.87 -27.63
CA UNK H 31 -36.81 4.76 -27.72
C UNK H 31 -37.52 4.55 -26.37
N UNK H 32 -37.71 5.61 -25.58
CA UNK H 32 -38.45 5.43 -24.34
C UNK H 32 -39.58 6.43 -24.22
N UNK H 33 -40.80 5.91 -24.24
CA UNK H 33 -42.02 6.68 -24.16
C UNK H 33 -43.04 5.82 -23.52
N UNK H 34 -43.55 6.27 -22.41
CA UNK H 34 -44.50 5.51 -21.62
C UNK H 34 -45.87 5.71 -22.17
N UNK H 35 -46.77 4.82 -21.86
CA UNK H 35 -48.15 5.02 -22.25
C UNK H 35 -49.03 4.72 -21.07
N UNK H 36 -50.13 5.44 -20.97
CA UNK H 36 -51.08 5.29 -19.88
C UNK H 36 -52.50 5.48 -20.34
N UNK H 37 -53.42 4.86 -19.63
CA UNK H 37 -54.83 4.97 -19.95
C UNK H 37 -55.59 5.70 -18.89
N UNK H 38 -56.64 6.38 -19.28
CA UNK H 38 -57.48 7.06 -18.32
C UNK H 38 -58.94 6.79 -18.60
N UNK H 39 -59.56 6.07 -17.70
CA UNK H 39 -60.94 5.74 -17.85
C UNK H 39 -61.67 7.03 -17.69
N UNK H 40 -62.88 7.13 -18.19
CA UNK H 40 -63.55 8.38 -17.95
C UNK H 40 -63.66 8.57 -16.45
N UNK H 41 -63.46 9.80 -16.00
CA UNK H 41 -63.54 10.16 -14.58
C UNK H 41 -62.63 9.30 -13.70
N UNK H 42 -61.38 9.16 -14.10
CA UNK H 42 -60.44 8.38 -13.33
C UNK H 42 -59.02 8.87 -13.51
N UNK H 43 -58.19 8.59 -12.51
CA UNK H 43 -56.77 8.90 -12.59
C UNK H 43 -56.13 8.03 -13.63
N UNK H 44 -55.14 8.55 -14.31
CA UNK H 44 -54.45 7.76 -15.31
C UNK H 44 -53.59 6.69 -14.67
N UNK H 45 -53.40 5.58 -15.40
CA UNK H 45 -52.49 4.53 -14.92
C UNK H 45 -51.63 4.00 -16.05
N UNK H 46 -50.37 3.67 -15.76
CA UNK H 46 -49.48 3.18 -16.79
C UNK H 46 -49.95 1.89 -17.39
N UNK H 47 -49.81 1.79 -18.69
CA UNK H 47 -50.13 0.60 -19.44
C UNK H 47 -48.84 -0.08 -19.85
N UNK H 48 -47.84 0.72 -20.21
CA UNK H 48 -46.55 0.19 -20.67
C UNK H 48 -45.43 1.17 -20.36
N UNK H 49 -44.24 0.62 -20.16
CA UNK H 49 -43.01 1.33 -19.89
C UNK H 49 -42.01 1.22 -21.03
N UNK H 50 -41.09 2.16 -21.05
CA UNK H 50 -40.02 2.17 -22.02
C UNK H 50 -40.56 2.12 -23.42
N UNK H 51 -40.13 1.17 -24.23
CA UNK H 51 -40.64 1.16 -25.58
C UNK H 51 -41.85 0.26 -25.72
N UNK H 52 -41.82 -0.86 -25.00
CA UNK H 52 -42.88 -1.83 -25.13
C UNK H 52 -42.91 -2.82 -23.99
N UNK H 53 -42.77 -2.38 -22.76
CA UNK H 53 -42.81 -3.31 -21.65
C UNK H 53 -44.12 -3.23 -20.94
N UNK H 54 -44.87 -4.31 -20.87
CA UNK H 54 -46.16 -4.17 -20.22
C UNK H 54 -45.99 -3.79 -18.77
N UNK H 55 -46.87 -2.92 -18.27
CA UNK H 55 -46.87 -2.53 -16.88
C UNK H 55 -47.30 -3.71 -16.04
N UNK H 56 -46.87 -3.75 -14.79
CA UNK H 56 -47.28 -4.86 -13.95
C UNK H 56 -48.78 -4.91 -13.85
N UNK H 57 -49.33 -6.11 -13.94
CA UNK H 57 -50.75 -6.40 -13.88
C UNK H 57 -51.55 -5.75 -15.01
N UNK H 58 -50.88 -5.36 -16.09
CA UNK H 58 -51.56 -4.85 -17.27
C UNK H 58 -52.15 -6.03 -18.00
N UNK H 59 -53.20 -5.79 -18.76
CA UNK H 59 -53.79 -6.87 -19.54
C UNK H 59 -52.82 -7.38 -20.57
N UNK H 60 -52.86 -8.67 -20.83
CA UNK H 60 -52.02 -9.27 -21.84
C UNK H 60 -52.28 -8.69 -23.22
N UNK H 61 -53.50 -8.22 -23.45
CA UNK H 61 -53.91 -7.67 -24.73
C UNK H 61 -53.26 -6.34 -25.03
N UNK H 62 -52.73 -5.67 -24.02
CA UNK H 62 -52.17 -4.34 -24.19
C UNK H 62 -50.74 -4.39 -24.73
N UNK H 63 -50.65 -4.73 -26.00
CA UNK H 63 -49.43 -4.90 -26.77
C UNK H 63 -48.78 -3.56 -27.08
N UNK H 64 -47.47 -3.57 -27.31
CA UNK H 64 -46.80 -2.33 -27.71
C UNK H 64 -45.55 -2.61 -28.51
N UNK H 65 -45.14 -1.62 -29.31
CA UNK H 65 -43.92 -1.72 -30.11
C UNK H 65 -43.44 -0.33 -30.46
N UNK H 66 -42.16 -0.16 -30.78
CA UNK H 66 -41.78 1.17 -31.22
C UNK H 66 -40.51 1.22 -32.03
N UNK H 67 -40.43 2.23 -32.85
CA UNK H 67 -39.23 2.62 -33.57
C UNK H 67 -38.76 3.93 -32.98
N UNK H 68 -37.49 4.27 -33.11
CA UNK H 68 -37.15 5.57 -32.58
C UNK H 68 -37.99 6.62 -33.29
N UNK H 69 -38.54 7.52 -32.50
CA UNK H 69 -39.39 8.63 -32.90
C UNK H 69 -40.65 8.22 -33.68
N UNK H 70 -41.07 6.96 -33.56
CA UNK H 70 -42.28 6.46 -34.21
C UNK H 70 -42.87 5.28 -33.45
N UNK H 71 -43.51 5.56 -32.31
CA UNK H 71 -44.00 4.55 -31.39
C UNK H 71 -45.40 4.11 -31.76
N UNK H 72 -45.79 2.90 -31.36
CA UNK H 72 -47.14 2.42 -31.61
C UNK H 72 -47.64 1.49 -30.53
N UNK H 73 -48.95 1.34 -30.46
CA UNK H 73 -49.55 0.45 -29.48
C UNK H 73 -50.74 -0.24 -30.08
N UNK H 74 -51.09 -1.39 -29.54
CA UNK H 74 -52.22 -2.08 -30.08
C UNK H 74 -52.96 -2.92 -29.07
N UNK H 75 -54.22 -3.11 -29.33
CA UNK H 75 -55.02 -3.98 -28.53
C UNK H 75 -55.21 -5.27 -29.28
N UNK H 76 -54.90 -6.38 -28.62
CA UNK H 76 -55.13 -7.67 -29.25
C UNK H 76 -56.60 -7.82 -29.56
N UNK H 77 -57.43 -7.32 -28.65
CA UNK H 77 -58.86 -7.34 -28.80
C UNK H 77 -59.42 -6.19 -28.00
N UNK H 78 -60.28 -5.41 -28.63
CA UNK H 78 -60.89 -4.25 -28.02
C UNK H 78 -62.07 -4.63 -27.16
N UNK H 79 -61.78 -5.27 -26.05
CA UNK H 79 -62.82 -5.69 -25.13
C UNK H 79 -63.47 -4.44 -24.59
N UNK H 80 -64.74 -4.52 -24.19
CA UNK H 80 -65.47 -3.34 -23.75
C UNK H 80 -64.83 -2.56 -22.62
N UNK H 81 -64.15 -3.26 -21.73
CA UNK H 81 -63.51 -2.64 -20.58
C UNK H 81 -62.38 -1.68 -20.97
N UNK H 82 -61.91 -1.77 -22.20
CA UNK H 82 -60.80 -1.00 -22.70
C UNK H 82 -61.19 0.38 -23.24
N UNK H 83 -62.47 0.76 -23.21
CA UNK H 83 -62.81 2.06 -23.76
C UNK H 83 -62.43 3.16 -22.77
N UNK H 84 -61.40 3.89 -23.13
CA UNK H 84 -60.77 4.90 -22.29
C UNK H 84 -59.95 5.85 -23.15
N UNK H 85 -59.59 7.00 -22.60
CA UNK H 85 -58.68 7.87 -23.32
C UNK H 85 -57.30 7.30 -23.17
N UNK H 86 -56.38 7.64 -24.05
CA UNK H 86 -55.03 7.12 -23.88
C UNK H 86 -53.97 8.10 -24.33
N UNK H 87 -52.82 8.07 -23.68
CA UNK H 87 -51.77 8.99 -24.09
C UNK H 87 -50.39 8.45 -23.86
N UNK H 88 -49.47 8.91 -24.69
CA UNK H 88 -48.05 8.59 -24.60
C UNK H 88 -47.30 9.75 -24.01
N UNK H 89 -46.14 9.50 -23.42
CA UNK H 89 -45.31 10.59 -22.92
C UNK H 89 -43.85 10.28 -22.97
N UNK H 90 -43.04 11.31 -23.20
CA UNK H 90 -41.60 11.08 -23.23
C UNK H 90 -41.15 10.55 -21.89
N UNK H 91 -40.26 9.56 -21.89
CA UNK H 91 -39.77 9.04 -20.62
C UNK H 91 -38.28 9.29 -20.43
N UNK H 92 -37.58 9.58 -21.50
CA UNK H 92 -36.12 9.70 -21.54
C UNK H 92 -35.52 11.03 -21.10
N UNK H 93 -36.32 12.01 -20.72
CA UNK H 93 -35.72 13.30 -20.43
C UNK H 93 -36.46 14.17 -19.43
N UNK H 94 -35.73 15.14 -18.90
CA UNK H 94 -36.31 16.18 -18.07
C UNK H 94 -37.15 17.04 -18.98
N UNK H 95 -38.15 17.73 -18.43
CA UNK H 95 -39.07 18.54 -19.23
C UNK H 95 -39.82 17.68 -20.23
N UNK H 96 -40.22 16.50 -19.74
CA UNK H 96 -41.00 15.53 -20.47
C UNK H 96 -42.40 16.01 -20.64
N UNK H 97 -43.06 15.62 -21.72
CA UNK H 97 -44.43 15.99 -21.90
C UNK H 97 -45.21 14.94 -22.65
N UNK H 98 -46.52 14.92 -22.36
CA UNK H 98 -47.49 14.05 -23.00
C UNK H 98 -47.77 14.47 -24.44
N UNK H 99 -47.99 13.46 -25.28
CA UNK H 99 -48.30 13.61 -26.68
C UNK H 99 -49.78 13.84 -26.93
N UNK H 100 -50.28 14.98 -26.49
CA UNK H 100 -51.69 15.27 -26.65
C UNK H 100 -52.50 14.09 -26.16
N UNK H 101 -53.46 13.63 -26.96
CA UNK H 101 -54.21 12.46 -26.54
C UNK H 101 -54.91 11.76 -27.69
N UNK H 102 -55.14 10.48 -27.49
CA UNK H 102 -55.91 9.62 -28.35
C UNK H 102 -57.15 9.22 -27.57
N UNK H 103 -58.12 8.65 -28.25
CA UNK H 103 -59.32 8.20 -27.56
C UNK H 103 -59.93 7.10 -28.34
N UNK H 104 -60.74 6.27 -27.69
CA UNK H 104 -61.40 5.21 -28.41
C UNK H 104 -62.73 4.80 -27.78
N UNK H 105 -63.59 4.26 -28.61
CA UNK H 105 -64.89 3.75 -28.18
C UNK H 105 -65.34 2.55 -29.00
N UNK H 106 -66.23 1.74 -28.42
CA UNK H 106 -66.76 0.63 -29.20
C UNK H 106 -67.63 1.19 -30.32
N UNK H 107 -67.58 0.55 -31.51
CA UNK H 107 -68.34 0.88 -32.71
C UNK H 107 -69.67 0.14 -32.67
C1 NAG I . 9.43 -17.78 34.70
C2 NAG I . 8.06 -17.09 34.25
C3 NAG I . 6.87 -17.98 34.75
C4 NAG I . 6.99 -19.42 34.16
C5 NAG I . 8.36 -20.03 34.58
C6 NAG I . 8.60 -21.40 33.93
C7 NAG I . 7.42 -14.67 34.26
C8 NAG I . 7.33 -13.36 34.96
N2 NAG I . 7.95 -15.73 34.89
O3 NAG I . 5.63 -17.39 34.31
O4 NAG I . 5.94 -20.25 34.72
O5 NAG I . 9.46 -19.15 34.14
O6 NAG I . 9.83 -22.01 34.32
O7 NAG I . 6.98 -14.77 33.12
C1 NAG I . 5.04 -20.93 33.71
C2 NAG I . 4.32 -22.16 34.38
C3 NAG I . 3.48 -22.87 33.25
C4 NAG I . 2.46 -21.84 32.65
C5 NAG I . 3.23 -20.61 32.07
C6 NAG I . 2.30 -19.51 31.58
C7 NAG I . 5.46 -23.35 36.26
C8 NAG I . 6.52 -24.28 36.76
N2 NAG I . 5.34 -23.09 34.95
O3 NAG I . 2.77 -23.98 33.84
O4 NAG I . 1.78 -22.47 31.53
O5 NAG I . 4.07 -20.01 33.14
O6 NAG I . 1.43 -18.99 32.59
O7 NAG I . 4.68 -22.83 37.08
C1 BMA I . 0.30 -22.69 31.71
C2 BMA I . -0.37 -22.89 30.32
C3 BMA I . -1.91 -23.05 30.56
C4 BMA I . -2.15 -24.27 31.49
C5 BMA I . -1.41 -24.03 32.84
C6 BMA I . -1.51 -25.22 33.79
O2 BMA I . 0.17 -24.04 29.66
O3 BMA I . -2.59 -23.25 29.30
O4 BMA I . -3.55 -24.39 31.74
O5 BMA I . 0.03 -23.81 32.59
O6 BMA I . -1.00 -26.42 33.21
C1 MAN I . -2.96 -21.98 28.51
C2 MAN I . -4.30 -21.33 29.04
C3 MAN I . -5.49 -22.30 28.71
C4 MAN I . -5.55 -22.58 27.17
C5 MAN I . -4.17 -23.21 26.73
C6 MAN I . -4.07 -23.50 25.23
O2 MAN I . -4.47 -20.03 28.47
O3 MAN I . -6.72 -21.70 29.16
O4 MAN I . -6.62 -23.49 26.90
O5 MAN I . -3.06 -22.28 27.08
O6 MAN I . -2.95 -24.32 24.93
C1 MAN I . -0.86 -27.55 34.17
C2 MAN I . 0.68 -27.75 34.51
C3 MAN I . 1.40 -28.25 33.23
C4 MAN I . 0.74 -29.57 32.70
C5 MAN I . -0.79 -29.28 32.41
C6 MAN I . -1.56 -30.52 31.95
O2 MAN I . 0.82 -28.66 35.61
O3 MAN I . 2.79 -28.47 33.52
O4 MAN I . 1.39 -30.00 31.51
O5 MAN I . -1.44 -28.78 33.65
O6 MAN I . -2.87 -30.17 31.51
C1 NAG J . -23.62 -8.15 41.86
C2 NAG J . -23.77 -9.44 42.78
C3 NAG J . -24.88 -10.36 42.15
C4 NAG J . -26.24 -9.56 42.07
C5 NAG J . -26.01 -8.25 41.23
C6 NAG J . -27.24 -7.33 41.21
C7 NAG J . -21.62 -10.07 43.91
C8 NAG J . -20.28 -10.76 43.88
N2 NAG J . -22.44 -10.12 42.82
O3 NAG J . -25.07 -11.53 42.98
O4 NAG J . -27.22 -10.34 41.34
O5 NAG J . -24.92 -7.45 41.82
O6 NAG J . -27.75 -7.02 42.52
O7 NAG J . -21.95 -9.45 44.93
C1 NAG J . -28.43 -10.77 42.11
C2 NAG J . -29.51 -11.35 41.10
C3 NAG J . -30.76 -11.79 41.94
C4 NAG J . -30.36 -12.84 43.02
C5 NAG J . -29.27 -12.20 43.97
C6 NAG J . -28.70 -13.16 45.01
C7 NAG J . -29.50 -10.29 38.83
C8 NAG J . -29.94 -9.17 37.94
N2 NAG J . -29.88 -10.29 40.12
O3 NAG J . -31.74 -12.36 41.05
O4 NAG J . -31.52 -13.22 43.76
O5 NAG J . -28.11 -11.76 43.14
O6 NAG J . -29.64 -13.47 46.04
O7 NAG J . -28.81 -11.20 38.36
C1 NAG K . 2.41 -17.98 50.91
C2 NAG K . 1.43 -18.98 50.30
C3 NAG K . 0.12 -18.95 51.10
C4 NAG K . 0.41 -19.20 52.58
C5 NAG K . 1.43 -18.20 53.09
C6 NAG K . 1.86 -18.46 54.52
C7 NAG K . 1.81 -19.21 47.90
C8 NAG K . 2.61 -20.44 48.19
N2 NAG K . 1.16 -18.67 48.92
O3 NAG K . -0.77 -19.92 50.58
O4 NAG K . -0.79 -19.04 53.33
O5 NAG K . 2.63 -18.25 52.29
O6 NAG K . 2.29 -19.81 54.68
O7 NAG K . 1.77 -18.73 46.76
C1 NAG K . -1.09 -20.28 53.98
C2 NAG K . -1.81 -20.00 55.30
C3 NAG K . -2.11 -21.33 56.00
C4 NAG K . -2.90 -22.23 55.06
C5 NAG K . -2.14 -22.43 53.76
C6 NAG K . -2.90 -23.23 52.73
C7 NAG K . -1.52 -18.51 57.21
C8 NAG K . -0.73 -18.60 58.48
N2 NAG K . -1.01 -19.15 56.16
O3 NAG K . -2.83 -21.07 57.19
O4 NAG K . -3.09 -23.51 55.69
O5 NAG K . -1.85 -21.15 53.16
O6 NAG K . -2.05 -24.19 52.09
O7 NAG K . -2.57 -17.88 57.13
C1 NAG L . 6.54 34.96 3.37
C2 NAG L . 5.36 34.10 3.98
C3 NAG L . 4.91 34.73 5.34
C4 NAG L . 6.13 34.77 6.33
C5 NAG L . 7.28 35.60 5.67
C6 NAG L . 8.57 35.62 6.49
C7 NAG L . 3.45 33.02 2.80
C8 NAG L . 2.32 33.10 1.83
N2 NAG L . 4.22 34.10 3.02
O3 NAG L . 3.83 33.97 5.91
O4 NAG L . 5.65 35.39 7.54
O5 NAG L . 7.63 35.01 4.36
O6 NAG L . 9.61 36.34 5.83
O7 NAG L . 3.65 31.95 3.40
C1 NAG L . 6.10 34.80 8.85
C2 NAG L . 6.09 35.93 9.97
C3 NAG L . 6.59 35.26 11.31
C4 NAG L . 5.65 34.06 11.67
C5 NAG L . 5.66 33.03 10.50
C6 NAG L . 4.67 31.87 10.72
C7 NAG L . 6.44 38.08 8.79
C8 NAG L . 7.30 39.24 8.33
N2 NAG L . 6.94 37.08 9.54
O3 NAG L . 6.55 36.23 12.39
O4 NAG L . 6.16 33.39 12.87
O5 NAG L . 5.25 33.68 9.24
O6 NAG L . 3.32 32.31 10.78
O7 NAG L . 5.24 38.09 8.47
C1 BMA L . 5.28 33.43 14.09
C2 BMA L . 5.48 32.12 14.91
C3 BMA L . 4.53 32.17 16.14
C4 BMA L . 4.88 33.43 16.98
C5 BMA L . 4.70 34.69 16.09
C6 BMA L . 5.09 35.97 16.83
O2 BMA L . 6.84 31.98 15.31
O3 BMA L . 4.68 30.95 16.93
O4 BMA L . 4.00 33.50 18.10
O5 BMA L . 5.56 34.60 14.90
O6 BMA L . 6.46 35.95 17.22
C1 MAN L . 3.53 29.94 16.84
C2 MAN L . 2.32 30.38 17.77
C3 MAN L . 2.75 30.23 19.26
C4 MAN L . 3.19 28.75 19.54
C5 MAN L . 4.38 28.37 18.58
C6 MAN L . 4.80 26.91 18.67
O2 MAN L . 1.15 29.60 17.46
O3 MAN L . 1.67 30.62 20.12
O4 MAN L . 3.59 28.64 20.91
O5 MAN L . 3.96 28.58 17.16
O6 MAN L . 5.42 26.59 19.91
C1 MAN L . 6.97 37.25 17.78
C2 MAN L . 7.56 38.15 16.63
C3 MAN L . 8.84 37.45 16.09
C4 MAN L . 9.88 37.23 17.25
C5 MAN L . 9.20 36.35 18.36
C6 MAN L . 10.10 36.14 19.58
O2 MAN L . 7.81 39.47 17.11
O3 MAN L . 9.43 38.27 15.05
O4 MAN L . 11.02 36.55 16.73
O5 MAN L . 7.96 37.02 18.84
O6 MAN L . 9.59 35.13 20.45
C1 NAG M . 3.95 46.69 6.26
C2 NAG M . 4.00 48.05 5.42
C3 NAG M . 5.39 48.72 5.64
C4 NAG M . 5.66 48.97 7.16
C5 NAG M . 5.56 47.59 7.91
C6 NAG M . 5.69 47.69 9.44
C7 NAG M . 2.70 47.91 3.30
C8 NAG M . 2.60 47.51 1.86
N2 NAG M . 3.83 47.70 3.98
O3 NAG M . 5.40 49.96 4.92
O4 NAG M . 7.02 49.48 7.29
O5 NAG M . 4.22 46.98 7.66
O6 NAG M . 5.74 46.40 10.05
O7 NAG M . 1.71 48.43 3.85
C1 NAG M . 7.20 50.79 8.03
C2 NAG M . 8.68 50.87 8.55
C3 NAG M . 8.86 52.22 9.33
C4 NAG M . 8.49 53.44 8.41
C5 NAG M . 7.01 53.27 7.90
C6 NAG M . 6.56 54.37 6.93
C7 NAG M . 9.69 48.66 9.15
C8 NAG M . 9.87 47.56 10.16
N2 NAG M . 8.95 49.73 9.47
O3 NAG M . 10.22 52.35 9.77
O4 NAG M . 8.62 54.66 9.13
O5 NAG M . 6.88 51.95 7.20
O6 NAG M . 7.40 54.49 5.78
O7 NAG M . 10.22 48.55 8.04
C1 NAG N . -23.87 19.56 -0.97
C2 NAG N . -24.14 19.47 -2.52
C3 NAG N . -23.78 20.86 -3.16
C4 NAG N . -24.65 21.98 -2.49
C5 NAG N . -24.39 21.98 -0.95
C6 NAG N . -25.25 23.00 -0.18
C7 NAG N . -23.72 17.13 -3.26
C8 NAG N . -22.82 16.09 -3.85
N2 NAG N . -23.30 18.41 -3.11
O3 NAG N . -24.04 20.82 -4.58
O4 NAG N . -24.22 23.28 -3.01
O5 NAG N . -24.69 20.64 -0.39
O6 NAG N . -26.65 22.80 -0.35
O7 NAG N . -24.86 16.79 -2.91
C1 NAG N . -25.23 24.03 -3.84
C2 NAG N . -24.77 25.54 -3.93
C3 NAG N . -25.85 26.31 -4.78
C4 NAG N . -25.97 25.66 -6.20
C5 NAG N . -26.38 24.14 -6.03
C6 NAG N . -26.45 23.39 -7.35
C7 NAG N . -23.57 26.31 -1.86
C8 NAG N . -23.62 26.91 -0.49
N2 NAG N . -24.72 26.13 -2.55
O3 NAG N . -25.44 27.69 -4.92
O4 NAG N . -26.98 26.34 -6.96
O5 NAG N . -25.38 23.45 -5.17
O6 NAG N . -25.26 23.49 -8.14
O7 NAG N . -22.47 26.01 -2.34
C1 NAG O . -23.77 33.74 21.36
C2 NAG O . -23.36 35.14 21.98
C3 NAG O . -23.11 34.96 23.52
C4 NAG O . -24.41 34.40 24.22
C5 NAG O . -24.81 33.05 23.50
C6 NAG O . -26.16 32.47 23.93
C7 NAG O . -22.09 36.71 20.49
C8 NAG O . -20.83 37.13 19.82
N2 NAG O . -22.12 35.61 21.28
O3 NAG O . -22.78 36.26 24.06
O4 NAG O . -24.02 34.14 25.62
O5 NAG O . -24.97 33.26 22.04
O6 NAG O . -27.21 33.43 23.96
O7 NAG O . -23.12 37.39 20.33
C1 NAG O . -25.05 34.31 26.72
C2 NAG O . -24.72 33.25 27.85
C3 NAG O . -25.81 33.38 28.98
C4 NAG O . -25.80 34.85 29.55
C5 NAG O . -26.09 35.84 28.37
C6 NAG O . -26.05 37.31 28.80
C7 NAG O . -23.63 31.18 27.00
C8 NAG O . -23.74 29.82 26.40
N2 NAG O . -24.74 31.88 27.27
O3 NAG O . -25.53 32.45 30.04
O4 NAG O . -26.80 34.97 30.57
O5 NAG O . -25.08 35.66 27.29
O6 NAG O . -24.80 37.67 29.39
O7 NAG O . -22.49 31.62 27.25
C1 NAG P . -4.44 49.49 5.31
C2 NAG P . -4.05 49.10 6.82
C3 NAG P . -5.14 49.67 7.77
C4 NAG P . -5.28 51.23 7.58
C5 NAG P . -5.64 51.51 6.07
C6 NAG P . -5.77 52.99 5.71
C7 NAG P . -2.95 46.85 6.77
C8 NAG P . -3.07 45.36 6.82
N2 NAG P . -4.05 47.61 6.88
O3 NAG P . -4.76 49.37 9.12
O4 NAG P . -6.39 51.72 8.41
O5 NAG P . -4.58 50.94 5.21
O6 NAG P . -6.50 53.18 4.50
O7 NAG P . -1.83 47.36 6.63
C1 NAG P . -6.04 52.76 9.45
C2 NAG P . -7.35 53.57 9.84
C3 NAG P . -6.96 54.65 10.91
C4 NAG P . -6.33 53.95 12.17
C5 NAG P . -5.06 53.14 11.70
C6 NAG P . -4.42 52.33 12.84
C7 NAG P . -9.15 54.08 8.19
C8 NAG P . -9.61 54.81 6.96
N2 NAG P . -7.90 54.25 8.63
O3 NAG P . -8.13 55.38 11.32
O4 NAG P . -5.94 54.95 13.12
O5 NAG P . -5.45 52.15 10.64
O6 NAG P . -5.31 51.40 13.43
O7 NAG P . -9.95 53.33 8.77
C1 NAG Q . -17.91 -16.47 -20.32
C2 NAG Q . -18.40 -15.58 -19.09
C3 NAG Q . -19.59 -14.69 -19.58
C4 NAG Q . -19.14 -13.79 -20.77
C5 NAG Q . -18.64 -14.72 -21.92
C6 NAG Q . -18.11 -13.98 -23.15
C7 NAG Q . -18.63 -16.21 -16.69
C8 NAG Q . -19.11 -17.17 -15.65
N2 NAG Q . -18.83 -16.49 -18.00
O3 NAG Q . -20.04 -13.87 -18.50
O4 NAG Q . -20.25 -12.97 -21.24
O5 NAG Q . -17.54 -15.58 -21.43
O6 NAG Q . -17.07 -13.05 -22.85
O7 NAG Q . -18.07 -15.18 -16.34
C1 NAG Q . -20.02 -11.48 -21.25
C2 NAG Q . -21.00 -10.81 -22.29
C3 NAG Q . -20.69 -9.27 -22.30
C4 NAG Q . -20.87 -8.66 -20.87
C5 NAG Q . -19.91 -9.43 -19.89
C6 NAG Q . -20.04 -8.99 -18.43
C7 NAG Q . -21.65 -12.08 -24.31
C8 NAG Q . -21.29 -12.63 -25.67
N2 NAG Q . -20.74 -11.38 -23.62
O3 NAG Q . -21.59 -8.62 -23.22
O4 NAG Q . -20.43 -7.26 -20.89
O5 NAG Q . -20.19 -10.89 -19.93
O6 NAG Q . -21.26 -9.42 -17.82
O7 NAG Q . -22.80 -12.28 -23.87
C1 BMA Q . -21.49 -6.19 -20.87
C2 BMA Q . -20.93 -4.97 -20.07
C3 BMA Q . -22.02 -3.87 -20.01
C4 BMA Q . -22.40 -3.47 -21.47
C5 BMA Q . -22.91 -4.73 -22.22
C6 BMA Q . -23.25 -4.41 -23.68
O2 BMA Q . -19.73 -4.47 -20.67
O3 BMA Q . -21.53 -2.71 -19.28
O4 BMA Q . -23.41 -2.47 -21.44
O5 BMA Q . -21.87 -5.78 -22.21
O6 BMA Q . -23.69 -5.57 -24.39
C1 MAN Q . -21.93 -2.59 -17.81
C2 MAN Q . -23.06 -1.49 -17.64
C3 MAN Q . -22.42 -0.09 -17.94
C4 MAN Q . -21.22 0.16 -16.96
C5 MAN Q . -20.15 -0.99 -17.16
C6 MAN Q . -19.01 -0.94 -16.16
O2 MAN Q . -23.64 -1.57 -16.34
O3 MAN Q . -23.42 0.94 -17.76
O4 MAN Q . -20.63 1.44 -17.26
O5 MAN Q . -20.80 -2.31 -16.93
O6 MAN Q . -18.11 0.15 -16.36
C1 MAN Q . -23.99 -5.28 -25.82
C2 MAN Q . -24.41 -6.59 -26.56
C3 MAN Q . -23.15 -7.53 -26.66
C4 MAN Q . -21.99 -6.78 -27.42
C5 MAN Q . -21.65 -5.46 -26.63
C6 MAN Q . -20.59 -4.58 -27.29
O2 MAN Q . -24.96 -6.28 -27.85
O3 MAN Q . -23.50 -8.74 -27.36
O4 MAN Q . -20.85 -7.64 -27.49
O5 MAN Q . -22.86 -4.62 -26.51
O6 MAN Q . -19.28 -5.16 -27.21
C1 NAG R . -17.79 -21.48 -26.67
C2 NAG R . -16.81 -20.23 -26.79
C3 NAG R . -16.89 -19.67 -28.24
C4 NAG R . -16.50 -20.78 -29.26
C5 NAG R . -17.47 -22.00 -29.08
C6 NAG R . -17.14 -23.22 -29.94
C7 NAG R . -16.49 -18.86 -24.73
C8 NAG R . -17.03 -17.85 -23.77
N2 NAG R . -17.24 -19.22 -25.79
O3 NAG R . -16.00 -18.54 -28.35
O4 NAG R . -16.64 -20.26 -30.60
O5 NAG R . -17.41 -22.48 -27.67
O6 NAG R . -18.14 -24.23 -29.84
O7 NAG R . -15.38 -19.35 -24.54
C1 NAG R . -15.44 -20.40 -31.53
C2 NAG R . -15.95 -20.26 -33.02
C3 NAG R . -14.70 -20.42 -33.96
C4 NAG R . -13.62 -19.33 -33.62
C5 NAG R . -13.21 -19.50 -32.11
C6 NAG R . -12.22 -18.42 -31.64
C7 NAG R . -18.24 -21.21 -33.35
C8 NAG R . -19.12 -22.38 -33.64
N2 NAG R . -16.91 -21.37 -33.30
O3 NAG R . -15.13 -20.24 -35.33
O4 NAG R . -12.48 -19.50 -34.46
O5 NAG R . -14.41 -19.39 -31.24
O6 NAG R . -12.74 -17.10 -31.78
O7 NAG R . -18.76 -20.09 -33.17
C1 NAG S . -28.47 -19.35 -25.99
C2 NAG S . -29.19 -20.66 -26.52
C3 NAG S . -28.90 -20.79 -28.05
C4 NAG S . -29.40 -19.51 -28.80
C5 NAG S . -28.66 -18.26 -28.20
C6 NAG S . -29.06 -16.92 -28.81
C7 NAG S . -29.21 -22.56 -24.93
C8 NAG S . -28.50 -23.70 -24.24
N2 NAG S . -28.56 -21.81 -25.82
O3 NAG S . -29.60 -21.95 -28.52
O4 NAG S . -29.07 -19.65 -30.21
O5 NAG S . -28.94 -18.19 -26.75
O6 NAG S . -28.38 -15.82 -28.21
O7 NAG S . -30.40 -22.35 -24.64
C1 NAG S . -30.17 -19.33 -31.19
C2 NAG S . -29.53 -19.16 -32.63
C3 NAG S . -30.69 -18.80 -33.63
C4 NAG S . -31.79 -19.92 -33.59
C5 NAG S . -32.34 -20.06 -32.12
C6 NAG S . -33.37 -21.19 -31.95
C7 NAG S . -27.23 -18.21 -32.42
C8 NAG S . -26.32 -17.01 -32.39
N2 NAG S . -28.55 -18.03 -32.59
O3 NAG S . -30.15 -18.70 -34.96
O4 NAG S . -32.87 -19.55 -34.48
O5 NAG S . -31.22 -20.36 -31.20
O6 NAG S . -32.83 -22.47 -32.25
O7 NAG S . -26.74 -19.34 -32.26
C1 NAG T . -44.17 -2.73 1.14
C2 NAG T . -44.80 -2.60 -0.31
C3 NAG T . -45.66 -1.29 -0.39
C4 NAG T . -46.75 -1.31 0.73
C5 NAG T . -46.03 -1.41 2.12
C6 NAG T . -47.01 -1.42 3.30
C7 NAG T . -43.72 -3.21 -2.47
C8 NAG T . -42.57 -3.08 -3.45
N2 NAG T . -43.70 -2.53 -1.31
O3 NAG T . -46.29 -1.28 -1.68
O4 NAG T . -47.58 -0.14 0.65
O5 NAG T . -45.24 -2.65 2.16
O6 NAG T . -46.37 -1.63 4.55
O7 NAG T . -44.67 -3.95 -2.77
C1 NAG T . -49.04 -0.41 0.42
C2 NAG T . -49.84 0.94 0.42
C3 NAG T . -51.38 0.60 0.25
C4 NAG T . -51.56 -0.15 -1.12
C5 NAG T . -50.68 -1.45 -1.12
C6 NAG T . -50.66 -2.15 -2.48
C7 NAG T . -49.62 1.50 2.87
C8 NAG T . -49.24 2.53 3.90
N2 NAG T . -49.53 1.82 1.58
O3 NAG T . -52.18 1.79 0.26
O4 NAG T . -52.94 -0.51 -1.27
O5 NAG T . -49.27 -1.12 -0.84
O6 NAG T . -50.11 -1.33 -3.53
O7 NAG T . -50.00 0.39 3.25
C1 NAG U . -37.14 -4.40 -19.21
C2 NAG U . -38.12 -5.17 -20.21
C3 NAG U . -37.52 -5.03 -21.65
C4 NAG U . -37.37 -3.51 -22.05
C5 NAG U . -36.46 -2.81 -20.97
C6 NAG U . -36.33 -1.30 -21.17
C7 NAG U . -39.13 -7.11 -19.04
C8 NAG U . -39.09 -8.57 -18.66
N2 NAG U . -38.16 -6.60 -19.81
O3 NAG U . -38.41 -5.68 -22.56
O4 NAG U . -36.65 -3.40 -23.31
O5 NAG U . -37.03 -3.00 -19.62
O6 NAG U . -35.27 -0.74 -20.41
O7 NAG U . -40.07 -6.42 -18.63
C1 NAG U . -37.43 -3.45 -24.62
C2 NAG U . -36.76 -2.43 -25.62
C3 NAG U . -37.58 -2.52 -26.98
C4 NAG U . -37.56 -3.97 -27.54
C5 NAG U . -38.20 -4.92 -26.46
C6 NAG U . -38.21 -6.40 -26.86
C7 NAG U . -35.94 -0.09 -25.23
C8 NAG U . -36.11 1.25 -24.58
N2 NAG U . -36.85 -1.06 -25.03
O3 NAG U . -37.02 -1.61 -27.95
O4 NAG U . -38.32 -4.02 -28.75
O5 NAG U . -37.44 -4.80 -25.18
O6 NAG U . -36.89 -6.92 -27.03
O7 NAG U . -34.95 -0.29 -25.94
C1 NAG V . -35.28 -22.03 -21.08
C2 NAG V . -35.41 -20.53 -21.59
C3 NAG V . -36.87 -20.06 -21.34
C4 NAG V . -37.89 -20.99 -22.10
C5 NAG V . -37.67 -22.46 -21.57
C6 NAG V . -38.52 -23.52 -22.27
C7 NAG V . -33.26 -19.33 -21.26
C8 NAG V . -32.31 -18.54 -20.40
N2 NAG V . -34.45 -19.71 -20.79
O3 NAG V . -36.99 -18.71 -21.84
O4 NAG V . -39.25 -20.60 -21.80
O5 NAG V . -36.26 -22.86 -21.79
O6 NAG V . -38.31 -23.58 -23.68
O7 NAG V . -32.88 -19.64 -22.41
C1 NAG V . -40.16 -20.38 -23.00
C2 NAG V . -41.66 -20.41 -22.53
C3 NAG V . -42.58 -20.21 -23.80
C4 NAG V . -42.21 -18.88 -24.52
C5 NAG V . -40.68 -18.93 -24.93
C6 NAG V . -40.21 -17.62 -25.58
C7 NAG V . -42.38 -21.90 -20.65
C8 NAG V . -42.65 -23.28 -20.15
N2 NAG V . -41.96 -21.73 -21.91
O3 NAG V . -43.96 -20.17 -23.39
O4 NAG V . -43.02 -18.74 -25.68
O5 NAG V . -39.86 -19.14 -23.71
O6 NAG V . -38.90 -17.76 -26.14
O7 NAG V . -42.56 -20.93 -19.90
C1 NAG W . 15.53 -21.74 38.69
C2 NAG W . 14.96 -22.32 37.32
C3 NAG W . 14.91 -23.88 37.42
C4 NAG W . 16.34 -24.44 37.70
C5 NAG W . 16.89 -23.80 39.03
C6 NAG W . 18.33 -24.21 39.35
C7 NAG W . 13.29 -20.93 36.12
C8 NAG W . 11.90 -20.38 36.03
N2 NAG W . 13.60 -21.76 37.12
O3 NAG W . 14.42 -24.43 36.19
O4 NAG W . 16.29 -25.86 37.84
O5 NAG W . 16.87 -22.31 38.92
O6 NAG W . 19.26 -23.87 38.33
O7 NAG W . 14.13 -20.61 35.26
C1 NAG X . -30.34 1.58 31.14
C2 NAG X . -29.95 2.09 32.60
C3 NAG X . -31.26 2.28 33.43
C4 NAG X . -32.21 3.29 32.72
C5 NAG X . -32.54 2.76 31.29
C6 NAG X . -33.40 3.70 30.46
C7 NAG X . -27.90 1.17 33.69
C8 NAG X . -27.22 0.02 34.36
N2 NAG X . -29.15 1.03 33.27
O3 NAG X . -30.92 2.77 34.74
O4 NAG X . -33.41 3.43 33.50
O5 NAG X . -31.27 2.55 30.54
O6 NAG X . -34.74 3.78 30.93
O7 NAG X . -27.29 2.25 33.56
C1 NAG Y . 30.14 10.39 37.64
C2 NAG Y . 31.50 10.74 36.87
C3 NAG Y . 32.23 11.86 37.69
C4 NAG Y . 31.30 13.13 37.81
C5 NAG Y . 29.96 12.71 38.51
C6 NAG Y . 28.95 13.85 38.60
C7 NAG Y . 32.55 8.80 35.73
C8 NAG Y . 33.38 7.55 35.80
N2 NAG Y . 32.33 9.50 36.85
O3 NAG Y . 33.44 12.23 37.01
O4 NAG Y . 31.97 14.11 38.60
O5 NAG Y . 29.32 11.61 37.73
O6 NAG Y . 28.55 14.34 37.32
O7 NAG Y . 32.07 9.14 34.63
C1 NAG Z . 6.94 -23.10 45.47
C2 NAG Z . 7.77 -23.20 46.82
C3 NAG Z . 8.62 -24.50 46.78
C4 NAG Z . 7.69 -25.75 46.59
C5 NAG Z . 6.88 -25.57 45.27
C6 NAG Z . 5.88 -26.70 45.00
C7 NAG Z . 8.51 -20.97 47.71
C8 NAG Z . 9.45 -19.80 47.67
N2 NAG Z . 8.68 -22.01 46.87
O3 NAG Z . 9.34 -24.62 48.02
O4 NAG Z . 8.49 -26.93 46.53
O5 NAG Z . 6.10 -24.30 45.33
O6 NAG Z . 4.88 -26.80 46.02
O7 NAG Z . 7.57 -20.95 48.52
C1 NAG AA . 3.30 -1.71 51.71
C2 NAG AA . 2.25 -0.52 51.77
C3 NAG AA . 2.53 0.32 53.07
C4 NAG AA . 2.42 -0.59 54.33
C5 NAG AA . 3.47 -1.75 54.19
C6 NAG AA . 3.42 -2.76 55.33
C7 NAG AA . 1.55 0.75 49.75
C8 NAG AA . 1.96 1.58 48.57
N2 NAG AA . 2.50 0.31 50.57
O3 NAG AA . 1.55 1.37 53.17
O4 NAG AA . 2.69 0.19 55.50
O5 NAG AA . 3.20 -2.51 52.95
O6 NAG AA . 3.86 -2.23 56.59
O7 NAG AA . 0.35 0.51 49.93
C1 NAG BA . 7.32 2.74 52.20
C2 NAG BA . 5.93 2.91 51.44
C3 NAG BA . 5.24 4.22 52.00
C4 NAG BA . 5.00 4.05 53.54
C5 NAG BA . 6.38 3.79 54.25
C6 NAG BA . 6.24 3.51 55.75
C7 NAG BA . 5.79 2.05 49.12
C8 NAG BA . 6.11 2.20 47.66
N2 NAG BA . 6.18 3.00 49.99
O3 NAG BA . 4.00 4.45 51.29
O4 NAG BA . 4.41 5.26 54.04
O5 NAG BA . 7.06 2.60 53.65
O6 NAG BA . 5.37 2.41 56.03
O7 NAG BA . 5.17 1.03 49.46
C1 NAG CA . 34.63 -1.89 35.57
C2 NAG CA . 33.90 -0.54 35.63
C3 NAG CA . 34.81 0.55 35.11
C4 NAG CA . 36.11 0.57 35.89
C5 NAG CA . 36.76 -0.82 35.82
C6 NAG CA . 38.01 -0.92 36.66
C7 NAG CA . 31.46 -0.59 35.45
C8 NAG CA . 30.29 -0.70 34.51
N2 NAG CA . 32.66 -0.57 34.87
O3 NAG CA . 34.14 1.81 35.22
O4 NAG CA . 37.00 1.53 35.32
O5 NAG CA . 35.84 -1.82 36.29
O6 NAG CA . 38.83 0.24 36.51
O7 NAG CA . 31.31 -0.54 36.66
C1 NAG DA . -8.55 11.51 33.88
C2 NAG DA . -7.45 12.64 34.00
C3 NAG DA . -6.45 12.26 35.15
C4 NAG DA . -7.25 12.12 36.50
C5 NAG DA . -8.35 11.02 36.32
C6 NAG DA . -9.25 10.87 37.56
C7 NAG DA . -6.68 13.87 31.99
C8 NAG DA . -5.96 13.90 30.68
N2 NAG DA . -6.74 12.74 32.70
O3 NAG DA . -5.46 13.30 35.28
O4 NAG DA . -6.36 11.73 37.54
O5 NAG DA . -9.25 11.36 35.17
O6 NAG DA . -9.88 12.08 37.95
O7 NAG DA . -7.22 14.92 32.38
C1 NAG EA . -17.07 1.25 49.57
C2 NAG EA . -18.16 2.41 49.56
C3 NAG EA . -17.41 3.78 49.75
C4 NAG EA . -16.61 3.77 51.10
C5 NAG EA . -15.59 2.57 51.08
C6 NAG EA . -14.82 2.43 52.38
C7 NAG EA . -20.19 2.48 48.09
C8 NAG EA . -20.80 2.47 46.71
N2 NAG EA . -18.86 2.41 48.24
O3 NAG EA . -18.37 4.86 49.79
O4 NAG EA . -15.90 5.00 51.25
O5 NAG EA . -16.33 1.29 50.84
O6 NAG EA . -13.82 1.41 52.30
O7 NAG EA . -20.94 2.55 49.08
C1 NAG FA . -13.91 -23.54 40.34
C2 NAG FA . -12.97 -24.85 40.38
C3 NAG FA . -13.56 -25.90 39.38
C4 NAG FA . -15.04 -26.25 39.77
C5 NAG FA . -15.89 -24.94 39.75
C6 NAG FA . -17.35 -25.14 40.20
C7 NAG FA . -10.58 -24.28 40.84
C8 NAG FA . -9.23 -23.91 40.33
N2 NAG FA . -11.59 -24.49 39.97
O3 NAG FA . -12.76 -27.10 39.44
O4 NAG FA . -15.57 -27.19 38.83
O5 NAG FA . -15.28 -23.94 40.68
O6 NAG FA . -18.18 -24.05 39.86
O7 NAG FA . -10.76 -24.38 42.06
C1 NAG GA . 49.06 -16.35 20.21
C2 NAG GA . 49.16 -17.02 18.78
C3 NAG GA . 49.85 -18.41 18.91
C4 NAG GA . 51.28 -18.21 19.53
C5 NAG GA . 51.16 -17.49 20.93
C6 NAG GA . 52.52 -17.16 21.54
C7 NAG GA . 47.43 -16.77 17.00
C8 NAG GA . 46.00 -16.86 16.58
N2 NAG GA . 47.77 -17.10 18.25
O3 NAG GA . 49.96 -19.02 17.61
O4 NAG GA . 51.90 -19.49 19.69
O5 NAG GA . 50.42 -16.20 20.76
O6 NAG GA . 52.41 -16.65 22.85
O7 NAG GA . 48.29 -16.39 16.19
C1 NAG HA . 38.02 -19.04 27.64
C2 NAG HA . 38.91 -19.26 28.95
C3 NAG HA . 39.50 -20.72 28.90
C4 NAG HA . 38.32 -21.75 28.85
C5 NAG HA . 37.43 -21.46 27.59
C6 NAG HA . 36.19 -22.36 27.51
C7 NAG HA . 39.93 -17.14 29.78
C8 NAG HA . 41.03 -16.12 29.76
N2 NAG HA . 39.99 -18.22 29.00
O3 NAG HA . 40.30 -20.95 30.08
O4 NAG HA . 38.86 -23.08 28.78
O5 NAG HA . 36.94 -20.04 27.63
O6 NAG HA . 36.51 -23.70 27.13
O7 NAG HA . 38.97 -16.94 30.54
C1 NAG IA . 27.46 -17.63 45.18
C2 NAG IA . 27.85 -19.16 44.95
C3 NAG IA . 28.10 -19.84 46.34
C4 NAG IA . 29.23 -19.07 47.12
C5 NAG IA . 28.81 -17.57 47.29
C6 NAG IA . 29.87 -16.71 47.97
C7 NAG IA . 26.71 -20.09 42.93
C8 NAG IA . 25.51 -20.76 42.31
N2 NAG IA . 26.72 -19.83 44.25
O3 NAG IA . 28.51 -21.21 46.14
O4 NAG IA . 29.41 -19.67 48.40
O5 NAG IA . 28.54 -16.96 45.95
O6 NAG IA . 31.09 -16.67 47.23
O7 NAG IA . 27.68 -19.81 42.22
C1 NAG JA . 19.81 -11.03 58.37
C2 NAG JA . 20.26 -12.01 59.54
C3 NAG JA . 20.43 -11.16 60.86
C4 NAG JA . 21.50 -10.03 60.63
C5 NAG JA . 21.03 -9.13 59.43
C6 NAG JA . 22.03 -8.03 59.03
C7 NAG JA . 19.25 -14.26 59.11
C8 NAG JA . 18.13 -15.24 59.29
N2 NAG JA . 19.19 -13.04 59.70
O3 NAG JA . 20.87 -12.03 61.92
O4 NAG JA . 21.62 -9.26 61.82
O5 NAG JA . 20.83 -9.97 58.21
O6 NAG JA . 22.21 -7.02 60.03
O7 NAG JA . 20.23 -14.59 58.41
C1 NAG KA . 10.94 -2.91 59.54
C2 NAG KA . 9.38 -3.16 59.27
C3 NAG KA . 8.55 -2.44 60.38
C4 NAG KA . 8.97 -3.00 61.79
C5 NAG KA . 10.51 -2.78 61.99
C6 NAG KA . 11.04 -3.36 63.31
C7 NAG KA . 8.66 -3.38 56.88
C8 NAG KA . 8.36 -2.75 55.55
N2 NAG KA . 9.04 -2.61 57.92
O3 NAG KA . 7.15 -2.68 60.17
O4 NAG KA . 8.24 -2.32 62.81
O5 NAG KA . 11.27 -3.43 60.88
O6 NAG KA . 10.74 -4.75 63.46
O7 NAG KA . 8.56 -4.61 57.00
C1 NAG LA . 46.24 8.51 12.88
C2 NAG LA . 46.25 7.23 13.70
C3 NAG LA . 45.82 7.54 15.12
C4 NAG LA . 46.69 8.64 15.71
C5 NAG LA . 46.65 9.87 14.80
C6 NAG LA . 47.58 10.97 15.27
C7 NAG LA . 44.11 6.13 13.39
C8 NAG LA . 43.70 5.04 14.34
N2 NAG LA . 45.41 6.21 13.12
O3 NAG LA . 45.87 6.36 15.92
O4 NAG LA . 46.20 9.00 17.00
O5 NAG LA . 47.05 9.51 13.47
O6 NAG LA . 47.65 12.03 14.32
O7 NAG LA . 43.29 6.88 12.89
C1 NAG MA . 64.42 -2.04 11.48
C2 NAG MA . 65.60 -2.95 11.10
C3 NAG MA . 66.91 -2.23 11.38
C4 NAG MA . 66.94 -0.89 10.66
C5 NAG MA . 65.72 -0.06 11.06
C6 NAG MA . 65.62 1.25 10.30
C7 NAG MA . 65.08 -4.35 13.04
C8 NAG MA . 65.60 -3.39 14.05
N2 NAG MA . 65.55 -4.22 11.80
O3 NAG MA . 67.99 -3.05 10.96
O4 NAG MA . 68.13 -0.19 11.02
O5 NAG MA . 64.51 -0.79 10.80
O6 NAG MA . 64.43 1.95 10.64
O7 NAG MA . 64.26 -5.22 13.33
C1 NAG NA . 55.09 11.56 0.17
C2 NAG NA . 54.23 12.31 -0.95
C3 NAG NA . 54.64 13.83 -0.95
C4 NAG NA . 54.35 14.46 0.46
C5 NAG NA . 55.16 13.66 1.55
C6 NAG NA . 54.86 14.15 2.97
C7 NAG NA . 53.61 11.63 -3.26
C8 NAG NA . 53.94 10.92 -4.55
N2 NAG NA . 54.49 11.63 -2.25
O3 NAG NA . 53.88 14.56 -1.94
O4 NAG NA . 54.73 15.83 0.47
O5 NAG NA . 54.81 12.22 1.47
O6 NAG NA . 53.50 13.94 3.35
O7 NAG NA . 52.52 12.22 -3.17
C1 NAG OA . 11.50 40.57 -0.15
C2 NAG OA . 12.10 39.43 0.81
C3 NAG OA . 13.29 40.03 1.63
C4 NAG OA . 14.39 40.56 0.64
C5 NAG OA . 13.74 41.65 -0.30
C6 NAG OA . 14.70 42.19 -1.36
C7 NAG OA . 10.51 37.74 1.69
C8 NAG OA . 9.39 37.37 2.62
N2 NAG OA . 11.00 38.98 1.71
O3 NAG OA . 13.84 39.00 2.47
O4 NAG OA . 15.46 41.13 1.41
O5 NAG OA . 12.59 41.05 -1.03
O6 NAG OA . 15.65 43.10 -0.81
O7 NAG OA . 10.96 36.88 0.92
C1 NAG PA . -30.31 19.08 22.84
C2 NAG PA . -31.15 19.98 21.81
C3 NAG PA . -32.42 20.53 22.57
C4 NAG PA . -33.27 19.35 23.11
C5 NAG PA . -32.38 18.49 24.08
C6 NAG PA . -33.10 17.25 24.61
C7 NAG PA . -30.16 21.52 20.11
C8 NAG PA . -29.29 22.70 19.80
N2 NAG PA . -30.31 21.13 21.38
O3 NAG PA . -33.21 21.31 21.65
O4 NAG PA . -34.40 19.86 23.83
O5 NAG PA . -31.18 18.01 23.35
O6 NAG PA . -32.31 16.54 25.56
O7 NAG PA . -30.72 20.91 19.18
C1 NAG QA . 0.57 28.34 -30.75
C2 NAG QA . 0.82 26.85 -31.24
C3 NAG QA . 0.30 26.69 -32.71
C4 NAG QA . -1.23 27.06 -32.77
C5 NAG QA . -1.42 28.52 -32.26
C6 NAG QA . -2.89 28.96 -32.16
C7 NAG QA . 2.80 25.53 -30.50
C8 NAG QA . 4.29 25.36 -30.45
N2 NAG QA . 2.28 26.58 -31.15
O3 NAG QA . 0.49 25.32 -33.14
O4 NAG QA . -1.69 26.92 -34.11
O5 NAG QA . -0.87 28.66 -30.88
O6 NAG QA . -3.50 29.12 -33.45
O7 NAG QA . 2.08 24.70 -29.92
C1 NAG RA . -14.62 42.10 -5.49
C2 NAG RA . -15.98 41.42 -4.99
C3 NAG RA . -17.13 41.80 -5.98
C4 NAG RA . -17.27 43.35 -6.06
C5 NAG RA . -15.90 43.95 -6.55
C6 NAG RA . -15.89 45.48 -6.63
C7 NAG RA . -15.45 39.24 -3.89
C8 NAG RA . -15.26 37.75 -3.98
N2 NAG RA . -15.79 39.93 -4.99
O3 NAG RA . -18.36 41.21 -5.54
O4 NAG RA . -18.31 43.71 -6.98
O5 NAG RA . -14.82 43.55 -5.61
O6 NAG RA . -16.24 46.11 -5.39
O7 NAG RA . -15.26 39.80 -2.79
C1 NAG SA . -15.48 41.65 -11.43
C2 NAG SA . -16.41 40.71 -10.54
C3 NAG SA . -17.91 41.07 -10.84
C4 NAG SA . -18.17 42.59 -10.52
C5 NAG SA . -17.20 43.46 -11.41
C6 NAG SA . -17.27 44.96 -11.09
C7 NAG SA . -15.84 38.32 -10.04
C8 NAG SA . -15.61 36.91 -10.50
N2 NAG SA . -16.17 39.30 -10.92
O3 NAG SA . -18.77 40.25 -10.02
O4 NAG SA . -19.54 42.90 -10.82
O5 NAG SA . -15.80 43.06 -11.14
O6 NAG SA . -18.51 45.54 -11.46
O7 NAG SA . -15.72 38.57 -8.83
C1 NAG TA . 10.28 31.28 -25.45
C2 NAG TA . 8.91 31.55 -26.09
C3 NAG TA . 8.65 30.50 -27.16
C4 NAG TA . 9.78 30.49 -28.17
C5 NAG TA . 11.10 30.26 -27.45
C6 NAG TA . 12.30 30.33 -28.37
C7 NAG TA . 7.01 32.59 -24.96
C8 NAG TA . 7.54 33.76 -24.18
N2 NAG TA . 7.85 31.56 -25.10
O3 NAG TA . 7.40 30.76 -27.79
O4 NAG TA . 9.57 29.43 -29.10
O5 NAG TA . 11.31 31.26 -26.43
O6 NAG TA . 13.43 29.68 -27.80
O7 NAG TA . 5.89 32.58 -25.43
C1 NAG UA . -28.40 37.03 8.71
C2 NAG UA . -29.70 37.67 8.22
C3 NAG UA . -30.01 37.18 6.81
C4 NAG UA . -28.83 37.46 5.89
C5 NAG UA . -27.57 36.81 6.47
C6 NAG UA . -26.33 37.15 5.67
C7 NAG UA . -31.26 38.20 10.04
C8 NAG UA . -31.14 37.74 11.46
N2 NAG UA . -30.81 37.36 9.11
O3 NAG UA . -31.18 37.84 6.34
O4 NAG UA . -29.09 36.88 4.61
O5 NAG UA . -27.33 37.29 7.81
O6 NAG UA . -25.27 36.24 5.96
O7 NAG UA . -31.76 39.28 9.75
C1 NAG VA . -6.91 39.63 23.50
C2 NAG VA . -6.25 41.06 23.82
C3 NAG VA . -5.30 40.91 25.06
C4 NAG VA . -6.11 40.38 26.29
C5 NAG VA . -6.76 39.00 25.91
C6 NAG VA . -7.64 38.43 27.03
C7 NAG VA . -5.87 42.46 21.78
C8 NAG VA . -5.01 42.82 20.61
N2 NAG VA . -5.46 41.50 22.64
O3 NAG VA . -4.74 42.20 25.38
O4 NAG VA . -5.24 40.23 27.41
O5 NAG VA . -7.62 39.15 24.70
O6 NAG VA . -7.99 37.07 26.80
O7 NAG VA . -6.94 43.05 21.94
C1 NAG WA . 36.40 25.36 -24.17
C2 NAG WA . 37.50 24.49 -23.40
C3 NAG WA . 38.76 25.39 -23.16
C4 NAG WA . 39.32 25.91 -24.53
C5 NAG WA . 38.18 26.74 -25.25
C6 NAG WA . 38.60 27.22 -26.66
C7 NAG WA . 36.97 22.75 -21.69
C8 NAG WA . 36.38 22.33 -20.35
N2 NAG WA . 36.95 24.04 -22.09
O3 NAG WA . 39.79 24.61 -22.51
O4 NAG WA . 40.44 26.76 -24.30
O5 NAG WA . 36.98 25.86 -25.43
O6 NAG WA . 37.69 28.18 -27.18
O7 NAG WA . 37.48 21.86 -22.39
C1 NAG XA . 27.43 32.22 -16.73
C2 NAG XA . 28.15 33.56 -16.87
C3 NAG XA . 29.02 33.80 -15.65
C4 NAG XA . 28.17 33.71 -14.39
C5 NAG XA . 27.45 32.37 -14.34
C6 NAG XA . 26.51 32.25 -13.17
C7 NAG XA . 28.51 34.16 -19.22
C8 NAG XA . 29.06 35.52 -19.55
N2 NAG XA . 28.95 33.61 -18.09
O3 NAG XA . 29.66 35.06 -15.75
O4 NAG XA . 29.02 33.82 -13.24
O5 NAG XA . 26.67 32.18 -15.53
O6 NAG XA . 27.05 31.41 -12.15
O7 NAG XA . 27.71 33.59 -19.95
C1 NAG YA . 13.92 45.98 -12.93
C2 NAG YA . 15.33 46.41 -12.36
C3 NAG YA . 15.28 47.94 -12.04
C4 NAG YA . 14.96 48.73 -13.37
C5 NAG YA . 13.60 48.21 -13.97
C6 NAG YA . 13.28 48.84 -15.33
C7 NAG YA . 16.65 44.70 -11.12
C8 NAG YA . 16.86 43.79 -9.94
N2 NAG YA . 15.59 45.53 -11.18
O3 NAG YA . 16.56 48.36 -11.53
O4 NAG YA . 14.85 50.12 -13.06
O5 NAG YA . 13.67 46.72 -14.18
O6 NAG YA . 14.28 48.58 -16.31
O7 NAG YA . 17.49 44.65 -12.03
C1 NAG ZA . 8.68 49.11 -29.91
C2 NAG ZA . 9.39 49.22 -31.33
C3 NAG ZA . 10.93 48.95 -31.14
C4 NAG ZA . 11.54 49.97 -30.12
C5 NAG ZA . 10.78 49.84 -28.75
C6 NAG ZA . 11.24 50.86 -27.71
C7 NAG ZA . 8.16 48.49 -33.37
C8 NAG ZA . 7.59 47.37 -34.20
N2 NAG ZA . 8.81 48.19 -32.24
O3 NAG ZA . 11.60 49.09 -32.41
O4 NAG ZA . 12.92 49.69 -29.93
O5 NAG ZA . 9.32 50.06 -28.97
O6 NAG ZA . 10.76 50.55 -26.39
O7 NAG ZA . 8.00 49.66 -33.75
C1 NAG AB . -12.05 51.10 -11.58
C2 NAG AB . -12.62 51.37 -10.12
C3 NAG AB . -13.81 52.37 -10.22
C4 NAG AB . -13.30 53.71 -10.87
C5 NAG AB . -12.71 53.39 -12.30
C6 NAG AB . -12.10 54.62 -12.98
C7 NAG AB . -12.47 49.48 -8.49
C8 NAG AB . -12.96 48.14 -7.99
N2 NAG AB . -13.06 50.06 -9.56
O3 NAG AB . -14.32 52.65 -8.90
O4 NAG AB . -14.39 54.64 -10.99
O5 NAG AB . -11.62 52.39 -12.17
O6 NAG AB . -11.74 54.34 -14.33
O7 NAG AB . -11.54 50.03 -7.90
C1 NAG BB . 19.80 7.04 -37.40
C2 NAG BB . 19.27 8.47 -36.96
C3 NAG BB . 18.89 9.29 -38.25
C4 NAG BB . 20.15 9.40 -39.17
C5 NAG BB . 20.67 7.96 -39.54
C6 NAG BB . 21.95 7.97 -40.39
C7 NAG BB . 17.97 8.83 -34.86
C8 NAG BB . 16.75 8.54 -34.03
N2 NAG BB . 18.10 8.26 -36.07
O3 NAG BB . 18.45 10.61 -37.86
O4 NAG BB . 19.79 10.09 -40.37
O5 NAG BB . 20.98 7.21 -38.29
O6 NAG BB . 22.14 6.72 -41.05
O7 NAG BB . 18.84 9.60 -34.39
C1 NAG CB . 28.91 -2.76 -42.31
C2 NAG CB . 29.22 -2.49 -43.78
C3 NAG CB . 28.49 -3.51 -44.64
C4 NAG CB . 28.85 -4.93 -44.20
C5 NAG CB . 28.56 -5.10 -42.71
C6 NAG CB . 29.00 -6.43 -42.18
C7 NAG CB . 29.68 -0.21 -44.54
C8 NAG CB . 29.20 0.72 -45.62
N2 NAG CB . 28.81 -1.14 -44.16
O3 NAG CB . 28.83 -3.30 -46.01
O4 NAG CB . 28.08 -5.87 -44.94
O5 NAG CB . 29.25 -4.09 -41.95
O6 NAG CB . 28.05 -6.95 -41.25
O7 NAG CB . 30.80 -0.11 -44.05
C1 NAG DB . -39.19 4.37 13.94
C2 NAG DB . -39.79 2.93 14.28
C3 NAG DB . -41.25 3.11 14.83
C4 NAG DB . -41.24 4.07 16.07
C5 NAG DB . -40.64 5.44 15.65
C6 NAG DB . -40.51 6.44 16.82
C7 NAG DB . -38.97 1.16 12.70
C8 NAG DB . -39.15 0.42 11.42
N2 NAG DB . -39.86 2.11 13.04
O3 NAG DB . -41.78 1.84 15.23
O4 NAG DB . -42.59 4.25 16.54
O5 NAG DB . -39.26 5.23 15.12
O6 NAG DB . -40.16 7.74 16.37
O7 NAG DB . -38.02 0.90 13.43
C1 NAG EB . -4.03 -44.66 -4.73
C2 NAG EB . -2.63 -44.43 -3.99
C3 NAG EB . -2.23 -45.75 -3.24
C4 NAG EB . -3.36 -46.13 -2.21
C5 NAG EB . -4.71 -46.31 -3.00
C6 NAG EB . -5.91 -46.56 -2.07
C7 NAG EB . -0.67 -43.11 -4.78
C8 NAG EB . 0.32 -42.78 -5.86
N2 NAG EB . -1.61 -44.05 -5.01
O3 NAG EB . -1.00 -45.56 -2.53
O4 NAG EB . -3.01 -47.33 -1.55
O5 NAG EB . -5.04 -45.07 -3.74
O6 NAG EB . -5.88 -47.86 -1.47
O7 NAG EB . -0.59 -42.51 -3.70
C1 NAG FB . -33.19 -29.45 -6.69
C2 NAG FB . -33.75 -28.91 -5.29
C3 NAG FB . -34.45 -30.09 -4.55
C4 NAG FB . -35.58 -30.72 -5.42
C5 NAG FB . -34.93 -31.22 -6.76
C6 NAG FB . -35.95 -31.83 -7.73
C7 NAG FB . -32.11 -27.26 -4.39
C8 NAG FB . -30.90 -27.00 -3.53
N2 NAG FB . -32.59 -28.50 -4.47
O3 NAG FB . -35.03 -29.59 -3.32
O4 NAG FB . -36.18 -31.82 -4.73
O5 NAG FB . -34.27 -30.10 -7.46
O6 NAG FB . -37.03 -30.95 -8.03
O7 NAG FB . -32.62 -26.32 -5.02
C1 NAG GB . -30.87 -33.98 -4.59
C2 NAG GB . -31.01 -32.78 -3.66
C3 NAG GB . -31.88 -33.15 -2.47
C4 NAG GB . -33.22 -33.68 -2.95
C5 NAG GB . -33.00 -34.84 -3.90
C6 NAG GB . -34.28 -35.36 -4.52
C7 NAG GB . -29.32 -31.03 -3.40
C8 NAG GB . -28.50 -30.43 -2.30
N2 NAG GB . -29.72 -32.29 -3.21
O3 NAG GB . -32.05 -32.01 -1.63
O4 NAG GB . -33.99 -34.13 -1.84
O5 NAG GB . -32.14 -34.45 -5.00
O6 NAG GB . -34.03 -36.12 -5.69
O7 NAG GB . -29.59 -30.41 -4.42
C1 NAG HB . -1.17 -41.58 -15.74
C2 NAG HB . 0.23 -41.05 -15.18
C3 NAG HB . 1.08 -42.26 -14.67
C4 NAG HB . 0.29 -43.00 -13.54
C5 NAG HB . -1.10 -43.47 -14.10
C6 NAG HB . -2.00 -44.09 -13.02
C7 NAG HB . 1.34 -40.48 -17.39
C8 NAG HB . 2.10 -39.44 -18.19
N2 NAG HB . 0.98 -40.18 -16.14
O3 NAG HB . 2.34 -41.80 -14.15
O4 NAG HB . 1.03 -44.14 -13.10
O5 NAG HB . -1.85 -42.29 -14.63
O6 NAG HB . -2.28 -43.20 -11.95
O7 NAG HB . 1.06 -41.57 -17.91
C1 NAG IB . -26.03 -16.45 13.28
C2 NAG IB . -25.33 -17.73 13.90
C3 NAG IB . -25.68 -18.99 13.02
C4 NAG IB . -27.23 -19.18 12.97
C5 NAG IB . -27.88 -17.87 12.40
C6 NAG IB . -29.42 -17.92 12.40
C7 NAG IB . -23.16 -17.24 15.01
C8 NAG IB . -21.68 -17.02 14.92
N2 NAG IB . -23.86 -17.51 13.89
O3 NAG IB . -25.07 -20.16 13.58
O4 NAG IB . -27.55 -20.29 12.15
O5 NAG IB . -27.49 -16.69 13.22
O6 NAG IB . -29.96 -18.07 13.71
O7 NAG IB . -23.73 -17.17 16.11
C1 NAG JB . -44.14 -15.91 4.32
C2 NAG JB . -45.32 -16.94 4.59
C3 NAG JB . -44.74 -18.12 5.46
C4 NAG JB . -43.54 -18.80 4.72
C5 NAG JB . -42.43 -17.72 4.46
C6 NAG JB . -41.23 -18.24 3.64
C7 NAG JB . -47.46 -15.67 4.74
C8 NAG JB . -48.48 -14.95 5.56
N2 NAG JB . -46.39 -16.23 5.33
O3 NAG JB . -45.79 -19.09 5.68
O4 NAG JB . -43.01 -19.84 5.54
O5 NAG JB . -43.02 -16.61 3.66
O6 NAG JB . -40.21 -17.25 3.52
O7 NAG JB . -47.61 -15.72 3.51
C1 NAG KB . 18.29 -35.89 -30.72
C2 NAG KB . 19.51 -34.95 -31.10
C3 NAG KB . 19.86 -35.14 -32.61
C4 NAG KB . 20.20 -36.65 -32.87
C5 NAG KB . 18.98 -37.56 -32.44
C6 NAG KB . 19.27 -39.06 -32.55
C7 NAG KB . 19.95 -32.67 -30.17
C8 NAG KB . 19.45 -31.30 -29.80
N2 NAG KB . 19.12 -33.55 -30.74
O3 NAG KB . 20.99 -34.33 -32.97
O4 NAG KB . 20.47 -36.84 -34.26
O5 NAG KB . 18.66 -37.29 -31.00
O6 NAG KB . 18.12 -39.84 -32.26
O7 NAG KB . 21.13 -32.99 -29.91
C1 NAG LB . 4.99 -31.45 -30.58
C2 NAG LB . 4.63 -32.72 -31.48
C3 NAG LB . 4.69 -32.30 -32.99
C4 NAG LB . 3.71 -31.12 -33.26
C5 NAG LB . 4.09 -29.91 -32.33
C6 NAG LB . 3.15 -28.71 -32.47
C7 NAG LB . 5.31 -34.90 -30.48
C8 NAG LB . 6.37 -35.94 -30.24
N2 NAG LB . 5.61 -33.80 -31.20
O3 NAG LB . 4.32 -33.42 -33.80
O4 NAG LB . 3.80 -30.72 -34.63
O5 NAG LB . 4.05 -30.36 -30.90
O6 NAG LB . 3.42 -27.94 -33.63
O7 NAG LB . 4.19 -35.07 -29.99
C1 NAG MB . -14.23 -34.97 -29.25
C2 NAG MB . -13.88 -34.52 -30.73
C3 NAG MB . -14.74 -35.36 -31.73
C4 NAG MB . -14.47 -36.89 -31.52
C5 NAG MB . -14.82 -37.27 -30.03
C6 NAG MB . -14.49 -38.73 -29.70
C7 NAG MB . -13.29 -32.10 -30.87
C8 NAG MB . -13.70 -30.67 -31.01
N2 NAG MB . -14.21 -33.07 -30.88
O3 NAG MB . -14.40 -34.99 -33.07
O4 NAG MB . -15.29 -37.66 -32.41
O5 NAG MB . -14.02 -36.43 -29.10
O6 NAG MB . -14.85 -39.08 -28.37
O7 NAG MB . -12.08 -32.33 -30.77
C1 NAG NB . -28.06 -40.39 -24.86
C2 NAG NB . -29.10 -41.36 -24.09
C3 NAG NB . -28.78 -42.84 -24.60
C4 NAG NB . -28.89 -42.95 -26.16
C5 NAG NB . -27.88 -41.94 -26.80
C6 NAG NB . -27.96 -41.91 -28.33
C7 NAG NB . -29.52 -41.74 -21.63
C8 NAG NB . -29.06 -41.50 -20.21
N2 NAG NB . -28.81 -41.23 -22.64
O3 NAG NB . -29.71 -43.80 -24.05
O4 NAG NB . -28.58 -44.28 -26.58
O5 NAG NB . -28.18 -40.57 -26.31
O6 NAG NB . -26.89 -41.15 -28.90
O7 NAG NB . -30.53 -42.43 -21.81
C1 NAG OB . -11.56 -52.81 -21.60
C2 NAG OB . -11.64 -52.71 -23.18
C3 NAG OB . -10.20 -52.42 -23.74
C4 NAG OB . -9.66 -51.09 -23.11
C5 NAG OB . -9.64 -51.23 -21.54
C6 NAG OB . -9.19 -49.96 -20.81
C7 NAG OB . -13.04 -54.11 -24.70
C8 NAG OB . -13.52 -55.46 -25.14
N2 NAG OB . -12.16 -54.00 -23.69
O3 NAG OB . -10.25 -52.28 -25.18
O4 NAG OB . -8.33 -50.84 -23.59
O5 NAG OB . -11.00 -51.55 -21.05
O6 NAG OB . -8.82 -50.23 -19.45
O7 NAG OB . -13.48 -53.10 -25.28
C1 NAG PB . -34.74 -38.23 -12.70
C2 NAG PB . -35.68 -36.94 -12.73
C3 NAG PB . -37.11 -37.36 -12.26
C4 NAG PB . -37.66 -38.48 -13.21
C5 NAG PB . -36.69 -39.70 -13.19
C6 NAG PB . -37.08 -40.81 -14.17
C7 NAG PB . -34.97 -34.61 -12.18
C8 NAG PB . -34.34 -33.64 -11.22
N2 NAG PB . -35.09 -35.90 -11.84
O3 NAG PB . -37.99 -36.21 -12.32
O4 NAG PB . -38.97 -38.89 -12.77
O5 NAG PB . -35.32 -39.26 -13.58
O6 NAG PB . -37.14 -40.35 -15.53
O7 NAG PB . -35.37 -34.19 -13.29
C1 NAG QB . 25.00 -39.53 -3.86
C2 NAG QB . 23.83 -38.81 -3.18
C3 NAG QB . 22.72 -39.81 -2.89
C4 NAG QB . 22.32 -40.54 -4.17
C5 NAG QB . 23.55 -41.18 -4.80
C6 NAG QB . 23.25 -41.83 -6.14
C7 NAG QB . 24.57 -36.83 -1.94
C8 NAG QB . 25.93 -36.53 -1.38
N2 NAG QB . 24.23 -38.13 -1.97
O3 NAG QB . 21.61 -39.15 -2.31
O4 NAG QB . 21.35 -41.54 -3.86
O5 NAG QB . 24.57 -40.21 -5.03
O6 NAG QB . 23.53 -43.22 -6.12
O7 NAG QB . 23.83 -35.96 -2.36
C1 NAG RB . 35.81 -46.63 -23.31
C2 NAG RB . 37.13 -46.33 -24.14
C3 NAG RB . 37.89 -47.69 -24.40
C4 NAG RB . 38.22 -48.37 -23.01
C5 NAG RB . 36.89 -48.60 -22.21
C6 NAG RB . 37.12 -49.19 -20.81
C7 NAG RB . 36.98 -44.39 -25.70
C8 NAG RB . 36.51 -43.81 -27.00
N2 NAG RB . 36.73 -45.68 -25.42
O3 NAG RB . 39.11 -47.44 -25.14
O4 NAG RB . 38.88 -49.61 -23.25
O5 NAG RB . 36.17 -47.30 -22.03
O6 NAG RB . 35.90 -49.63 -20.22
O7 NAG RB . 37.57 -43.63 -24.90
C1 NAG SB . 39.19 -38.61 -4.16
C2 NAG SB . 38.16 -39.56 -3.55
C3 NAG SB . 38.59 -39.93 -2.13
C4 NAG SB . 40.00 -40.50 -2.15
C5 NAG SB . 40.96 -39.51 -2.81
C6 NAG SB . 42.36 -40.05 -2.97
C7 NAG SB . 35.73 -39.72 -3.31
C8 NAG SB . 34.44 -39.10 -3.74
N2 NAG SB . 36.82 -39.00 -3.54
O3 NAG SB . 37.67 -40.84 -1.57
O4 NAG SB . 40.43 -40.73 -0.81
O5 NAG SB . 40.50 -39.18 -4.14
O6 NAG SB . 43.30 -39.01 -3.20
O7 NAG SB . 35.78 -40.82 -2.77
#